data_2FFQ
# 
_entry.id   2FFQ 
# 
_audit_conform.dict_name       mmcif_pdbx.dic 
_audit_conform.dict_version    5.387 
_audit_conform.dict_location   http://mmcif.pdb.org/dictionaries/ascii/mmcif_pdbx.dic 
# 
loop_
_database_2.database_id 
_database_2.database_code 
_database_2.pdbx_database_accession 
_database_2.pdbx_DOI 
PDB   2FFQ         pdb_00002ffq 10.2210/pdb2ffq/pdb 
RCSB  RCSB035824   ?            ?                   
WWPDB D_1000035824 ?            ?                   
# 
loop_
_pdbx_audit_revision_history.ordinal 
_pdbx_audit_revision_history.data_content_type 
_pdbx_audit_revision_history.major_revision 
_pdbx_audit_revision_history.minor_revision 
_pdbx_audit_revision_history.revision_date 
1 'Structure model' 1 0 2006-07-04 
2 'Structure model' 1 1 2008-05-01 
3 'Structure model' 1 2 2011-07-13 
4 'Structure model' 1 3 2024-02-14 
# 
_pdbx_audit_revision_details.ordinal             1 
_pdbx_audit_revision_details.revision_ordinal    1 
_pdbx_audit_revision_details.data_content_type   'Structure model' 
_pdbx_audit_revision_details.provider            repository 
_pdbx_audit_revision_details.type                'Initial release' 
_pdbx_audit_revision_details.description         ? 
_pdbx_audit_revision_details.details             ? 
# 
loop_
_pdbx_audit_revision_group.ordinal 
_pdbx_audit_revision_group.revision_ordinal 
_pdbx_audit_revision_group.data_content_type 
_pdbx_audit_revision_group.group 
1 2 'Structure model' 'Version format compliance' 
2 3 'Structure model' 'Version format compliance' 
3 4 'Structure model' 'Data collection'           
4 4 'Structure model' 'Database references'       
5 4 'Structure model' 'Derived calculations'      
# 
loop_
_pdbx_audit_revision_category.ordinal 
_pdbx_audit_revision_category.revision_ordinal 
_pdbx_audit_revision_category.data_content_type 
_pdbx_audit_revision_category.category 
1 4 'Structure model' chem_comp_atom     
2 4 'Structure model' chem_comp_bond     
3 4 'Structure model' database_2         
4 4 'Structure model' struct_conn        
5 4 'Structure model' struct_ref_seq_dif 
6 4 'Structure model' struct_site        
# 
loop_
_pdbx_audit_revision_item.ordinal 
_pdbx_audit_revision_item.revision_ordinal 
_pdbx_audit_revision_item.data_content_type 
_pdbx_audit_revision_item.item 
1  4 'Structure model' '_database_2.pdbx_DOI'                
2  4 'Structure model' '_database_2.pdbx_database_accession' 
3  4 'Structure model' '_struct_conn.ptnr1_auth_comp_id'     
4  4 'Structure model' '_struct_conn.ptnr1_auth_seq_id'      
5  4 'Structure model' '_struct_conn.ptnr1_label_asym_id'    
6  4 'Structure model' '_struct_conn.ptnr1_label_atom_id'    
7  4 'Structure model' '_struct_conn.ptnr1_label_comp_id'    
8  4 'Structure model' '_struct_conn.ptnr1_label_seq_id'     
9  4 'Structure model' '_struct_conn.ptnr2_auth_comp_id'     
10 4 'Structure model' '_struct_conn.ptnr2_auth_seq_id'      
11 4 'Structure model' '_struct_conn.ptnr2_label_asym_id'    
12 4 'Structure model' '_struct_conn.ptnr2_label_atom_id'    
13 4 'Structure model' '_struct_conn.ptnr2_label_comp_id'    
14 4 'Structure model' '_struct_conn.ptnr2_label_seq_id'     
15 4 'Structure model' '_struct_ref_seq_dif.details'         
16 4 'Structure model' '_struct_site.pdbx_auth_asym_id'      
17 4 'Structure model' '_struct_site.pdbx_auth_comp_id'      
18 4 'Structure model' '_struct_site.pdbx_auth_seq_id'       
# 
_pdbx_database_status.status_code                     REL 
_pdbx_database_status.entry_id                        2FFQ 
_pdbx_database_status.recvd_initial_deposition_date   2005-12-20 
_pdbx_database_status.deposit_site                    RCSB 
_pdbx_database_status.process_site                    RCSB 
_pdbx_database_status.status_code_sf                  REL 
_pdbx_database_status.status_code_mr                  ? 
_pdbx_database_status.SG_entry                        ? 
_pdbx_database_status.pdb_format_compatible           Y 
_pdbx_database_status.status_code_cs                  ? 
_pdbx_database_status.status_code_nmr_data            ? 
_pdbx_database_status.methods_development_category    ? 
# 
_pdbx_database_related.db_name        PDB 
_pdbx_database_related.db_id          2FE4 
_pdbx_database_related.details        'Same protein in its inactive GDP-bound form' 
_pdbx_database_related.content_type   unspecified 
# 
loop_
_audit_author.name 
_audit_author.pdbx_ordinal 
'Garcia-Saez, I.' 1 
'Tcherniuk, S.'   2 
'Kozielski, F.'   3 
# 
_citation.id                        primary 
_citation.title                     'The structure of human neuronal Rab6B in the active and inactive form.' 
_citation.journal_abbrev            'Acta Crystallogr.,Sect.D' 
_citation.journal_volume            62 
_citation.page_first                725 
_citation.page_last                 733 
_citation.year                      2006 
_citation.journal_id_ASTM           ABCRE6 
_citation.country                   DK 
_citation.journal_id_ISSN           0907-4449 
_citation.journal_id_CSD            0766 
_citation.book_publisher            ? 
_citation.pdbx_database_id_PubMed   16790928 
_citation.pdbx_database_id_DOI      10.1107/S0907444906015319 
# 
loop_
_citation_author.citation_id 
_citation_author.name 
_citation_author.ordinal 
_citation_author.identifier_ORCID 
primary 'Garcia-Saez, I.' 1 ? 
primary 'Tcherniuk, S.'   2 ? 
primary 'Kozielski, F.'   3 ? 
# 
loop_
_entity.id 
_entity.type 
_entity.src_method 
_entity.pdbx_description 
_entity.formula_weight 
_entity.pdbx_number_of_molecules 
_entity.pdbx_ec 
_entity.pdbx_mutation 
_entity.pdbx_fragment 
_entity.details 
1 polymer     man 'Ras-related protein Rab-6B'                 19793.441 1   3.6.1.- ? ? ? 
2 non-polymer syn 'MAGNESIUM ION'                              24.305    1   ?       ? ? ? 
3 non-polymer syn "5'-GUANOSINE-DIPHOSPHATE-MONOTHIOPHOSPHATE" 539.246   1   ?       ? ? ? 
4 water       nat water                                        18.015    132 ?       ? ? ? 
# 
_entity_name_com.entity_id   1 
_entity_name_com.name        Rab6B 
# 
_entity_poly.entity_id                      1 
_entity_poly.type                           'polypeptide(L)' 
_entity_poly.nstd_linkage                   no 
_entity_poly.nstd_monomer                   no 
_entity_poly.pdbx_seq_one_letter_code       
;GKFKLVFLGEQSVGKTSLITRFMYDSFDNTYQATIGIDFLSKTMYLEDRTVRLQLWDTAGQERFRSLIPSYIRDSTVAVV
VYDITNLNSFQQTSKWIDDVRTERGSDVIIMLVGNKTDLADKRQITIEEGEQRAKELSVMFIETSAKTGYNVKQLFRRVA
SALLEHHHHHH
;
_entity_poly.pdbx_seq_one_letter_code_can   
;GKFKLVFLGEQSVGKTSLITRFMYDSFDNTYQATIGIDFLSKTMYLEDRTVRLQLWDTAGQERFRSLIPSYIRDSTVAVV
VYDITNLNSFQQTSKWIDDVRTERGSDVIIMLVGNKTDLADKRQITIEEGEQRAKELSVMFIETSAKTGYNVKQLFRRVA
SALLEHHHHHH
;
_entity_poly.pdbx_strand_id                 A 
_entity_poly.pdbx_target_identifier         ? 
# 
loop_
_pdbx_entity_nonpoly.entity_id 
_pdbx_entity_nonpoly.name 
_pdbx_entity_nonpoly.comp_id 
2 'MAGNESIUM ION'                              MG  
3 "5'-GUANOSINE-DIPHOSPHATE-MONOTHIOPHOSPHATE" GSP 
4 water                                        HOH 
# 
loop_
_entity_poly_seq.entity_id 
_entity_poly_seq.num 
_entity_poly_seq.mon_id 
_entity_poly_seq.hetero 
1 1   GLY n 
1 2   LYS n 
1 3   PHE n 
1 4   LYS n 
1 5   LEU n 
1 6   VAL n 
1 7   PHE n 
1 8   LEU n 
1 9   GLY n 
1 10  GLU n 
1 11  GLN n 
1 12  SER n 
1 13  VAL n 
1 14  GLY n 
1 15  LYS n 
1 16  THR n 
1 17  SER n 
1 18  LEU n 
1 19  ILE n 
1 20  THR n 
1 21  ARG n 
1 22  PHE n 
1 23  MET n 
1 24  TYR n 
1 25  ASP n 
1 26  SER n 
1 27  PHE n 
1 28  ASP n 
1 29  ASN n 
1 30  THR n 
1 31  TYR n 
1 32  GLN n 
1 33  ALA n 
1 34  THR n 
1 35  ILE n 
1 36  GLY n 
1 37  ILE n 
1 38  ASP n 
1 39  PHE n 
1 40  LEU n 
1 41  SER n 
1 42  LYS n 
1 43  THR n 
1 44  MET n 
1 45  TYR n 
1 46  LEU n 
1 47  GLU n 
1 48  ASP n 
1 49  ARG n 
1 50  THR n 
1 51  VAL n 
1 52  ARG n 
1 53  LEU n 
1 54  GLN n 
1 55  LEU n 
1 56  TRP n 
1 57  ASP n 
1 58  THR n 
1 59  ALA n 
1 60  GLY n 
1 61  GLN n 
1 62  GLU n 
1 63  ARG n 
1 64  PHE n 
1 65  ARG n 
1 66  SER n 
1 67  LEU n 
1 68  ILE n 
1 69  PRO n 
1 70  SER n 
1 71  TYR n 
1 72  ILE n 
1 73  ARG n 
1 74  ASP n 
1 75  SER n 
1 76  THR n 
1 77  VAL n 
1 78  ALA n 
1 79  VAL n 
1 80  VAL n 
1 81  VAL n 
1 82  TYR n 
1 83  ASP n 
1 84  ILE n 
1 85  THR n 
1 86  ASN n 
1 87  LEU n 
1 88  ASN n 
1 89  SER n 
1 90  PHE n 
1 91  GLN n 
1 92  GLN n 
1 93  THR n 
1 94  SER n 
1 95  LYS n 
1 96  TRP n 
1 97  ILE n 
1 98  ASP n 
1 99  ASP n 
1 100 VAL n 
1 101 ARG n 
1 102 THR n 
1 103 GLU n 
1 104 ARG n 
1 105 GLY n 
1 106 SER n 
1 107 ASP n 
1 108 VAL n 
1 109 ILE n 
1 110 ILE n 
1 111 MET n 
1 112 LEU n 
1 113 VAL n 
1 114 GLY n 
1 115 ASN n 
1 116 LYS n 
1 117 THR n 
1 118 ASP n 
1 119 LEU n 
1 120 ALA n 
1 121 ASP n 
1 122 LYS n 
1 123 ARG n 
1 124 GLN n 
1 125 ILE n 
1 126 THR n 
1 127 ILE n 
1 128 GLU n 
1 129 GLU n 
1 130 GLY n 
1 131 GLU n 
1 132 GLN n 
1 133 ARG n 
1 134 ALA n 
1 135 LYS n 
1 136 GLU n 
1 137 LEU n 
1 138 SER n 
1 139 VAL n 
1 140 MET n 
1 141 PHE n 
1 142 ILE n 
1 143 GLU n 
1 144 THR n 
1 145 SER n 
1 146 ALA n 
1 147 LYS n 
1 148 THR n 
1 149 GLY n 
1 150 TYR n 
1 151 ASN n 
1 152 VAL n 
1 153 LYS n 
1 154 GLN n 
1 155 LEU n 
1 156 PHE n 
1 157 ARG n 
1 158 ARG n 
1 159 VAL n 
1 160 ALA n 
1 161 SER n 
1 162 ALA n 
1 163 LEU n 
1 164 LEU n 
1 165 GLU n 
1 166 HIS n 
1 167 HIS n 
1 168 HIS n 
1 169 HIS n 
1 170 HIS n 
1 171 HIS n 
# 
_entity_src_gen.entity_id                          1 
_entity_src_gen.pdbx_src_id                        1 
_entity_src_gen.pdbx_alt_source_flag               sample 
_entity_src_gen.pdbx_seq_type                      ? 
_entity_src_gen.pdbx_beg_seq_num                   ? 
_entity_src_gen.pdbx_end_seq_num                   ? 
_entity_src_gen.gene_src_common_name               human 
_entity_src_gen.gene_src_genus                     Homo 
_entity_src_gen.pdbx_gene_src_gene                 RAB6B 
_entity_src_gen.gene_src_species                   ? 
_entity_src_gen.gene_src_strain                    ? 
_entity_src_gen.gene_src_tissue                    ? 
_entity_src_gen.gene_src_tissue_fraction           ? 
_entity_src_gen.gene_src_details                   ? 
_entity_src_gen.pdbx_gene_src_fragment             ? 
_entity_src_gen.pdbx_gene_src_scientific_name      'Homo sapiens' 
_entity_src_gen.pdbx_gene_src_ncbi_taxonomy_id     9606 
_entity_src_gen.pdbx_gene_src_variant              ? 
_entity_src_gen.pdbx_gene_src_cell_line            ? 
_entity_src_gen.pdbx_gene_src_atcc                 ? 
_entity_src_gen.pdbx_gene_src_organ                ? 
_entity_src_gen.pdbx_gene_src_organelle            ? 
_entity_src_gen.pdbx_gene_src_cell                 ? 
_entity_src_gen.pdbx_gene_src_cellular_location    ? 
_entity_src_gen.host_org_common_name               ? 
_entity_src_gen.pdbx_host_org_scientific_name      'Escherichia coli BL21(DE3)' 
_entity_src_gen.pdbx_host_org_ncbi_taxonomy_id     469008 
_entity_src_gen.host_org_genus                     Escherichia 
_entity_src_gen.pdbx_host_org_gene                 ? 
_entity_src_gen.pdbx_host_org_organ                ? 
_entity_src_gen.host_org_species                   'Escherichia coli' 
_entity_src_gen.pdbx_host_org_tissue               ? 
_entity_src_gen.pdbx_host_org_tissue_fraction      ? 
_entity_src_gen.pdbx_host_org_strain               'BL21(DE3)' 
_entity_src_gen.pdbx_host_org_variant              ? 
_entity_src_gen.pdbx_host_org_cell_line            ? 
_entity_src_gen.pdbx_host_org_atcc                 ? 
_entity_src_gen.pdbx_host_org_culture_collection   ? 
_entity_src_gen.pdbx_host_org_cell                 ? 
_entity_src_gen.pdbx_host_org_organelle            ? 
_entity_src_gen.pdbx_host_org_cellular_location    ? 
_entity_src_gen.pdbx_host_org_vector_type          plasmid 
_entity_src_gen.pdbx_host_org_vector               ? 
_entity_src_gen.host_org_details                   ? 
_entity_src_gen.expression_system_id               ? 
_entity_src_gen.plasmid_name                       pET28a 
_entity_src_gen.plasmid_details                    ? 
_entity_src_gen.pdbx_description                   ? 
# 
loop_
_chem_comp.id 
_chem_comp.type 
_chem_comp.mon_nstd_flag 
_chem_comp.name 
_chem_comp.pdbx_synonyms 
_chem_comp.formula 
_chem_comp.formula_weight 
ALA 'L-peptide linking' y ALANINE                                      ? 'C3 H7 N O2'          89.093  
ARG 'L-peptide linking' y ARGININE                                     ? 'C6 H15 N4 O2 1'      175.209 
ASN 'L-peptide linking' y ASPARAGINE                                   ? 'C4 H8 N2 O3'         132.118 
ASP 'L-peptide linking' y 'ASPARTIC ACID'                              ? 'C4 H7 N O4'          133.103 
GLN 'L-peptide linking' y GLUTAMINE                                    ? 'C5 H10 N2 O3'        146.144 
GLU 'L-peptide linking' y 'GLUTAMIC ACID'                              ? 'C5 H9 N O4'          147.129 
GLY 'peptide linking'   y GLYCINE                                      ? 'C2 H5 N O2'          75.067  
GSP non-polymer         . "5'-GUANOSINE-DIPHOSPHATE-MONOTHIOPHOSPHATE" ? 'C10 H16 N5 O13 P3 S' 539.246 
HIS 'L-peptide linking' y HISTIDINE                                    ? 'C6 H10 N3 O2 1'      156.162 
HOH non-polymer         . WATER                                        ? 'H2 O'                18.015  
ILE 'L-peptide linking' y ISOLEUCINE                                   ? 'C6 H13 N O2'         131.173 
LEU 'L-peptide linking' y LEUCINE                                      ? 'C6 H13 N O2'         131.173 
LYS 'L-peptide linking' y LYSINE                                       ? 'C6 H15 N2 O2 1'      147.195 
MET 'L-peptide linking' y METHIONINE                                   ? 'C5 H11 N O2 S'       149.211 
MG  non-polymer         . 'MAGNESIUM ION'                              ? 'Mg 2'                24.305  
PHE 'L-peptide linking' y PHENYLALANINE                                ? 'C9 H11 N O2'         165.189 
PRO 'L-peptide linking' y PROLINE                                      ? 'C5 H9 N O2'          115.130 
SER 'L-peptide linking' y SERINE                                       ? 'C3 H7 N O3'          105.093 
THR 'L-peptide linking' y THREONINE                                    ? 'C4 H9 N O3'          119.119 
TRP 'L-peptide linking' y TRYPTOPHAN                                   ? 'C11 H12 N2 O2'       204.225 
TYR 'L-peptide linking' y TYROSINE                                     ? 'C9 H11 N O3'         181.189 
VAL 'L-peptide linking' y VALINE                                       ? 'C5 H11 N O2'         117.146 
# 
loop_
_pdbx_poly_seq_scheme.asym_id 
_pdbx_poly_seq_scheme.entity_id 
_pdbx_poly_seq_scheme.seq_id 
_pdbx_poly_seq_scheme.mon_id 
_pdbx_poly_seq_scheme.ndb_seq_num 
_pdbx_poly_seq_scheme.pdb_seq_num 
_pdbx_poly_seq_scheme.auth_seq_num 
_pdbx_poly_seq_scheme.pdb_mon_id 
_pdbx_poly_seq_scheme.auth_mon_id 
_pdbx_poly_seq_scheme.pdb_strand_id 
_pdbx_poly_seq_scheme.pdb_ins_code 
_pdbx_poly_seq_scheme.hetero 
A 1 1   GLY 1   12  ?   ?   ?   A . n 
A 1 2   LYS 2   13  13  LYS LYS A . n 
A 1 3   PHE 3   14  14  PHE PHE A . n 
A 1 4   LYS 4   15  15  LYS LYS A . n 
A 1 5   LEU 5   16  16  LEU LEU A . n 
A 1 6   VAL 6   17  17  VAL VAL A . n 
A 1 7   PHE 7   18  18  PHE PHE A . n 
A 1 8   LEU 8   19  19  LEU LEU A . n 
A 1 9   GLY 9   20  20  GLY GLY A . n 
A 1 10  GLU 10  21  21  GLU GLU A . n 
A 1 11  GLN 11  22  22  GLN GLN A . n 
A 1 12  SER 12  23  23  SER SER A . n 
A 1 13  VAL 13  24  24  VAL VAL A . n 
A 1 14  GLY 14  25  25  GLY GLY A . n 
A 1 15  LYS 15  26  26  LYS LYS A . n 
A 1 16  THR 16  27  27  THR THR A . n 
A 1 17  SER 17  28  28  SER SER A . n 
A 1 18  LEU 18  29  29  LEU LEU A . n 
A 1 19  ILE 19  30  30  ILE ILE A . n 
A 1 20  THR 20  31  31  THR THR A . n 
A 1 21  ARG 21  32  32  ARG ARG A . n 
A 1 22  PHE 22  33  33  PHE PHE A . n 
A 1 23  MET 23  34  34  MET MET A . n 
A 1 24  TYR 24  35  35  TYR TYR A . n 
A 1 25  ASP 25  36  36  ASP ASP A . n 
A 1 26  SER 26  37  37  SER SER A . n 
A 1 27  PHE 27  38  38  PHE PHE A . n 
A 1 28  ASP 28  39  39  ASP ASP A . n 
A 1 29  ASN 29  40  40  ASN ASN A . n 
A 1 30  THR 30  41  41  THR THR A . n 
A 1 31  TYR 31  42  42  TYR TYR A . n 
A 1 32  GLN 32  43  43  GLN GLN A . n 
A 1 33  ALA 33  44  44  ALA ALA A . n 
A 1 34  THR 34  45  45  THR THR A . n 
A 1 35  ILE 35  46  46  ILE ILE A . n 
A 1 36  GLY 36  47  47  GLY GLY A . n 
A 1 37  ILE 37  48  48  ILE ILE A . n 
A 1 38  ASP 38  49  49  ASP ASP A . n 
A 1 39  PHE 39  50  50  PHE PHE A . n 
A 1 40  LEU 40  51  51  LEU LEU A . n 
A 1 41  SER 41  52  52  SER SER A . n 
A 1 42  LYS 42  53  53  LYS LYS A . n 
A 1 43  THR 43  54  54  THR THR A . n 
A 1 44  MET 44  55  55  MET MET A . n 
A 1 45  TYR 45  56  56  TYR TYR A . n 
A 1 46  LEU 46  57  57  LEU LEU A . n 
A 1 47  GLU 47  58  58  GLU GLU A . n 
A 1 48  ASP 48  59  59  ASP ASP A . n 
A 1 49  ARG 49  60  60  ARG ARG A . n 
A 1 50  THR 50  61  61  THR THR A . n 
A 1 51  VAL 51  62  62  VAL VAL A . n 
A 1 52  ARG 52  63  63  ARG ARG A . n 
A 1 53  LEU 53  64  64  LEU LEU A . n 
A 1 54  GLN 54  65  65  GLN GLN A . n 
A 1 55  LEU 55  66  66  LEU LEU A . n 
A 1 56  TRP 56  67  67  TRP TRP A . n 
A 1 57  ASP 57  68  68  ASP ASP A . n 
A 1 58  THR 58  69  69  THR THR A . n 
A 1 59  ALA 59  70  70  ALA ALA A . n 
A 1 60  GLY 60  71  71  GLY GLY A . n 
A 1 61  GLN 61  72  72  GLN GLN A . n 
A 1 62  GLU 62  73  73  GLU GLU A . n 
A 1 63  ARG 63  74  74  ARG ARG A . n 
A 1 64  PHE 64  75  75  PHE PHE A . n 
A 1 65  ARG 65  76  76  ARG ARG A . n 
A 1 66  SER 66  77  77  SER SER A . n 
A 1 67  LEU 67  78  78  LEU LEU A . n 
A 1 68  ILE 68  79  79  ILE ILE A . n 
A 1 69  PRO 69  80  80  PRO PRO A . n 
A 1 70  SER 70  81  81  SER SER A . n 
A 1 71  TYR 71  82  82  TYR TYR A . n 
A 1 72  ILE 72  83  83  ILE ILE A . n 
A 1 73  ARG 73  84  84  ARG ARG A . n 
A 1 74  ASP 74  85  85  ASP ASP A . n 
A 1 75  SER 75  86  86  SER SER A . n 
A 1 76  THR 76  87  87  THR THR A . n 
A 1 77  VAL 77  88  88  VAL VAL A . n 
A 1 78  ALA 78  89  89  ALA ALA A . n 
A 1 79  VAL 79  90  90  VAL VAL A . n 
A 1 80  VAL 80  91  91  VAL VAL A . n 
A 1 81  VAL 81  92  92  VAL VAL A . n 
A 1 82  TYR 82  93  93  TYR TYR A . n 
A 1 83  ASP 83  94  94  ASP ASP A . n 
A 1 84  ILE 84  95  95  ILE ILE A . n 
A 1 85  THR 85  96  96  THR THR A . n 
A 1 86  ASN 86  97  97  ASN ASN A . n 
A 1 87  LEU 87  98  98  LEU LEU A . n 
A 1 88  ASN 88  99  99  ASN ASN A . n 
A 1 89  SER 89  100 100 SER SER A . n 
A 1 90  PHE 90  101 101 PHE PHE A . n 
A 1 91  GLN 91  102 102 GLN GLN A . n 
A 1 92  GLN 92  103 103 GLN GLN A . n 
A 1 93  THR 93  104 104 THR THR A . n 
A 1 94  SER 94  105 105 SER SER A . n 
A 1 95  LYS 95  106 106 LYS LYS A . n 
A 1 96  TRP 96  107 107 TRP TRP A . n 
A 1 97  ILE 97  108 108 ILE ILE A . n 
A 1 98  ASP 98  109 109 ASP ASP A . n 
A 1 99  ASP 99  110 110 ASP ASP A . n 
A 1 100 VAL 100 111 111 VAL VAL A . n 
A 1 101 ARG 101 112 112 ARG ARG A . n 
A 1 102 THR 102 113 113 THR THR A . n 
A 1 103 GLU 103 114 114 GLU GLU A . n 
A 1 104 ARG 104 115 115 ARG ARG A . n 
A 1 105 GLY 105 116 116 GLY GLY A . n 
A 1 106 SER 106 117 117 SER SER A . n 
A 1 107 ASP 107 118 118 ASP ASP A . n 
A 1 108 VAL 108 119 119 VAL VAL A . n 
A 1 109 ILE 109 120 120 ILE ILE A . n 
A 1 110 ILE 110 121 121 ILE ILE A . n 
A 1 111 MET 111 122 122 MET MET A . n 
A 1 112 LEU 112 123 123 LEU LEU A . n 
A 1 113 VAL 113 124 124 VAL VAL A . n 
A 1 114 GLY 114 125 125 GLY GLY A . n 
A 1 115 ASN 115 126 126 ASN ASN A . n 
A 1 116 LYS 116 127 127 LYS LYS A . n 
A 1 117 THR 117 128 128 THR THR A . n 
A 1 118 ASP 118 129 129 ASP ASP A . n 
A 1 119 LEU 119 130 130 LEU LEU A . n 
A 1 120 ALA 120 131 131 ALA ALA A . n 
A 1 121 ASP 121 132 132 ASP ASP A . n 
A 1 122 LYS 122 133 133 LYS LYS A . n 
A 1 123 ARG 123 134 134 ARG ARG A . n 
A 1 124 GLN 124 135 135 GLN GLN A . n 
A 1 125 ILE 125 136 136 ILE ILE A . n 
A 1 126 THR 126 137 137 THR THR A . n 
A 1 127 ILE 127 138 138 ILE ILE A . n 
A 1 128 GLU 128 139 139 GLU GLU A . n 
A 1 129 GLU 129 140 140 GLU GLU A . n 
A 1 130 GLY 130 141 141 GLY GLY A . n 
A 1 131 GLU 131 142 142 GLU GLU A . n 
A 1 132 GLN 132 143 143 GLN GLN A . n 
A 1 133 ARG 133 144 144 ARG ARG A . n 
A 1 134 ALA 134 145 145 ALA ALA A . n 
A 1 135 LYS 135 146 146 LYS LYS A . n 
A 1 136 GLU 136 147 147 GLU GLU A . n 
A 1 137 LEU 137 148 148 LEU LEU A . n 
A 1 138 SER 138 149 149 SER SER A . n 
A 1 139 VAL 139 150 150 VAL VAL A . n 
A 1 140 MET 140 151 151 MET MET A . n 
A 1 141 PHE 141 152 152 PHE PHE A . n 
A 1 142 ILE 142 153 153 ILE ILE A . n 
A 1 143 GLU 143 154 154 GLU GLU A . n 
A 1 144 THR 144 155 155 THR THR A . n 
A 1 145 SER 145 156 156 SER SER A . n 
A 1 146 ALA 146 157 157 ALA ALA A . n 
A 1 147 LYS 147 158 158 LYS LYS A . n 
A 1 148 THR 148 159 159 THR THR A . n 
A 1 149 GLY 149 160 160 GLY GLY A . n 
A 1 150 TYR 150 161 161 TYR TYR A . n 
A 1 151 ASN 151 162 162 ASN ASN A . n 
A 1 152 VAL 152 163 163 VAL VAL A . n 
A 1 153 LYS 153 164 164 LYS LYS A . n 
A 1 154 GLN 154 165 165 GLN GLN A . n 
A 1 155 LEU 155 166 166 LEU LEU A . n 
A 1 156 PHE 156 167 167 PHE PHE A . n 
A 1 157 ARG 157 168 168 ARG ARG A . n 
A 1 158 ARG 158 169 169 ARG ARG A . n 
A 1 159 VAL 159 170 170 VAL VAL A . n 
A 1 160 ALA 160 171 171 ALA ALA A . n 
A 1 161 SER 161 172 172 SER SER A . n 
A 1 162 ALA 162 173 173 ALA ALA A . n 
A 1 163 LEU 163 174 174 LEU LEU A . n 
A 1 164 LEU 164 175 175 LEU LEU A . n 
A 1 165 GLU 165 176 176 GLU GLU A . n 
A 1 166 HIS 166 177 ?   ?   ?   A . n 
A 1 167 HIS 167 178 ?   ?   ?   A . n 
A 1 168 HIS 168 179 ?   ?   ?   A . n 
A 1 169 HIS 169 180 ?   ?   ?   A . n 
A 1 170 HIS 170 181 ?   ?   ?   A . n 
A 1 171 HIS 171 182 ?   ?   ?   A . n 
# 
loop_
_pdbx_nonpoly_scheme.asym_id 
_pdbx_nonpoly_scheme.entity_id 
_pdbx_nonpoly_scheme.mon_id 
_pdbx_nonpoly_scheme.ndb_seq_num 
_pdbx_nonpoly_scheme.pdb_seq_num 
_pdbx_nonpoly_scheme.auth_seq_num 
_pdbx_nonpoly_scheme.pdb_mon_id 
_pdbx_nonpoly_scheme.auth_mon_id 
_pdbx_nonpoly_scheme.pdb_strand_id 
_pdbx_nonpoly_scheme.pdb_ins_code 
B 2 MG  1   356 356 MG  MG  A . 
C 3 GSP 1   355 355 GSP GSP A . 
D 4 HOH 1   357 1   HOH WAT A . 
D 4 HOH 2   358 3   HOH WAT A . 
D 4 HOH 3   359 4   HOH WAT A . 
D 4 HOH 4   360 5   HOH WAT A . 
D 4 HOH 5   361 6   HOH WAT A . 
D 4 HOH 6   362 8   HOH WAT A . 
D 4 HOH 7   363 10  HOH WAT A . 
D 4 HOH 8   364 11  HOH WAT A . 
D 4 HOH 9   365 13  HOH WAT A . 
D 4 HOH 10  366 14  HOH WAT A . 
D 4 HOH 11  367 15  HOH WAT A . 
D 4 HOH 12  368 17  HOH WAT A . 
D 4 HOH 13  369 18  HOH WAT A . 
D 4 HOH 14  370 19  HOH WAT A . 
D 4 HOH 15  371 20  HOH WAT A . 
D 4 HOH 16  372 21  HOH WAT A . 
D 4 HOH 17  373 22  HOH WAT A . 
D 4 HOH 18  374 23  HOH WAT A . 
D 4 HOH 19  375 26  HOH WAT A . 
D 4 HOH 20  376 28  HOH WAT A . 
D 4 HOH 21  377 29  HOH WAT A . 
D 4 HOH 22  378 30  HOH WAT A . 
D 4 HOH 23  379 31  HOH WAT A . 
D 4 HOH 24  380 32  HOH WAT A . 
D 4 HOH 25  381 33  HOH WAT A . 
D 4 HOH 26  382 34  HOH WAT A . 
D 4 HOH 27  383 35  HOH WAT A . 
D 4 HOH 28  384 37  HOH WAT A . 
D 4 HOH 29  385 38  HOH WAT A . 
D 4 HOH 30  386 39  HOH WAT A . 
D 4 HOH 31  387 41  HOH WAT A . 
D 4 HOH 32  388 42  HOH WAT A . 
D 4 HOH 33  389 43  HOH WAT A . 
D 4 HOH 34  390 45  HOH WAT A . 
D 4 HOH 35  391 46  HOH WAT A . 
D 4 HOH 36  392 48  HOH WAT A . 
D 4 HOH 37  393 49  HOH WAT A . 
D 4 HOH 38  394 50  HOH WAT A . 
D 4 HOH 39  395 52  HOH WAT A . 
D 4 HOH 40  396 54  HOH WAT A . 
D 4 HOH 41  397 55  HOH WAT A . 
D 4 HOH 42  398 60  HOH WAT A . 
D 4 HOH 43  399 61  HOH WAT A . 
D 4 HOH 44  400 62  HOH WAT A . 
D 4 HOH 45  401 63  HOH WAT A . 
D 4 HOH 46  402 66  HOH WAT A . 
D 4 HOH 47  403 68  HOH WAT A . 
D 4 HOH 48  404 69  HOH WAT A . 
D 4 HOH 49  405 70  HOH WAT A . 
D 4 HOH 50  406 71  HOH WAT A . 
D 4 HOH 51  407 72  HOH WAT A . 
D 4 HOH 52  408 73  HOH WAT A . 
D 4 HOH 53  409 74  HOH WAT A . 
D 4 HOH 54  410 75  HOH WAT A . 
D 4 HOH 55  411 76  HOH WAT A . 
D 4 HOH 56  412 77  HOH WAT A . 
D 4 HOH 57  413 79  HOH WAT A . 
D 4 HOH 58  414 81  HOH WAT A . 
D 4 HOH 59  415 82  HOH WAT A . 
D 4 HOH 60  416 83  HOH WAT A . 
D 4 HOH 61  417 84  HOH WAT A . 
D 4 HOH 62  418 85  HOH WAT A . 
D 4 HOH 63  419 86  HOH WAT A . 
D 4 HOH 64  420 87  HOH WAT A . 
D 4 HOH 65  421 88  HOH WAT A . 
D 4 HOH 66  422 89  HOH WAT A . 
D 4 HOH 67  423 90  HOH WAT A . 
D 4 HOH 68  424 91  HOH WAT A . 
D 4 HOH 69  425 92  HOH WAT A . 
D 4 HOH 70  426 93  HOH WAT A . 
D 4 HOH 71  427 94  HOH WAT A . 
D 4 HOH 72  428 95  HOH WAT A . 
D 4 HOH 73  429 96  HOH WAT A . 
D 4 HOH 74  430 97  HOH WAT A . 
D 4 HOH 75  431 98  HOH WAT A . 
D 4 HOH 76  432 100 HOH WAT A . 
D 4 HOH 77  433 101 HOH WAT A . 
D 4 HOH 78  434 102 HOH WAT A . 
D 4 HOH 79  435 103 HOH WAT A . 
D 4 HOH 80  436 104 HOH WAT A . 
D 4 HOH 81  437 105 HOH WAT A . 
D 4 HOH 82  438 106 HOH WAT A . 
D 4 HOH 83  439 107 HOH WAT A . 
D 4 HOH 84  440 108 HOH WAT A . 
D 4 HOH 85  441 110 HOH WAT A . 
D 4 HOH 86  442 111 HOH WAT A . 
D 4 HOH 87  443 112 HOH WAT A . 
D 4 HOH 88  444 113 HOH WAT A . 
D 4 HOH 89  445 114 HOH WAT A . 
D 4 HOH 90  446 115 HOH WAT A . 
D 4 HOH 91  447 116 HOH WAT A . 
D 4 HOH 92  448 117 HOH WAT A . 
D 4 HOH 93  449 118 HOH WAT A . 
D 4 HOH 94  450 119 HOH WAT A . 
D 4 HOH 95  451 120 HOH WAT A . 
D 4 HOH 96  452 121 HOH WAT A . 
D 4 HOH 97  453 122 HOH WAT A . 
D 4 HOH 98  454 123 HOH WAT A . 
D 4 HOH 99  455 124 HOH WAT A . 
D 4 HOH 100 456 125 HOH WAT A . 
D 4 HOH 101 457 126 HOH WAT A . 
D 4 HOH 102 458 127 HOH WAT A . 
D 4 HOH 103 459 128 HOH WAT A . 
D 4 HOH 104 460 129 HOH WAT A . 
D 4 HOH 105 461 130 HOH WAT A . 
D 4 HOH 106 462 132 HOH WAT A . 
D 4 HOH 107 463 133 HOH WAT A . 
D 4 HOH 108 464 134 HOH WAT A . 
D 4 HOH 109 465 135 HOH WAT A . 
D 4 HOH 110 466 136 HOH WAT A . 
D 4 HOH 111 467 137 HOH WAT A . 
D 4 HOH 112 468 138 HOH WAT A . 
D 4 HOH 113 469 139 HOH WAT A . 
D 4 HOH 114 470 140 HOH WAT A . 
D 4 HOH 115 471 141 HOH WAT A . 
D 4 HOH 116 472 142 HOH WAT A . 
D 4 HOH 117 473 143 HOH WAT A . 
D 4 HOH 118 474 144 HOH WAT A . 
D 4 HOH 119 475 145 HOH WAT A . 
D 4 HOH 120 476 146 HOH WAT A . 
D 4 HOH 121 477 147 HOH WAT A . 
D 4 HOH 122 478 148 HOH WAT A . 
D 4 HOH 123 479 149 HOH WAT A . 
D 4 HOH 124 480 150 HOH WAT A . 
D 4 HOH 125 481 151 HOH WAT A . 
D 4 HOH 126 482 152 HOH WAT A . 
D 4 HOH 127 483 153 HOH WAT A . 
D 4 HOH 128 484 154 HOH WAT A . 
D 4 HOH 129 485 155 HOH WAT A . 
D 4 HOH 130 486 156 HOH WAT A . 
D 4 HOH 131 487 157 HOH WAT A . 
D 4 HOH 132 488 158 HOH WAT A . 
# 
_pdbx_unobs_or_zero_occ_atoms.id               1 
_pdbx_unobs_or_zero_occ_atoms.PDB_model_num    1 
_pdbx_unobs_or_zero_occ_atoms.polymer_flag     Y 
_pdbx_unobs_or_zero_occ_atoms.occupancy_flag   0 
_pdbx_unobs_or_zero_occ_atoms.auth_asym_id     A 
_pdbx_unobs_or_zero_occ_atoms.auth_comp_id     ASN 
_pdbx_unobs_or_zero_occ_atoms.auth_seq_id      40 
_pdbx_unobs_or_zero_occ_atoms.PDB_ins_code     ? 
_pdbx_unobs_or_zero_occ_atoms.auth_atom_id     OD1 
_pdbx_unobs_or_zero_occ_atoms.label_alt_id     ? 
_pdbx_unobs_or_zero_occ_atoms.label_asym_id    A 
_pdbx_unobs_or_zero_occ_atoms.label_comp_id    ASN 
_pdbx_unobs_or_zero_occ_atoms.label_seq_id     29 
_pdbx_unobs_or_zero_occ_atoms.label_atom_id    OD1 
# 
loop_
_software.name 
_software.classification 
_software.version 
_software.citation_id 
_software.pdbx_ordinal 
DENZO 'data reduction' .         ? 1 
SCALA 'data scaling'   .         ? 2 
AMoRE phasing          .         ? 3 
CNS   refinement       1.1       ? 4 
CCP4  'data scaling'   '(SCALA)' ? 5 
# 
_cell.entry_id           2FFQ 
_cell.length_a           35.885 
_cell.length_b           60.983 
_cell.length_c           63.685 
_cell.angle_alpha        90.00 
_cell.angle_beta         90.00 
_cell.angle_gamma        90.00 
_cell.Z_PDB              4 
_cell.pdbx_unique_axis   ? 
_cell.length_a_esd       ? 
_cell.length_b_esd       ? 
_cell.length_c_esd       ? 
_cell.angle_alpha_esd    ? 
_cell.angle_beta_esd     ? 
_cell.angle_gamma_esd    ? 
# 
_symmetry.entry_id                         2FFQ 
_symmetry.space_group_name_H-M             'P 21 21 21' 
_symmetry.pdbx_full_space_group_name_H-M   ? 
_symmetry.cell_setting                     ? 
_symmetry.Int_Tables_number                19 
_symmetry.space_group_name_Hall            ? 
# 
_exptl.entry_id          2FFQ 
_exptl.method            'X-RAY DIFFRACTION' 
_exptl.crystals_number   1 
# 
_exptl_crystal.id                    1 
_exptl_crystal.density_meas          ? 
_exptl_crystal.density_Matthews      1.76 
_exptl_crystal.density_percent_sol   30.12 
_exptl_crystal.description           ? 
_exptl_crystal.F_000                 ? 
_exptl_crystal.preparation           ? 
# 
_exptl_crystal_grow.crystal_id      1 
_exptl_crystal_grow.method          'VAPOR DIFFUSION, HANGING DROP' 
_exptl_crystal_grow.temp            292.15 
_exptl_crystal_grow.temp_details    ? 
_exptl_crystal_grow.pH              6.3 
_exptl_crystal_grow.pdbx_details    
'20% PEG3350, 0.2M ammonium nitrate , pH 6.3, VAPOR DIFFUSION, HANGING DROP, temperature 292.15K' 
_exptl_crystal_grow.pdbx_pH_range   . 
# 
_diffrn.id                     1 
_diffrn.ambient_temp           100 
_diffrn.ambient_temp_details   ? 
_diffrn.crystal_id             1 
# 
_diffrn_detector.diffrn_id              1 
_diffrn_detector.detector               CCD 
_diffrn_detector.type                   MARRESEARCH 
_diffrn_detector.pdbx_collection_date   2005-07-25 
_diffrn_detector.details                ? 
# 
_diffrn_radiation.diffrn_id                        1 
_diffrn_radiation.wavelength_id                    1 
_diffrn_radiation.pdbx_monochromatic_or_laue_m_l   M 
_diffrn_radiation.monochromator                    ? 
_diffrn_radiation.pdbx_diffrn_protocol             'SINGLE WAVELENGTH' 
_diffrn_radiation.pdbx_scattering_type             x-ray 
# 
_diffrn_radiation_wavelength.id           1 
_diffrn_radiation_wavelength.wavelength   0.9797 
_diffrn_radiation_wavelength.wt           1.0 
# 
_diffrn_source.diffrn_id                   1 
_diffrn_source.source                      SYNCHROTRON 
_diffrn_source.type                        'ESRF BEAMLINE BM30A' 
_diffrn_source.pdbx_synchrotron_site       ESRF 
_diffrn_source.pdbx_synchrotron_beamline   BM30A 
_diffrn_source.pdbx_wavelength             ? 
_diffrn_source.pdbx_wavelength_list        0.9797 
# 
_reflns.entry_id                     2FFQ 
_reflns.observed_criterion_sigma_I   1 
_reflns.observed_criterion_sigma_F   2 
_reflns.d_resolution_low             31.8 
_reflns.d_resolution_high            1.78 
_reflns.number_obs                   13846 
_reflns.number_all                   13888 
_reflns.percent_possible_obs         99.4 
_reflns.pdbx_Rmerge_I_obs            0.052 
_reflns.pdbx_Rsym_value              0.048 
_reflns.pdbx_netI_over_sigmaI        11.9 
_reflns.B_iso_Wilson_estimate        ? 
_reflns.pdbx_redundancy              6.5 
_reflns.R_free_details               ? 
_reflns.limit_h_max                  ? 
_reflns.limit_h_min                  ? 
_reflns.limit_k_max                  ? 
_reflns.limit_k_min                  ? 
_reflns.limit_l_max                  ? 
_reflns.limit_l_min                  ? 
_reflns.observed_criterion_F_max     ? 
_reflns.observed_criterion_F_min     ? 
_reflns.pdbx_chi_squared             ? 
_reflns.pdbx_scaling_rejects         ? 
_reflns.pdbx_diffrn_id               1 
_reflns.pdbx_ordinal                 1 
# 
_reflns_shell.d_res_high             1.78 
_reflns_shell.d_res_low              1.88 
_reflns_shell.percent_possible_all   97.8 
_reflns_shell.Rmerge_I_obs           0.228 
_reflns_shell.pdbx_Rsym_value        0.209 
_reflns_shell.meanI_over_sigI_obs    7.5 
_reflns_shell.pdbx_redundancy        6.2 
_reflns_shell.percent_possible_obs   ? 
_reflns_shell.number_unique_all      1944 
_reflns_shell.number_measured_all    ? 
_reflns_shell.number_measured_obs    ? 
_reflns_shell.number_unique_obs      ? 
_reflns_shell.pdbx_chi_squared       ? 
_reflns_shell.pdbx_diffrn_id         ? 
_reflns_shell.pdbx_ordinal           1 
# 
_refine.entry_id                                 2FFQ 
_refine.ls_number_reflns_obs                     13155 
_refine.ls_number_reflns_all                     13561 
_refine.pdbx_ls_sigma_I                          ? 
_refine.pdbx_ls_sigma_F                          2 
_refine.pdbx_data_cutoff_high_absF               ? 
_refine.pdbx_data_cutoff_low_absF                ? 
_refine.pdbx_data_cutoff_high_rms_absF           ? 
_refine.ls_d_res_low                             6.0 
_refine.ls_d_res_high                            1.78 
_refine.ls_percent_reflns_obs                    ? 
_refine.ls_R_factor_obs                          0.188 
_refine.ls_R_factor_all                          0.193 
_refine.ls_R_factor_R_work                       0.191 
_refine.ls_R_factor_R_free                       0.202 
_refine.ls_R_factor_R_free_error                 ? 
_refine.ls_R_factor_R_free_error_details         ? 
_refine.ls_percent_reflns_R_free                 ? 
_refine.ls_number_reflns_R_free                  1326 
_refine.ls_number_parameters                     ? 
_refine.ls_number_restraints                     ? 
_refine.occupancy_min                            ? 
_refine.occupancy_max                            ? 
_refine.correlation_coeff_Fo_to_Fc               ? 
_refine.correlation_coeff_Fo_to_Fc_free          ? 
_refine.B_iso_mean                               ? 
_refine.aniso_B[1][1]                            ? 
_refine.aniso_B[2][2]                            ? 
_refine.aniso_B[3][3]                            ? 
_refine.aniso_B[1][2]                            ? 
_refine.aniso_B[1][3]                            ? 
_refine.aniso_B[2][3]                            ? 
_refine.solvent_model_details                    ? 
_refine.solvent_model_param_ksol                 ? 
_refine.solvent_model_param_bsol                 ? 
_refine.pdbx_solvent_vdw_probe_radii             ? 
_refine.pdbx_solvent_ion_probe_radii             ? 
_refine.pdbx_solvent_shrinkage_radii             ? 
_refine.pdbx_ls_cross_valid_method               ? 
_refine.details                                  ? 
_refine.pdbx_starting_model                      ? 
_refine.pdbx_method_to_determine_struct          'MOLECULAR REPLACEMENT' 
_refine.pdbx_isotropic_thermal_model             ? 
_refine.pdbx_stereochemistry_target_values       'Engh & Huber' 
_refine.pdbx_stereochem_target_val_spec_case     ? 
_refine.pdbx_R_Free_selection_details            RANDOM 
_refine.pdbx_overall_ESU_R                       ? 
_refine.pdbx_overall_ESU_R_Free                  ? 
_refine.overall_SU_ML                            ? 
_refine.overall_SU_B                             ? 
_refine.ls_redundancy_reflns_obs                 ? 
_refine.B_iso_min                                ? 
_refine.B_iso_max                                ? 
_refine.overall_SU_R_Cruickshank_DPI             ? 
_refine.overall_SU_R_free                        ? 
_refine.ls_wR_factor_R_free                      ? 
_refine.ls_wR_factor_R_work                      ? 
_refine.overall_FOM_free_R_set                   ? 
_refine.overall_FOM_work_R_set                   ? 
_refine.pdbx_refine_id                           'X-RAY DIFFRACTION' 
_refine.pdbx_diffrn_id                           1 
_refine.pdbx_TLS_residual_ADP_flag               ? 
_refine.pdbx_overall_phase_error                 ? 
_refine.pdbx_overall_SU_R_free_Cruickshank_DPI   ? 
_refine.pdbx_overall_SU_R_Blow_DPI               ? 
_refine.pdbx_overall_SU_R_free_Blow_DPI          ? 
# 
_refine_analyze.entry_id                        2FFQ 
_refine_analyze.Luzzati_coordinate_error_obs    0.18 
_refine_analyze.Luzzati_sigma_a_obs             0.10 
_refine_analyze.Luzzati_d_res_low_obs           5.0 
_refine_analyze.Luzzati_coordinate_error_free   0.20 
_refine_analyze.Luzzati_sigma_a_free            0.14 
_refine_analyze.Luzzati_d_res_low_free          ? 
_refine_analyze.number_disordered_residues      ? 
_refine_analyze.occupancy_sum_hydrogen          ? 
_refine_analyze.occupancy_sum_non_hydrogen      ? 
_refine_analyze.pdbx_Luzzati_d_res_high_obs     ? 
_refine_analyze.pdbx_refine_id                  'X-RAY DIFFRACTION' 
# 
_refine_hist.pdbx_refine_id                   'X-RAY DIFFRACTION' 
_refine_hist.cycle_id                         LAST 
_refine_hist.pdbx_number_atoms_protein        1344 
_refine_hist.pdbx_number_atoms_nucleic_acid   0 
_refine_hist.pdbx_number_atoms_ligand         33 
_refine_hist.number_atoms_solvent             132 
_refine_hist.number_atoms_total               1509 
_refine_hist.d_res_high                       1.78 
_refine_hist.d_res_low                        6.0 
# 
loop_
_refine_ls_restr.type 
_refine_ls_restr.dev_ideal 
_refine_ls_restr.dev_ideal_target 
_refine_ls_restr.weight 
_refine_ls_restr.number 
_refine_ls_restr.pdbx_refine_id 
_refine_ls_restr.pdbx_restraint_function 
c_bond_d    0.006 ? ? ? 'X-RAY DIFFRACTION' ? 
c_angle_deg 1.3   ? ? ? 'X-RAY DIFFRACTION' ? 
# 
_refine_ls_shell.pdbx_total_number_of_bins_used   ? 
_refine_ls_shell.d_res_high                       1.78 
_refine_ls_shell.d_res_low                        1.89 
_refine_ls_shell.number_reflns_R_work             ? 
_refine_ls_shell.R_factor_R_work                  0.217 
_refine_ls_shell.percent_reflns_obs               90.3 
_refine_ls_shell.R_factor_R_free                  0.259 
_refine_ls_shell.R_factor_R_free_error            0.018 
_refine_ls_shell.percent_reflns_R_free            ? 
_refine_ls_shell.number_reflns_R_free             217 
_refine_ls_shell.number_reflns_all                ? 
_refine_ls_shell.R_factor_all                     ? 
_refine_ls_shell.number_reflns_obs                1838 
_refine_ls_shell.redundancy_reflns_obs            ? 
_refine_ls_shell.pdbx_refine_id                   'X-RAY DIFFRACTION' 
# 
_struct.entry_id                  2FFQ 
_struct.title                     'The crystal structure of human neuronal Rab6B in its active GTPgS-bound form' 
_struct.pdbx_model_details        ? 
_struct.pdbx_CASP_flag            ? 
_struct.pdbx_model_type_details   ? 
# 
_struct_keywords.entry_id        2FFQ 
_struct_keywords.pdbx_keywords   HYDROLASE 
_struct_keywords.text            'protein-nucleotide complex, HYDROLASE' 
# 
loop_
_struct_asym.id 
_struct_asym.pdbx_blank_PDB_chainid_flag 
_struct_asym.pdbx_modified 
_struct_asym.entity_id 
_struct_asym.details 
A N N 1 ? 
B N N 2 ? 
C N N 3 ? 
D N N 4 ? 
# 
_struct_ref.id                         1 
_struct_ref.db_name                    UNP 
_struct_ref.db_code                    RAB6B_HUMAN 
_struct_ref.pdbx_db_accession          Q9NRW1 
_struct_ref.entity_id                  1 
_struct_ref.pdbx_align_begin           13 
_struct_ref.pdbx_db_isoform            ? 
_struct_ref.pdbx_seq_one_letter_code   ? 
# 
_struct_ref_seq.align_id                      1 
_struct_ref_seq.ref_id                        1 
_struct_ref_seq.pdbx_PDB_id_code              2FFQ 
_struct_ref_seq.pdbx_strand_id                A 
_struct_ref_seq.seq_align_beg                 2 
_struct_ref_seq.pdbx_seq_align_beg_ins_code   ? 
_struct_ref_seq.seq_align_end                 163 
_struct_ref_seq.pdbx_seq_align_end_ins_code   ? 
_struct_ref_seq.pdbx_db_accession             Q9NRW1 
_struct_ref_seq.db_align_beg                  13 
_struct_ref_seq.pdbx_db_align_beg_ins_code    ? 
_struct_ref_seq.db_align_end                  174 
_struct_ref_seq.pdbx_db_align_end_ins_code    ? 
_struct_ref_seq.pdbx_auth_seq_align_beg       13 
_struct_ref_seq.pdbx_auth_seq_align_end       174 
# 
loop_
_struct_ref_seq_dif.align_id 
_struct_ref_seq_dif.pdbx_pdb_id_code 
_struct_ref_seq_dif.mon_id 
_struct_ref_seq_dif.pdbx_pdb_strand_id 
_struct_ref_seq_dif.seq_num 
_struct_ref_seq_dif.pdbx_pdb_ins_code 
_struct_ref_seq_dif.pdbx_seq_db_name 
_struct_ref_seq_dif.pdbx_seq_db_accession_code 
_struct_ref_seq_dif.db_mon_id 
_struct_ref_seq_dif.pdbx_seq_db_seq_num 
_struct_ref_seq_dif.details 
_struct_ref_seq_dif.pdbx_auth_seq_num 
_struct_ref_seq_dif.pdbx_ordinal 
1 2FFQ GLY A 1   ? UNP Q9NRW1 ? ? 'cloning artifact' 12  1 
1 2FFQ LEU A 164 ? UNP Q9NRW1 ? ? 'cloning artifact' 175 2 
1 2FFQ GLU A 165 ? UNP Q9NRW1 ? ? 'cloning artifact' 176 3 
1 2FFQ HIS A 166 ? UNP Q9NRW1 ? ? 'expression tag'   177 4 
1 2FFQ HIS A 167 ? UNP Q9NRW1 ? ? 'expression tag'   178 5 
1 2FFQ HIS A 168 ? UNP Q9NRW1 ? ? 'expression tag'   179 6 
1 2FFQ HIS A 169 ? UNP Q9NRW1 ? ? 'expression tag'   180 7 
1 2FFQ HIS A 170 ? UNP Q9NRW1 ? ? 'expression tag'   181 8 
1 2FFQ HIS A 171 ? UNP Q9NRW1 ? ? 'expression tag'   182 9 
# 
_pdbx_struct_assembly.id                   1 
_pdbx_struct_assembly.details              author_defined_assembly 
_pdbx_struct_assembly.method_details       ? 
_pdbx_struct_assembly.oligomeric_details   monomeric 
_pdbx_struct_assembly.oligomeric_count     1 
# 
_pdbx_struct_assembly_gen.assembly_id       1 
_pdbx_struct_assembly_gen.oper_expression   1 
_pdbx_struct_assembly_gen.asym_id_list      A,B,C,D 
# 
_pdbx_struct_oper_list.id                   1 
_pdbx_struct_oper_list.type                 'identity operation' 
_pdbx_struct_oper_list.name                 1_555 
_pdbx_struct_oper_list.symmetry_operation   x,y,z 
_pdbx_struct_oper_list.matrix[1][1]         1.0000000000 
_pdbx_struct_oper_list.matrix[1][2]         0.0000000000 
_pdbx_struct_oper_list.matrix[1][3]         0.0000000000 
_pdbx_struct_oper_list.vector[1]            0.0000000000 
_pdbx_struct_oper_list.matrix[2][1]         0.0000000000 
_pdbx_struct_oper_list.matrix[2][2]         1.0000000000 
_pdbx_struct_oper_list.matrix[2][3]         0.0000000000 
_pdbx_struct_oper_list.vector[2]            0.0000000000 
_pdbx_struct_oper_list.matrix[3][1]         0.0000000000 
_pdbx_struct_oper_list.matrix[3][2]         0.0000000000 
_pdbx_struct_oper_list.matrix[3][3]         1.0000000000 
_pdbx_struct_oper_list.vector[3]            0.0000000000 
# 
loop_
_struct_conf.conf_type_id 
_struct_conf.id 
_struct_conf.pdbx_PDB_helix_id 
_struct_conf.beg_label_comp_id 
_struct_conf.beg_label_asym_id 
_struct_conf.beg_label_seq_id 
_struct_conf.pdbx_beg_PDB_ins_code 
_struct_conf.end_label_comp_id 
_struct_conf.end_label_asym_id 
_struct_conf.end_label_seq_id 
_struct_conf.pdbx_end_PDB_ins_code 
_struct_conf.beg_auth_comp_id 
_struct_conf.beg_auth_asym_id 
_struct_conf.beg_auth_seq_id 
_struct_conf.end_auth_comp_id 
_struct_conf.end_auth_asym_id 
_struct_conf.end_auth_seq_id 
_struct_conf.pdbx_PDB_helix_class 
_struct_conf.details 
_struct_conf.pdbx_PDB_helix_length 
HELX_P HELX_P1 1 GLY A 14  ? ASP A 25  ? GLY A 25  ASP A 36  1 ? 12 
HELX_P HELX_P2 2 GLN A 61  ? LEU A 67  ? GLN A 72  LEU A 78  5 ? 7  
HELX_P HELX_P3 3 ILE A 68  ? SER A 75  ? ILE A 79  SER A 86  1 ? 8  
HELX_P HELX_P4 4 ASN A 86  ? GLN A 92  ? ASN A 97  GLN A 103 1 ? 7  
HELX_P HELX_P5 5 GLN A 92  ? GLY A 105 ? GLN A 103 GLY A 116 1 ? 14 
HELX_P HELX_P6 6 LEU A 119 ? ARG A 123 ? LEU A 130 ARG A 134 5 ? 5  
HELX_P HELX_P7 7 THR A 126 ? LEU A 137 ? THR A 137 LEU A 148 1 ? 12 
HELX_P HELX_P8 8 ASN A 151 ? GLU A 165 ? ASN A 162 GLU A 176 1 ? 15 
# 
_struct_conf_type.id          HELX_P 
_struct_conf_type.criteria    ? 
_struct_conf_type.reference   ? 
# 
loop_
_struct_conn.id 
_struct_conn.conn_type_id 
_struct_conn.pdbx_leaving_atom_flag 
_struct_conn.pdbx_PDB_id 
_struct_conn.ptnr1_label_asym_id 
_struct_conn.ptnr1_label_comp_id 
_struct_conn.ptnr1_label_seq_id 
_struct_conn.ptnr1_label_atom_id 
_struct_conn.pdbx_ptnr1_label_alt_id 
_struct_conn.pdbx_ptnr1_PDB_ins_code 
_struct_conn.pdbx_ptnr1_standard_comp_id 
_struct_conn.ptnr1_symmetry 
_struct_conn.ptnr2_label_asym_id 
_struct_conn.ptnr2_label_comp_id 
_struct_conn.ptnr2_label_seq_id 
_struct_conn.ptnr2_label_atom_id 
_struct_conn.pdbx_ptnr2_label_alt_id 
_struct_conn.pdbx_ptnr2_PDB_ins_code 
_struct_conn.ptnr1_auth_asym_id 
_struct_conn.ptnr1_auth_comp_id 
_struct_conn.ptnr1_auth_seq_id 
_struct_conn.ptnr2_auth_asym_id 
_struct_conn.ptnr2_auth_comp_id 
_struct_conn.ptnr2_auth_seq_id 
_struct_conn.ptnr2_symmetry 
_struct_conn.pdbx_ptnr3_label_atom_id 
_struct_conn.pdbx_ptnr3_label_seq_id 
_struct_conn.pdbx_ptnr3_label_comp_id 
_struct_conn.pdbx_ptnr3_label_asym_id 
_struct_conn.pdbx_ptnr3_label_alt_id 
_struct_conn.pdbx_ptnr3_PDB_ins_code 
_struct_conn.details 
_struct_conn.pdbx_dist_value 
_struct_conn.pdbx_value_order 
_struct_conn.pdbx_role 
metalc1 metalc ? ? A THR 16 OG1 ? ? ? 1_555 B MG  . MG ? ? A THR 27  A MG  356 1_555 ? ? ? ? ? ? ? 2.081 ? ? 
metalc2 metalc ? ? A THR 34 OG1 ? ? ? 1_555 B MG  . MG ? ? A THR 45  A MG  356 1_555 ? ? ? ? ? ? ? 2.226 ? ? 
metalc3 metalc ? ? C GSP .  O2G ? ? ? 1_555 B MG  . MG ? ? A GSP 355 A MG  356 1_555 ? ? ? ? ? ? ? 2.133 ? ? 
metalc4 metalc ? ? C GSP .  O2B ? ? ? 1_555 B MG  . MG ? ? A GSP 355 A MG  356 1_555 ? ? ? ? ? ? ? 2.293 ? ? 
metalc5 metalc ? ? B MG  .  MG  ? ? ? 1_555 D HOH . O  ? ? A MG  356 A HOH 357 1_555 ? ? ? ? ? ? ? 2.334 ? ? 
metalc6 metalc ? ? B MG  .  MG  ? ? ? 1_555 D HOH . O  ? ? A MG  356 A HOH 358 1_555 ? ? ? ? ? ? ? 2.349 ? ? 
# 
_struct_conn_type.id          metalc 
_struct_conn_type.criteria    ? 
_struct_conn_type.reference   ? 
# 
loop_
_pdbx_struct_conn_angle.id 
_pdbx_struct_conn_angle.ptnr1_label_atom_id 
_pdbx_struct_conn_angle.ptnr1_label_alt_id 
_pdbx_struct_conn_angle.ptnr1_label_asym_id 
_pdbx_struct_conn_angle.ptnr1_label_comp_id 
_pdbx_struct_conn_angle.ptnr1_label_seq_id 
_pdbx_struct_conn_angle.ptnr1_auth_atom_id 
_pdbx_struct_conn_angle.ptnr1_auth_asym_id 
_pdbx_struct_conn_angle.ptnr1_auth_comp_id 
_pdbx_struct_conn_angle.ptnr1_auth_seq_id 
_pdbx_struct_conn_angle.ptnr1_PDB_ins_code 
_pdbx_struct_conn_angle.ptnr1_symmetry 
_pdbx_struct_conn_angle.ptnr2_label_atom_id 
_pdbx_struct_conn_angle.ptnr2_label_alt_id 
_pdbx_struct_conn_angle.ptnr2_label_asym_id 
_pdbx_struct_conn_angle.ptnr2_label_comp_id 
_pdbx_struct_conn_angle.ptnr2_label_seq_id 
_pdbx_struct_conn_angle.ptnr2_auth_atom_id 
_pdbx_struct_conn_angle.ptnr2_auth_asym_id 
_pdbx_struct_conn_angle.ptnr2_auth_comp_id 
_pdbx_struct_conn_angle.ptnr2_auth_seq_id 
_pdbx_struct_conn_angle.ptnr2_PDB_ins_code 
_pdbx_struct_conn_angle.ptnr2_symmetry 
_pdbx_struct_conn_angle.ptnr3_label_atom_id 
_pdbx_struct_conn_angle.ptnr3_label_alt_id 
_pdbx_struct_conn_angle.ptnr3_label_asym_id 
_pdbx_struct_conn_angle.ptnr3_label_comp_id 
_pdbx_struct_conn_angle.ptnr3_label_seq_id 
_pdbx_struct_conn_angle.ptnr3_auth_atom_id 
_pdbx_struct_conn_angle.ptnr3_auth_asym_id 
_pdbx_struct_conn_angle.ptnr3_auth_comp_id 
_pdbx_struct_conn_angle.ptnr3_auth_seq_id 
_pdbx_struct_conn_angle.ptnr3_PDB_ins_code 
_pdbx_struct_conn_angle.ptnr3_symmetry 
_pdbx_struct_conn_angle.value 
_pdbx_struct_conn_angle.value_esd 
1  OG1 ? A THR 16 ? A THR 27  ? 1_555 MG ? B MG . ? A MG 356 ? 1_555 OG1 ? A THR 34 ? A THR 45  ? 1_555 86.4  ? 
2  OG1 ? A THR 16 ? A THR 27  ? 1_555 MG ? B MG . ? A MG 356 ? 1_555 O2G ? C GSP .  ? A GSP 355 ? 1_555 177.5 ? 
3  OG1 ? A THR 34 ? A THR 45  ? 1_555 MG ? B MG . ? A MG 356 ? 1_555 O2G ? C GSP .  ? A GSP 355 ? 1_555 96.1  ? 
4  OG1 ? A THR 16 ? A THR 27  ? 1_555 MG ? B MG . ? A MG 356 ? 1_555 O2B ? C GSP .  ? A GSP 355 ? 1_555 87.2  ? 
5  OG1 ? A THR 34 ? A THR 45  ? 1_555 MG ? B MG . ? A MG 356 ? 1_555 O2B ? C GSP .  ? A GSP 355 ? 1_555 172.7 ? 
6  O2G ? C GSP .  ? A GSP 355 ? 1_555 MG ? B MG . ? A MG 356 ? 1_555 O2B ? C GSP .  ? A GSP 355 ? 1_555 90.3  ? 
7  OG1 ? A THR 16 ? A THR 27  ? 1_555 MG ? B MG . ? A MG 356 ? 1_555 O   ? D HOH .  ? A HOH 357 ? 1_555 88.0  ? 
8  OG1 ? A THR 34 ? A THR 45  ? 1_555 MG ? B MG . ? A MG 356 ? 1_555 O   ? D HOH .  ? A HOH 357 ? 1_555 92.6  ? 
9  O2G ? C GSP .  ? A GSP 355 ? 1_555 MG ? B MG . ? A MG 356 ? 1_555 O   ? D HOH .  ? A HOH 357 ? 1_555 92.1  ? 
10 O2B ? C GSP .  ? A GSP 355 ? 1_555 MG ? B MG . ? A MG 356 ? 1_555 O   ? D HOH .  ? A HOH 357 ? 1_555 90.6  ? 
11 OG1 ? A THR 16 ? A THR 27  ? 1_555 MG ? B MG . ? A MG 356 ? 1_555 O   ? D HOH .  ? A HOH 358 ? 1_555 89.4  ? 
12 OG1 ? A THR 34 ? A THR 45  ? 1_555 MG ? B MG . ? A MG 356 ? 1_555 O   ? D HOH .  ? A HOH 358 ? 1_555 89.5  ? 
13 O2G ? C GSP .  ? A GSP 355 ? 1_555 MG ? B MG . ? A MG 356 ? 1_555 O   ? D HOH .  ? A HOH 358 ? 1_555 90.4  ? 
14 O2B ? C GSP .  ? A GSP 355 ? 1_555 MG ? B MG . ? A MG 356 ? 1_555 O   ? D HOH .  ? A HOH 358 ? 1_555 87.0  ? 
15 O   ? D HOH .  ? A HOH 357 ? 1_555 MG ? B MG . ? A MG 356 ? 1_555 O   ? D HOH .  ? A HOH 358 ? 1_555 176.5 ? 
# 
_struct_sheet.id               A 
_struct_sheet.type             ? 
_struct_sheet.number_strands   6 
_struct_sheet.details          ? 
# 
loop_
_struct_sheet_order.sheet_id 
_struct_sheet_order.range_id_1 
_struct_sheet_order.range_id_2 
_struct_sheet_order.offset 
_struct_sheet_order.sense 
A 1 2 ? anti-parallel 
A 2 3 ? parallel      
A 3 4 ? parallel      
A 4 5 ? parallel      
A 5 6 ? parallel      
# 
loop_
_struct_sheet_range.sheet_id 
_struct_sheet_range.id 
_struct_sheet_range.beg_label_comp_id 
_struct_sheet_range.beg_label_asym_id 
_struct_sheet_range.beg_label_seq_id 
_struct_sheet_range.pdbx_beg_PDB_ins_code 
_struct_sheet_range.end_label_comp_id 
_struct_sheet_range.end_label_asym_id 
_struct_sheet_range.end_label_seq_id 
_struct_sheet_range.pdbx_end_PDB_ins_code 
_struct_sheet_range.beg_auth_comp_id 
_struct_sheet_range.beg_auth_asym_id 
_struct_sheet_range.beg_auth_seq_id 
_struct_sheet_range.end_auth_comp_id 
_struct_sheet_range.end_auth_asym_id 
_struct_sheet_range.end_auth_seq_id 
A 1 ASP A 38  ? LEU A 46  ? ASP A 49  LEU A 57  
A 2 ARG A 49  ? ASP A 57  ? ARG A 60  ASP A 68  
A 3 LYS A 4   ? LEU A 8   ? LYS A 15  LEU A 19  
A 4 VAL A 77  ? ASP A 83  ? VAL A 88  ASP A 94  
A 5 ILE A 109 ? ASN A 115 ? ILE A 120 ASN A 126 
A 6 MET A 140 ? THR A 144 ? MET A 151 THR A 155 
# 
loop_
_pdbx_struct_sheet_hbond.sheet_id 
_pdbx_struct_sheet_hbond.range_id_1 
_pdbx_struct_sheet_hbond.range_id_2 
_pdbx_struct_sheet_hbond.range_1_label_atom_id 
_pdbx_struct_sheet_hbond.range_1_label_comp_id 
_pdbx_struct_sheet_hbond.range_1_label_asym_id 
_pdbx_struct_sheet_hbond.range_1_label_seq_id 
_pdbx_struct_sheet_hbond.range_1_PDB_ins_code 
_pdbx_struct_sheet_hbond.range_1_auth_atom_id 
_pdbx_struct_sheet_hbond.range_1_auth_comp_id 
_pdbx_struct_sheet_hbond.range_1_auth_asym_id 
_pdbx_struct_sheet_hbond.range_1_auth_seq_id 
_pdbx_struct_sheet_hbond.range_2_label_atom_id 
_pdbx_struct_sheet_hbond.range_2_label_comp_id 
_pdbx_struct_sheet_hbond.range_2_label_asym_id 
_pdbx_struct_sheet_hbond.range_2_label_seq_id 
_pdbx_struct_sheet_hbond.range_2_PDB_ins_code 
_pdbx_struct_sheet_hbond.range_2_auth_atom_id 
_pdbx_struct_sheet_hbond.range_2_auth_comp_id 
_pdbx_struct_sheet_hbond.range_2_auth_asym_id 
_pdbx_struct_sheet_hbond.range_2_auth_seq_id 
A 1 2 N ASP A 38  ? N ASP A 49  O ASP A 57  ? O ASP A 68  
A 2 3 O GLN A 54  ? O GLN A 65  N LEU A 5   ? N LEU A 16  
A 3 4 N LEU A 8   ? N LEU A 19  O VAL A 81  ? O VAL A 92  
A 4 5 N VAL A 80  ? N VAL A 91  O VAL A 113 ? O VAL A 124 
A 5 6 N LEU A 112 ? N LEU A 123 O MET A 140 ? O MET A 151 
# 
loop_
_struct_site.id 
_struct_site.pdbx_evidence_code 
_struct_site.pdbx_auth_asym_id 
_struct_site.pdbx_auth_comp_id 
_struct_site.pdbx_auth_seq_id 
_struct_site.pdbx_auth_ins_code 
_struct_site.pdbx_num_residues 
_struct_site.details 
AC1 Software A MG  356 ? 5  'BINDING SITE FOR RESIDUE MG A 356'  
AC2 Software A GSP 355 ? 24 'BINDING SITE FOR RESIDUE GSP A 355' 
# 
loop_
_struct_site_gen.id 
_struct_site_gen.site_id 
_struct_site_gen.pdbx_num_res 
_struct_site_gen.label_comp_id 
_struct_site_gen.label_asym_id 
_struct_site_gen.label_seq_id 
_struct_site_gen.pdbx_auth_ins_code 
_struct_site_gen.auth_comp_id 
_struct_site_gen.auth_asym_id 
_struct_site_gen.auth_seq_id 
_struct_site_gen.label_atom_id 
_struct_site_gen.label_alt_id 
_struct_site_gen.symmetry 
_struct_site_gen.details 
1  AC1 5  THR A 16  ? THR A 27  . ? 1_555 ? 
2  AC1 5  THR A 34  ? THR A 45  . ? 1_555 ? 
3  AC1 5  GSP C .   ? GSP A 355 . ? 1_555 ? 
4  AC1 5  HOH D .   ? HOH A 357 . ? 1_555 ? 
5  AC1 5  HOH D .   ? HOH A 358 . ? 1_555 ? 
6  AC2 24 GLN A 11  ? GLN A 22  . ? 1_555 ? 
7  AC2 24 SER A 12  ? SER A 23  . ? 1_555 ? 
8  AC2 24 VAL A 13  ? VAL A 24  . ? 1_555 ? 
9  AC2 24 GLY A 14  ? GLY A 25  . ? 1_555 ? 
10 AC2 24 LYS A 15  ? LYS A 26  . ? 1_555 ? 
11 AC2 24 THR A 16  ? THR A 27  . ? 1_555 ? 
12 AC2 24 SER A 17  ? SER A 28  . ? 1_555 ? 
13 AC2 24 PHE A 27  ? PHE A 38  . ? 1_555 ? 
14 AC2 24 ASP A 28  ? ASP A 39  . ? 1_555 ? 
15 AC2 24 ASN A 29  ? ASN A 40  . ? 1_555 ? 
16 AC2 24 TYR A 31  ? TYR A 42  . ? 1_555 ? 
17 AC2 24 THR A 34  ? THR A 45  . ? 1_555 ? 
18 AC2 24 GLY A 60  ? GLY A 71  . ? 1_555 ? 
19 AC2 24 THR A 102 ? THR A 113 . ? 2_565 ? 
20 AC2 24 ASN A 115 ? ASN A 126 . ? 1_555 ? 
21 AC2 24 LYS A 116 ? LYS A 127 . ? 1_555 ? 
22 AC2 24 ASP A 118 ? ASP A 129 . ? 1_555 ? 
23 AC2 24 LEU A 119 ? LEU A 130 . ? 1_555 ? 
24 AC2 24 SER A 145 ? SER A 156 . ? 1_555 ? 
25 AC2 24 ALA A 146 ? ALA A 157 . ? 1_555 ? 
26 AC2 24 LYS A 147 ? LYS A 158 . ? 1_555 ? 
27 AC2 24 MG  B .   ? MG  A 356 . ? 1_555 ? 
28 AC2 24 HOH D .   ? HOH A 357 . ? 1_555 ? 
29 AC2 24 HOH D .   ? HOH A 374 . ? 1_555 ? 
# 
loop_
_pdbx_validate_torsion.id 
_pdbx_validate_torsion.PDB_model_num 
_pdbx_validate_torsion.auth_comp_id 
_pdbx_validate_torsion.auth_asym_id 
_pdbx_validate_torsion.auth_seq_id 
_pdbx_validate_torsion.PDB_ins_code 
_pdbx_validate_torsion.label_alt_id 
_pdbx_validate_torsion.phi 
_pdbx_validate_torsion.psi 
1 1 LEU A 57  ? ? -171.99 145.47 
2 1 LYS A 127 ? ? 78.90   37.39  
# 
loop_
_pdbx_unobs_or_zero_occ_residues.id 
_pdbx_unobs_or_zero_occ_residues.PDB_model_num 
_pdbx_unobs_or_zero_occ_residues.polymer_flag 
_pdbx_unobs_or_zero_occ_residues.occupancy_flag 
_pdbx_unobs_or_zero_occ_residues.auth_asym_id 
_pdbx_unobs_or_zero_occ_residues.auth_comp_id 
_pdbx_unobs_or_zero_occ_residues.auth_seq_id 
_pdbx_unobs_or_zero_occ_residues.PDB_ins_code 
_pdbx_unobs_or_zero_occ_residues.label_asym_id 
_pdbx_unobs_or_zero_occ_residues.label_comp_id 
_pdbx_unobs_or_zero_occ_residues.label_seq_id 
1 1 Y 1 A GLY 12  ? A GLY 1   
2 1 Y 1 A HIS 177 ? A HIS 166 
3 1 Y 1 A HIS 178 ? A HIS 167 
4 1 Y 1 A HIS 179 ? A HIS 168 
5 1 Y 1 A HIS 180 ? A HIS 169 
6 1 Y 1 A HIS 181 ? A HIS 170 
7 1 Y 1 A HIS 182 ? A HIS 171 
# 
loop_
_chem_comp_atom.comp_id 
_chem_comp_atom.atom_id 
_chem_comp_atom.type_symbol 
_chem_comp_atom.pdbx_aromatic_flag 
_chem_comp_atom.pdbx_stereo_config 
_chem_comp_atom.pdbx_ordinal 
ALA N      N  N N 1   
ALA CA     C  N S 2   
ALA C      C  N N 3   
ALA O      O  N N 4   
ALA CB     C  N N 5   
ALA OXT    O  N N 6   
ALA H      H  N N 7   
ALA H2     H  N N 8   
ALA HA     H  N N 9   
ALA HB1    H  N N 10  
ALA HB2    H  N N 11  
ALA HB3    H  N N 12  
ALA HXT    H  N N 13  
ARG N      N  N N 14  
ARG CA     C  N S 15  
ARG C      C  N N 16  
ARG O      O  N N 17  
ARG CB     C  N N 18  
ARG CG     C  N N 19  
ARG CD     C  N N 20  
ARG NE     N  N N 21  
ARG CZ     C  N N 22  
ARG NH1    N  N N 23  
ARG NH2    N  N N 24  
ARG OXT    O  N N 25  
ARG H      H  N N 26  
ARG H2     H  N N 27  
ARG HA     H  N N 28  
ARG HB2    H  N N 29  
ARG HB3    H  N N 30  
ARG HG2    H  N N 31  
ARG HG3    H  N N 32  
ARG HD2    H  N N 33  
ARG HD3    H  N N 34  
ARG HE     H  N N 35  
ARG HH11   H  N N 36  
ARG HH12   H  N N 37  
ARG HH21   H  N N 38  
ARG HH22   H  N N 39  
ARG HXT    H  N N 40  
ASN N      N  N N 41  
ASN CA     C  N S 42  
ASN C      C  N N 43  
ASN O      O  N N 44  
ASN CB     C  N N 45  
ASN CG     C  N N 46  
ASN OD1    O  N N 47  
ASN ND2    N  N N 48  
ASN OXT    O  N N 49  
ASN H      H  N N 50  
ASN H2     H  N N 51  
ASN HA     H  N N 52  
ASN HB2    H  N N 53  
ASN HB3    H  N N 54  
ASN HD21   H  N N 55  
ASN HD22   H  N N 56  
ASN HXT    H  N N 57  
ASP N      N  N N 58  
ASP CA     C  N S 59  
ASP C      C  N N 60  
ASP O      O  N N 61  
ASP CB     C  N N 62  
ASP CG     C  N N 63  
ASP OD1    O  N N 64  
ASP OD2    O  N N 65  
ASP OXT    O  N N 66  
ASP H      H  N N 67  
ASP H2     H  N N 68  
ASP HA     H  N N 69  
ASP HB2    H  N N 70  
ASP HB3    H  N N 71  
ASP HD2    H  N N 72  
ASP HXT    H  N N 73  
GLN N      N  N N 74  
GLN CA     C  N S 75  
GLN C      C  N N 76  
GLN O      O  N N 77  
GLN CB     C  N N 78  
GLN CG     C  N N 79  
GLN CD     C  N N 80  
GLN OE1    O  N N 81  
GLN NE2    N  N N 82  
GLN OXT    O  N N 83  
GLN H      H  N N 84  
GLN H2     H  N N 85  
GLN HA     H  N N 86  
GLN HB2    H  N N 87  
GLN HB3    H  N N 88  
GLN HG2    H  N N 89  
GLN HG3    H  N N 90  
GLN HE21   H  N N 91  
GLN HE22   H  N N 92  
GLN HXT    H  N N 93  
GLU N      N  N N 94  
GLU CA     C  N S 95  
GLU C      C  N N 96  
GLU O      O  N N 97  
GLU CB     C  N N 98  
GLU CG     C  N N 99  
GLU CD     C  N N 100 
GLU OE1    O  N N 101 
GLU OE2    O  N N 102 
GLU OXT    O  N N 103 
GLU H      H  N N 104 
GLU H2     H  N N 105 
GLU HA     H  N N 106 
GLU HB2    H  N N 107 
GLU HB3    H  N N 108 
GLU HG2    H  N N 109 
GLU HG3    H  N N 110 
GLU HE2    H  N N 111 
GLU HXT    H  N N 112 
GLY N      N  N N 113 
GLY CA     C  N N 114 
GLY C      C  N N 115 
GLY O      O  N N 116 
GLY OXT    O  N N 117 
GLY H      H  N N 118 
GLY H2     H  N N 119 
GLY HA2    H  N N 120 
GLY HA3    H  N N 121 
GLY HXT    H  N N 122 
GSP PG     P  N N 123 
GSP O3B    O  N N 124 
GSP S1G    S  N N 125 
GSP O2G    O  N N 126 
GSP O3G    O  N N 127 
GSP PB     P  N S 128 
GSP O1B    O  N N 129 
GSP O2B    O  N N 130 
GSP PA     P  N S 131 
GSP O1A    O  N N 132 
GSP O2A    O  N N 133 
GSP O3A    O  N N 134 
GSP "O5'"  O  N N 135 
GSP "C5'"  C  N N 136 
GSP "C4'"  C  N R 137 
GSP "O4'"  O  N N 138 
GSP "C3'"  C  N S 139 
GSP "O3'"  O  N N 140 
GSP "C2'"  C  N R 141 
GSP "O2'"  O  N N 142 
GSP "C1'"  C  N R 143 
GSP N9     N  Y N 144 
GSP C8     C  Y N 145 
GSP N7     N  Y N 146 
GSP C5     C  Y N 147 
GSP C6     C  N N 148 
GSP O6     O  N N 149 
GSP N1     N  N N 150 
GSP C2     C  N N 151 
GSP N2     N  N N 152 
GSP N3     N  N N 153 
GSP C4     C  Y N 154 
GSP HOG2   H  N N 155 
GSP HOG3   H  N N 156 
GSP HOB2   H  N N 157 
GSP HOA2   H  N N 158 
GSP "H5'1" H  N N 159 
GSP "H5'2" H  N N 160 
GSP "H4'"  H  N N 161 
GSP "H3'"  H  N N 162 
GSP "HO3'" H  N N 163 
GSP "H2'"  H  N N 164 
GSP "HO2'" H  N N 165 
GSP "H1'"  H  N N 166 
GSP H8     H  N N 167 
GSP HN1    H  N N 168 
GSP HN21   H  N N 169 
GSP HN22   H  N N 170 
HIS N      N  N N 171 
HIS CA     C  N S 172 
HIS C      C  N N 173 
HIS O      O  N N 174 
HIS CB     C  N N 175 
HIS CG     C  Y N 176 
HIS ND1    N  Y N 177 
HIS CD2    C  Y N 178 
HIS CE1    C  Y N 179 
HIS NE2    N  Y N 180 
HIS OXT    O  N N 181 
HIS H      H  N N 182 
HIS H2     H  N N 183 
HIS HA     H  N N 184 
HIS HB2    H  N N 185 
HIS HB3    H  N N 186 
HIS HD1    H  N N 187 
HIS HD2    H  N N 188 
HIS HE1    H  N N 189 
HIS HE2    H  N N 190 
HIS HXT    H  N N 191 
HOH O      O  N N 192 
HOH H1     H  N N 193 
HOH H2     H  N N 194 
ILE N      N  N N 195 
ILE CA     C  N S 196 
ILE C      C  N N 197 
ILE O      O  N N 198 
ILE CB     C  N S 199 
ILE CG1    C  N N 200 
ILE CG2    C  N N 201 
ILE CD1    C  N N 202 
ILE OXT    O  N N 203 
ILE H      H  N N 204 
ILE H2     H  N N 205 
ILE HA     H  N N 206 
ILE HB     H  N N 207 
ILE HG12   H  N N 208 
ILE HG13   H  N N 209 
ILE HG21   H  N N 210 
ILE HG22   H  N N 211 
ILE HG23   H  N N 212 
ILE HD11   H  N N 213 
ILE HD12   H  N N 214 
ILE HD13   H  N N 215 
ILE HXT    H  N N 216 
LEU N      N  N N 217 
LEU CA     C  N S 218 
LEU C      C  N N 219 
LEU O      O  N N 220 
LEU CB     C  N N 221 
LEU CG     C  N N 222 
LEU CD1    C  N N 223 
LEU CD2    C  N N 224 
LEU OXT    O  N N 225 
LEU H      H  N N 226 
LEU H2     H  N N 227 
LEU HA     H  N N 228 
LEU HB2    H  N N 229 
LEU HB3    H  N N 230 
LEU HG     H  N N 231 
LEU HD11   H  N N 232 
LEU HD12   H  N N 233 
LEU HD13   H  N N 234 
LEU HD21   H  N N 235 
LEU HD22   H  N N 236 
LEU HD23   H  N N 237 
LEU HXT    H  N N 238 
LYS N      N  N N 239 
LYS CA     C  N S 240 
LYS C      C  N N 241 
LYS O      O  N N 242 
LYS CB     C  N N 243 
LYS CG     C  N N 244 
LYS CD     C  N N 245 
LYS CE     C  N N 246 
LYS NZ     N  N N 247 
LYS OXT    O  N N 248 
LYS H      H  N N 249 
LYS H2     H  N N 250 
LYS HA     H  N N 251 
LYS HB2    H  N N 252 
LYS HB3    H  N N 253 
LYS HG2    H  N N 254 
LYS HG3    H  N N 255 
LYS HD2    H  N N 256 
LYS HD3    H  N N 257 
LYS HE2    H  N N 258 
LYS HE3    H  N N 259 
LYS HZ1    H  N N 260 
LYS HZ2    H  N N 261 
LYS HZ3    H  N N 262 
LYS HXT    H  N N 263 
MET N      N  N N 264 
MET CA     C  N S 265 
MET C      C  N N 266 
MET O      O  N N 267 
MET CB     C  N N 268 
MET CG     C  N N 269 
MET SD     S  N N 270 
MET CE     C  N N 271 
MET OXT    O  N N 272 
MET H      H  N N 273 
MET H2     H  N N 274 
MET HA     H  N N 275 
MET HB2    H  N N 276 
MET HB3    H  N N 277 
MET HG2    H  N N 278 
MET HG3    H  N N 279 
MET HE1    H  N N 280 
MET HE2    H  N N 281 
MET HE3    H  N N 282 
MET HXT    H  N N 283 
MG  MG     MG N N 284 
PHE N      N  N N 285 
PHE CA     C  N S 286 
PHE C      C  N N 287 
PHE O      O  N N 288 
PHE CB     C  N N 289 
PHE CG     C  Y N 290 
PHE CD1    C  Y N 291 
PHE CD2    C  Y N 292 
PHE CE1    C  Y N 293 
PHE CE2    C  Y N 294 
PHE CZ     C  Y N 295 
PHE OXT    O  N N 296 
PHE H      H  N N 297 
PHE H2     H  N N 298 
PHE HA     H  N N 299 
PHE HB2    H  N N 300 
PHE HB3    H  N N 301 
PHE HD1    H  N N 302 
PHE HD2    H  N N 303 
PHE HE1    H  N N 304 
PHE HE2    H  N N 305 
PHE HZ     H  N N 306 
PHE HXT    H  N N 307 
PRO N      N  N N 308 
PRO CA     C  N S 309 
PRO C      C  N N 310 
PRO O      O  N N 311 
PRO CB     C  N N 312 
PRO CG     C  N N 313 
PRO CD     C  N N 314 
PRO OXT    O  N N 315 
PRO H      H  N N 316 
PRO HA     H  N N 317 
PRO HB2    H  N N 318 
PRO HB3    H  N N 319 
PRO HG2    H  N N 320 
PRO HG3    H  N N 321 
PRO HD2    H  N N 322 
PRO HD3    H  N N 323 
PRO HXT    H  N N 324 
SER N      N  N N 325 
SER CA     C  N S 326 
SER C      C  N N 327 
SER O      O  N N 328 
SER CB     C  N N 329 
SER OG     O  N N 330 
SER OXT    O  N N 331 
SER H      H  N N 332 
SER H2     H  N N 333 
SER HA     H  N N 334 
SER HB2    H  N N 335 
SER HB3    H  N N 336 
SER HG     H  N N 337 
SER HXT    H  N N 338 
THR N      N  N N 339 
THR CA     C  N S 340 
THR C      C  N N 341 
THR O      O  N N 342 
THR CB     C  N R 343 
THR OG1    O  N N 344 
THR CG2    C  N N 345 
THR OXT    O  N N 346 
THR H      H  N N 347 
THR H2     H  N N 348 
THR HA     H  N N 349 
THR HB     H  N N 350 
THR HG1    H  N N 351 
THR HG21   H  N N 352 
THR HG22   H  N N 353 
THR HG23   H  N N 354 
THR HXT    H  N N 355 
TRP N      N  N N 356 
TRP CA     C  N S 357 
TRP C      C  N N 358 
TRP O      O  N N 359 
TRP CB     C  N N 360 
TRP CG     C  Y N 361 
TRP CD1    C  Y N 362 
TRP CD2    C  Y N 363 
TRP NE1    N  Y N 364 
TRP CE2    C  Y N 365 
TRP CE3    C  Y N 366 
TRP CZ2    C  Y N 367 
TRP CZ3    C  Y N 368 
TRP CH2    C  Y N 369 
TRP OXT    O  N N 370 
TRP H      H  N N 371 
TRP H2     H  N N 372 
TRP HA     H  N N 373 
TRP HB2    H  N N 374 
TRP HB3    H  N N 375 
TRP HD1    H  N N 376 
TRP HE1    H  N N 377 
TRP HE3    H  N N 378 
TRP HZ2    H  N N 379 
TRP HZ3    H  N N 380 
TRP HH2    H  N N 381 
TRP HXT    H  N N 382 
TYR N      N  N N 383 
TYR CA     C  N S 384 
TYR C      C  N N 385 
TYR O      O  N N 386 
TYR CB     C  N N 387 
TYR CG     C  Y N 388 
TYR CD1    C  Y N 389 
TYR CD2    C  Y N 390 
TYR CE1    C  Y N 391 
TYR CE2    C  Y N 392 
TYR CZ     C  Y N 393 
TYR OH     O  N N 394 
TYR OXT    O  N N 395 
TYR H      H  N N 396 
TYR H2     H  N N 397 
TYR HA     H  N N 398 
TYR HB2    H  N N 399 
TYR HB3    H  N N 400 
TYR HD1    H  N N 401 
TYR HD2    H  N N 402 
TYR HE1    H  N N 403 
TYR HE2    H  N N 404 
TYR HH     H  N N 405 
TYR HXT    H  N N 406 
VAL N      N  N N 407 
VAL CA     C  N S 408 
VAL C      C  N N 409 
VAL O      O  N N 410 
VAL CB     C  N N 411 
VAL CG1    C  N N 412 
VAL CG2    C  N N 413 
VAL OXT    O  N N 414 
VAL H      H  N N 415 
VAL H2     H  N N 416 
VAL HA     H  N N 417 
VAL HB     H  N N 418 
VAL HG11   H  N N 419 
VAL HG12   H  N N 420 
VAL HG13   H  N N 421 
VAL HG21   H  N N 422 
VAL HG22   H  N N 423 
VAL HG23   H  N N 424 
VAL HXT    H  N N 425 
# 
loop_
_chem_comp_bond.comp_id 
_chem_comp_bond.atom_id_1 
_chem_comp_bond.atom_id_2 
_chem_comp_bond.value_order 
_chem_comp_bond.pdbx_aromatic_flag 
_chem_comp_bond.pdbx_stereo_config 
_chem_comp_bond.pdbx_ordinal 
ALA N     CA     sing N N 1   
ALA N     H      sing N N 2   
ALA N     H2     sing N N 3   
ALA CA    C      sing N N 4   
ALA CA    CB     sing N N 5   
ALA CA    HA     sing N N 6   
ALA C     O      doub N N 7   
ALA C     OXT    sing N N 8   
ALA CB    HB1    sing N N 9   
ALA CB    HB2    sing N N 10  
ALA CB    HB3    sing N N 11  
ALA OXT   HXT    sing N N 12  
ARG N     CA     sing N N 13  
ARG N     H      sing N N 14  
ARG N     H2     sing N N 15  
ARG CA    C      sing N N 16  
ARG CA    CB     sing N N 17  
ARG CA    HA     sing N N 18  
ARG C     O      doub N N 19  
ARG C     OXT    sing N N 20  
ARG CB    CG     sing N N 21  
ARG CB    HB2    sing N N 22  
ARG CB    HB3    sing N N 23  
ARG CG    CD     sing N N 24  
ARG CG    HG2    sing N N 25  
ARG CG    HG3    sing N N 26  
ARG CD    NE     sing N N 27  
ARG CD    HD2    sing N N 28  
ARG CD    HD3    sing N N 29  
ARG NE    CZ     sing N N 30  
ARG NE    HE     sing N N 31  
ARG CZ    NH1    sing N N 32  
ARG CZ    NH2    doub N N 33  
ARG NH1   HH11   sing N N 34  
ARG NH1   HH12   sing N N 35  
ARG NH2   HH21   sing N N 36  
ARG NH2   HH22   sing N N 37  
ARG OXT   HXT    sing N N 38  
ASN N     CA     sing N N 39  
ASN N     H      sing N N 40  
ASN N     H2     sing N N 41  
ASN CA    C      sing N N 42  
ASN CA    CB     sing N N 43  
ASN CA    HA     sing N N 44  
ASN C     O      doub N N 45  
ASN C     OXT    sing N N 46  
ASN CB    CG     sing N N 47  
ASN CB    HB2    sing N N 48  
ASN CB    HB3    sing N N 49  
ASN CG    OD1    doub N N 50  
ASN CG    ND2    sing N N 51  
ASN ND2   HD21   sing N N 52  
ASN ND2   HD22   sing N N 53  
ASN OXT   HXT    sing N N 54  
ASP N     CA     sing N N 55  
ASP N     H      sing N N 56  
ASP N     H2     sing N N 57  
ASP CA    C      sing N N 58  
ASP CA    CB     sing N N 59  
ASP CA    HA     sing N N 60  
ASP C     O      doub N N 61  
ASP C     OXT    sing N N 62  
ASP CB    CG     sing N N 63  
ASP CB    HB2    sing N N 64  
ASP CB    HB3    sing N N 65  
ASP CG    OD1    doub N N 66  
ASP CG    OD2    sing N N 67  
ASP OD2   HD2    sing N N 68  
ASP OXT   HXT    sing N N 69  
GLN N     CA     sing N N 70  
GLN N     H      sing N N 71  
GLN N     H2     sing N N 72  
GLN CA    C      sing N N 73  
GLN CA    CB     sing N N 74  
GLN CA    HA     sing N N 75  
GLN C     O      doub N N 76  
GLN C     OXT    sing N N 77  
GLN CB    CG     sing N N 78  
GLN CB    HB2    sing N N 79  
GLN CB    HB3    sing N N 80  
GLN CG    CD     sing N N 81  
GLN CG    HG2    sing N N 82  
GLN CG    HG3    sing N N 83  
GLN CD    OE1    doub N N 84  
GLN CD    NE2    sing N N 85  
GLN NE2   HE21   sing N N 86  
GLN NE2   HE22   sing N N 87  
GLN OXT   HXT    sing N N 88  
GLU N     CA     sing N N 89  
GLU N     H      sing N N 90  
GLU N     H2     sing N N 91  
GLU CA    C      sing N N 92  
GLU CA    CB     sing N N 93  
GLU CA    HA     sing N N 94  
GLU C     O      doub N N 95  
GLU C     OXT    sing N N 96  
GLU CB    CG     sing N N 97  
GLU CB    HB2    sing N N 98  
GLU CB    HB3    sing N N 99  
GLU CG    CD     sing N N 100 
GLU CG    HG2    sing N N 101 
GLU CG    HG3    sing N N 102 
GLU CD    OE1    doub N N 103 
GLU CD    OE2    sing N N 104 
GLU OE2   HE2    sing N N 105 
GLU OXT   HXT    sing N N 106 
GLY N     CA     sing N N 107 
GLY N     H      sing N N 108 
GLY N     H2     sing N N 109 
GLY CA    C      sing N N 110 
GLY CA    HA2    sing N N 111 
GLY CA    HA3    sing N N 112 
GLY C     O      doub N N 113 
GLY C     OXT    sing N N 114 
GLY OXT   HXT    sing N N 115 
GSP PG    O3B    sing N N 116 
GSP PG    S1G    doub N N 117 
GSP PG    O2G    sing N N 118 
GSP PG    O3G    sing N N 119 
GSP O3B   PB     sing N N 120 
GSP O2G   HOG2   sing N N 121 
GSP O3G   HOG3   sing N N 122 
GSP PB    O1B    doub N N 123 
GSP PB    O2B    sing N N 124 
GSP PB    O3A    sing N N 125 
GSP O2B   HOB2   sing N N 126 
GSP PA    O1A    doub N N 127 
GSP PA    O2A    sing N N 128 
GSP PA    O3A    sing N N 129 
GSP PA    "O5'"  sing N N 130 
GSP O2A   HOA2   sing N N 131 
GSP "O5'" "C5'"  sing N N 132 
GSP "C5'" "C4'"  sing N N 133 
GSP "C5'" "H5'1" sing N N 134 
GSP "C5'" "H5'2" sing N N 135 
GSP "C4'" "O4'"  sing N N 136 
GSP "C4'" "C3'"  sing N N 137 
GSP "C4'" "H4'"  sing N N 138 
GSP "O4'" "C1'"  sing N N 139 
GSP "C3'" "O3'"  sing N N 140 
GSP "C3'" "C2'"  sing N N 141 
GSP "C3'" "H3'"  sing N N 142 
GSP "O3'" "HO3'" sing N N 143 
GSP "C2'" "O2'"  sing N N 144 
GSP "C2'" "C1'"  sing N N 145 
GSP "C2'" "H2'"  sing N N 146 
GSP "O2'" "HO2'" sing N N 147 
GSP "C1'" N9     sing N N 148 
GSP "C1'" "H1'"  sing N N 149 
GSP N9    C8     sing Y N 150 
GSP N9    C4     sing Y N 151 
GSP C8    N7     doub Y N 152 
GSP C8    H8     sing N N 153 
GSP N7    C5     sing Y N 154 
GSP C5    C6     sing N N 155 
GSP C5    C4     doub Y N 156 
GSP C6    O6     doub N N 157 
GSP C6    N1     sing N N 158 
GSP N1    C2     sing N N 159 
GSP N1    HN1    sing N N 160 
GSP C2    N2     sing N N 161 
GSP C2    N3     doub N N 162 
GSP N2    HN21   sing N N 163 
GSP N2    HN22   sing N N 164 
GSP N3    C4     sing N N 165 
HIS N     CA     sing N N 166 
HIS N     H      sing N N 167 
HIS N     H2     sing N N 168 
HIS CA    C      sing N N 169 
HIS CA    CB     sing N N 170 
HIS CA    HA     sing N N 171 
HIS C     O      doub N N 172 
HIS C     OXT    sing N N 173 
HIS CB    CG     sing N N 174 
HIS CB    HB2    sing N N 175 
HIS CB    HB3    sing N N 176 
HIS CG    ND1    sing Y N 177 
HIS CG    CD2    doub Y N 178 
HIS ND1   CE1    doub Y N 179 
HIS ND1   HD1    sing N N 180 
HIS CD2   NE2    sing Y N 181 
HIS CD2   HD2    sing N N 182 
HIS CE1   NE2    sing Y N 183 
HIS CE1   HE1    sing N N 184 
HIS NE2   HE2    sing N N 185 
HIS OXT   HXT    sing N N 186 
HOH O     H1     sing N N 187 
HOH O     H2     sing N N 188 
ILE N     CA     sing N N 189 
ILE N     H      sing N N 190 
ILE N     H2     sing N N 191 
ILE CA    C      sing N N 192 
ILE CA    CB     sing N N 193 
ILE CA    HA     sing N N 194 
ILE C     O      doub N N 195 
ILE C     OXT    sing N N 196 
ILE CB    CG1    sing N N 197 
ILE CB    CG2    sing N N 198 
ILE CB    HB     sing N N 199 
ILE CG1   CD1    sing N N 200 
ILE CG1   HG12   sing N N 201 
ILE CG1   HG13   sing N N 202 
ILE CG2   HG21   sing N N 203 
ILE CG2   HG22   sing N N 204 
ILE CG2   HG23   sing N N 205 
ILE CD1   HD11   sing N N 206 
ILE CD1   HD12   sing N N 207 
ILE CD1   HD13   sing N N 208 
ILE OXT   HXT    sing N N 209 
LEU N     CA     sing N N 210 
LEU N     H      sing N N 211 
LEU N     H2     sing N N 212 
LEU CA    C      sing N N 213 
LEU CA    CB     sing N N 214 
LEU CA    HA     sing N N 215 
LEU C     O      doub N N 216 
LEU C     OXT    sing N N 217 
LEU CB    CG     sing N N 218 
LEU CB    HB2    sing N N 219 
LEU CB    HB3    sing N N 220 
LEU CG    CD1    sing N N 221 
LEU CG    CD2    sing N N 222 
LEU CG    HG     sing N N 223 
LEU CD1   HD11   sing N N 224 
LEU CD1   HD12   sing N N 225 
LEU CD1   HD13   sing N N 226 
LEU CD2   HD21   sing N N 227 
LEU CD2   HD22   sing N N 228 
LEU CD2   HD23   sing N N 229 
LEU OXT   HXT    sing N N 230 
LYS N     CA     sing N N 231 
LYS N     H      sing N N 232 
LYS N     H2     sing N N 233 
LYS CA    C      sing N N 234 
LYS CA    CB     sing N N 235 
LYS CA    HA     sing N N 236 
LYS C     O      doub N N 237 
LYS C     OXT    sing N N 238 
LYS CB    CG     sing N N 239 
LYS CB    HB2    sing N N 240 
LYS CB    HB3    sing N N 241 
LYS CG    CD     sing N N 242 
LYS CG    HG2    sing N N 243 
LYS CG    HG3    sing N N 244 
LYS CD    CE     sing N N 245 
LYS CD    HD2    sing N N 246 
LYS CD    HD3    sing N N 247 
LYS CE    NZ     sing N N 248 
LYS CE    HE2    sing N N 249 
LYS CE    HE3    sing N N 250 
LYS NZ    HZ1    sing N N 251 
LYS NZ    HZ2    sing N N 252 
LYS NZ    HZ3    sing N N 253 
LYS OXT   HXT    sing N N 254 
MET N     CA     sing N N 255 
MET N     H      sing N N 256 
MET N     H2     sing N N 257 
MET CA    C      sing N N 258 
MET CA    CB     sing N N 259 
MET CA    HA     sing N N 260 
MET C     O      doub N N 261 
MET C     OXT    sing N N 262 
MET CB    CG     sing N N 263 
MET CB    HB2    sing N N 264 
MET CB    HB3    sing N N 265 
MET CG    SD     sing N N 266 
MET CG    HG2    sing N N 267 
MET CG    HG3    sing N N 268 
MET SD    CE     sing N N 269 
MET CE    HE1    sing N N 270 
MET CE    HE2    sing N N 271 
MET CE    HE3    sing N N 272 
MET OXT   HXT    sing N N 273 
PHE N     CA     sing N N 274 
PHE N     H      sing N N 275 
PHE N     H2     sing N N 276 
PHE CA    C      sing N N 277 
PHE CA    CB     sing N N 278 
PHE CA    HA     sing N N 279 
PHE C     O      doub N N 280 
PHE C     OXT    sing N N 281 
PHE CB    CG     sing N N 282 
PHE CB    HB2    sing N N 283 
PHE CB    HB3    sing N N 284 
PHE CG    CD1    doub Y N 285 
PHE CG    CD2    sing Y N 286 
PHE CD1   CE1    sing Y N 287 
PHE CD1   HD1    sing N N 288 
PHE CD2   CE2    doub Y N 289 
PHE CD2   HD2    sing N N 290 
PHE CE1   CZ     doub Y N 291 
PHE CE1   HE1    sing N N 292 
PHE CE2   CZ     sing Y N 293 
PHE CE2   HE2    sing N N 294 
PHE CZ    HZ     sing N N 295 
PHE OXT   HXT    sing N N 296 
PRO N     CA     sing N N 297 
PRO N     CD     sing N N 298 
PRO N     H      sing N N 299 
PRO CA    C      sing N N 300 
PRO CA    CB     sing N N 301 
PRO CA    HA     sing N N 302 
PRO C     O      doub N N 303 
PRO C     OXT    sing N N 304 
PRO CB    CG     sing N N 305 
PRO CB    HB2    sing N N 306 
PRO CB    HB3    sing N N 307 
PRO CG    CD     sing N N 308 
PRO CG    HG2    sing N N 309 
PRO CG    HG3    sing N N 310 
PRO CD    HD2    sing N N 311 
PRO CD    HD3    sing N N 312 
PRO OXT   HXT    sing N N 313 
SER N     CA     sing N N 314 
SER N     H      sing N N 315 
SER N     H2     sing N N 316 
SER CA    C      sing N N 317 
SER CA    CB     sing N N 318 
SER CA    HA     sing N N 319 
SER C     O      doub N N 320 
SER C     OXT    sing N N 321 
SER CB    OG     sing N N 322 
SER CB    HB2    sing N N 323 
SER CB    HB3    sing N N 324 
SER OG    HG     sing N N 325 
SER OXT   HXT    sing N N 326 
THR N     CA     sing N N 327 
THR N     H      sing N N 328 
THR N     H2     sing N N 329 
THR CA    C      sing N N 330 
THR CA    CB     sing N N 331 
THR CA    HA     sing N N 332 
THR C     O      doub N N 333 
THR C     OXT    sing N N 334 
THR CB    OG1    sing N N 335 
THR CB    CG2    sing N N 336 
THR CB    HB     sing N N 337 
THR OG1   HG1    sing N N 338 
THR CG2   HG21   sing N N 339 
THR CG2   HG22   sing N N 340 
THR CG2   HG23   sing N N 341 
THR OXT   HXT    sing N N 342 
TRP N     CA     sing N N 343 
TRP N     H      sing N N 344 
TRP N     H2     sing N N 345 
TRP CA    C      sing N N 346 
TRP CA    CB     sing N N 347 
TRP CA    HA     sing N N 348 
TRP C     O      doub N N 349 
TRP C     OXT    sing N N 350 
TRP CB    CG     sing N N 351 
TRP CB    HB2    sing N N 352 
TRP CB    HB3    sing N N 353 
TRP CG    CD1    doub Y N 354 
TRP CG    CD2    sing Y N 355 
TRP CD1   NE1    sing Y N 356 
TRP CD1   HD1    sing N N 357 
TRP CD2   CE2    doub Y N 358 
TRP CD2   CE3    sing Y N 359 
TRP NE1   CE2    sing Y N 360 
TRP NE1   HE1    sing N N 361 
TRP CE2   CZ2    sing Y N 362 
TRP CE3   CZ3    doub Y N 363 
TRP CE3   HE3    sing N N 364 
TRP CZ2   CH2    doub Y N 365 
TRP CZ2   HZ2    sing N N 366 
TRP CZ3   CH2    sing Y N 367 
TRP CZ3   HZ3    sing N N 368 
TRP CH2   HH2    sing N N 369 
TRP OXT   HXT    sing N N 370 
TYR N     CA     sing N N 371 
TYR N     H      sing N N 372 
TYR N     H2     sing N N 373 
TYR CA    C      sing N N 374 
TYR CA    CB     sing N N 375 
TYR CA    HA     sing N N 376 
TYR C     O      doub N N 377 
TYR C     OXT    sing N N 378 
TYR CB    CG     sing N N 379 
TYR CB    HB2    sing N N 380 
TYR CB    HB3    sing N N 381 
TYR CG    CD1    doub Y N 382 
TYR CG    CD2    sing Y N 383 
TYR CD1   CE1    sing Y N 384 
TYR CD1   HD1    sing N N 385 
TYR CD2   CE2    doub Y N 386 
TYR CD2   HD2    sing N N 387 
TYR CE1   CZ     doub Y N 388 
TYR CE1   HE1    sing N N 389 
TYR CE2   CZ     sing Y N 390 
TYR CE2   HE2    sing N N 391 
TYR CZ    OH     sing N N 392 
TYR OH    HH     sing N N 393 
TYR OXT   HXT    sing N N 394 
VAL N     CA     sing N N 395 
VAL N     H      sing N N 396 
VAL N     H2     sing N N 397 
VAL CA    C      sing N N 398 
VAL CA    CB     sing N N 399 
VAL CA    HA     sing N N 400 
VAL C     O      doub N N 401 
VAL C     OXT    sing N N 402 
VAL CB    CG1    sing N N 403 
VAL CB    CG2    sing N N 404 
VAL CB    HB     sing N N 405 
VAL CG1   HG11   sing N N 406 
VAL CG1   HG12   sing N N 407 
VAL CG1   HG13   sing N N 408 
VAL CG2   HG21   sing N N 409 
VAL CG2   HG22   sing N N 410 
VAL CG2   HG23   sing N N 411 
VAL OXT   HXT    sing N N 412 
# 
_atom_sites.entry_id                    2FFQ 
_atom_sites.fract_transf_matrix[1][1]   -0.02567921 
_atom_sites.fract_transf_matrix[1][2]   0.00227252 
_atom_sites.fract_transf_matrix[1][3]   0.01058223 
_atom_sites.fract_transf_matrix[2][1]   0.00609516 
_atom_sites.fract_transf_matrix[2][2]   0.00768647 
_atom_sites.fract_transf_matrix[2][3]   0.01314007 
_atom_sites.fract_transf_matrix[3][1]   -0.00176890 
_atom_sites.fract_transf_matrix[3][2]   0.01381087 
_atom_sites.fract_transf_matrix[3][3]   -0.00725834 
_atom_sites.fract_transf_vector[1]      0.434582 
_atom_sites.fract_transf_vector[2]      0.428060 
_atom_sites.fract_transf_vector[3]      0.306068 
# 
loop_
_atom_type.symbol 
C  
MG 
N  
O  
P  
S  
# 
loop_
_atom_site.group_PDB 
_atom_site.id 
_atom_site.type_symbol 
_atom_site.label_atom_id 
_atom_site.label_alt_id 
_atom_site.label_comp_id 
_atom_site.label_asym_id 
_atom_site.label_entity_id 
_atom_site.label_seq_id 
_atom_site.pdbx_PDB_ins_code 
_atom_site.Cartn_x 
_atom_site.Cartn_y 
_atom_site.Cartn_z 
_atom_site.occupancy 
_atom_site.B_iso_or_equiv 
_atom_site.pdbx_formal_charge 
_atom_site.auth_seq_id 
_atom_site.auth_comp_id 
_atom_site.auth_asym_id 
_atom_site.auth_atom_id 
_atom_site.pdbx_PDB_model_num 
ATOM   1    N  N     . LYS A 1 2   ? -6.323  -9.362  14.457  1.00 30.07 ? 13  LYS A N     1 
ATOM   2    C  CA    . LYS A 1 2   ? -5.053  -8.770  13.970  1.00 29.72 ? 13  LYS A CA    1 
ATOM   3    C  C     . LYS A 1 2   ? -5.137  -8.360  12.506  1.00 28.89 ? 13  LYS A C     1 
ATOM   4    O  O     . LYS A 1 2   ? -4.365  -8.845  11.667  1.00 29.76 ? 13  LYS A O     1 
ATOM   5    C  CB    . LYS A 1 2   ? -3.887  -9.769  14.117  0.50 30.04 ? 13  LYS A CB    1 
ATOM   6    C  CG    . LYS A 1 2   ? -3.867  -10.543 15.413  0.50 30.71 ? 13  LYS A CG    1 
ATOM   7    C  CD    . LYS A 1 2   ? -2.917  -9.955  16.428  0.50 31.26 ? 13  LYS A CD    1 
ATOM   8    C  CE    . LYS A 1 2   ? -2.431  -11.080 17.335  0.50 31.26 ? 13  LYS A CE    1 
ATOM   9    N  NZ    . LYS A 1 2   ? -1.819  -10.604 18.602  0.50 31.73 ? 13  LYS A NZ    1 
ATOM   10   N  N     . PHE A 1 3   ? -6.098  -7.514  12.173  1.00 27.36 ? 14  PHE A N     1 
ATOM   11   C  CA    . PHE A 1 3   ? -6.185  -7.019  10.800  1.00 25.39 ? 14  PHE A CA    1 
ATOM   12   C  C     . PHE A 1 3   ? -5.397  -5.707  10.898  1.00 23.45 ? 14  PHE A C     1 
ATOM   13   O  O     . PHE A 1 3   ? -5.964  -4.625  11.010  1.00 22.65 ? 14  PHE A O     1 
ATOM   14   C  CB    . PHE A 1 3   ? -7.606  -6.731  10.354  1.00 26.84 ? 14  PHE A CB    1 
ATOM   15   C  CG    . PHE A 1 3   ? -8.506  -7.925  10.345  1.00 28.35 ? 14  PHE A CG    1 
ATOM   16   C  CD1   . PHE A 1 3   ? -9.058  -8.382  11.525  1.00 28.86 ? 14  PHE A CD1   1 
ATOM   17   C  CD2   . PHE A 1 3   ? -8.813  -8.587  9.157   1.00 29.05 ? 14  PHE A CD2   1 
ATOM   18   C  CE1   . PHE A 1 3   ? -9.909  -9.478  11.548  1.00 29.64 ? 14  PHE A CE1   1 
ATOM   19   C  CE2   . PHE A 1 3   ? -9.673  -9.702  9.165   1.00 29.59 ? 14  PHE A CE2   1 
ATOM   20   C  CZ    . PHE A 1 3   ? -10.217 -10.145 10.366  1.00 29.89 ? 14  PHE A CZ    1 
ATOM   21   N  N     . LYS A 1 4   ? -4.072  -5.834  10.882  1.00 20.99 ? 15  LYS A N     1 
ATOM   22   C  CA    . LYS A 1 4   ? -3.199  -4.679  10.995  1.00 19.44 ? 15  LYS A CA    1 
ATOM   23   C  C     . LYS A 1 4   ? -2.419  -4.506  9.691   1.00 17.75 ? 15  LYS A C     1 
ATOM   24   O  O     . LYS A 1 4   ? -1.598  -5.351  9.334   1.00 17.32 ? 15  LYS A O     1 
ATOM   25   C  CB    . LYS A 1 4   ? -2.251  -4.887  12.172  1.00 19.88 ? 15  LYS A CB    1 
ATOM   26   C  CG    . LYS A 1 4   ? -2.998  -5.284  13.456  1.00 21.21 ? 15  LYS A CG    1 
ATOM   27   C  CD    . LYS A 1 4   ? -2.066  -5.469  14.645  0.50 21.17 ? 15  LYS A CD    1 
ATOM   28   C  CE    . LYS A 1 4   ? -2.842  -5.893  15.885  0.30 21.78 ? 15  LYS A CE    1 
ATOM   29   N  NZ    . LYS A 1 4   ? -2.000  -5.935  17.113  0.30 22.03 ? 15  LYS A NZ    1 
ATOM   30   N  N     . LEU A 1 5   ? -2.686  -3.406  8.988   1.00 16.44 ? 16  LEU A N     1 
ATOM   31   C  CA    . LEU A 1 5   ? -2.039  -3.111  7.718   1.00 15.82 ? 16  LEU A CA    1 
ATOM   32   C  C     . LEU A 1 5   ? -1.053  -1.954  7.807   1.00 14.89 ? 16  LEU A C     1 
ATOM   33   O  O     . LEU A 1 5   ? -1.373  -0.896  8.341   1.00 15.93 ? 16  LEU A O     1 
ATOM   34   C  CB    . LEU A 1 5   ? -3.091  -2.759  6.655   1.00 15.39 ? 16  LEU A CB    1 
ATOM   35   C  CG    . LEU A 1 5   ? -4.055  -3.827  6.133   1.00 15.29 ? 16  LEU A CG    1 
ATOM   36   C  CD1   . LEU A 1 5   ? -4.862  -4.440  7.275   1.00 15.28 ? 16  LEU A CD1   1 
ATOM   37   C  CD2   . LEU A 1 5   ? -4.985  -3.175  5.119   1.00 16.37 ? 16  LEU A CD2   1 
ATOM   38   N  N     . VAL A 1 6   ? 0.145   -2.160  7.278   1.00 14.29 ? 17  VAL A N     1 
ATOM   39   C  CA    . VAL A 1 6   ? 1.155   -1.114  7.276   1.00 13.56 ? 17  VAL A CA    1 
ATOM   40   C  C     . VAL A 1 6   ? 1.417   -0.743  5.822   1.00 13.33 ? 17  VAL A C     1 
ATOM   41   O  O     . VAL A 1 6   ? 1.632   -1.614  4.974   1.00 13.12 ? 17  VAL A O     1 
ATOM   42   C  CB    . VAL A 1 6   ? 2.471   -1.582  7.949   1.00 13.47 ? 17  VAL A CB    1 
ATOM   43   C  CG1   . VAL A 1 6   ? 3.070   -2.772  7.192   1.00 14.14 ? 17  VAL A CG1   1 
ATOM   44   C  CG2   . VAL A 1 6   ? 3.457   -0.418  8.006   1.00 13.33 ? 17  VAL A CG2   1 
ATOM   45   N  N     . PHE A 1 7   ? 1.361   0.550   5.528   1.00 12.72 ? 18  PHE A N     1 
ATOM   46   C  CA    . PHE A 1 7   ? 1.604   1.019   4.171   1.00 12.37 ? 18  PHE A CA    1 
ATOM   47   C  C     . PHE A 1 7   ? 3.052   1.448   4.024   1.00 11.52 ? 18  PHE A C     1 
ATOM   48   O  O     . PHE A 1 7   ? 3.530   2.295   4.779   1.00 11.69 ? 18  PHE A O     1 
ATOM   49   C  CB    . PHE A 1 7   ? 0.665   2.178   3.827   1.00 12.56 ? 18  PHE A CB    1 
ATOM   50   C  CG    . PHE A 1 7   ? -0.744  1.743   3.528   1.00 13.54 ? 18  PHE A CG    1 
ATOM   51   C  CD1   . PHE A 1 7   ? -1.542  1.176   4.518   1.00 14.50 ? 18  PHE A CD1   1 
ATOM   52   C  CD2   . PHE A 1 7   ? -1.256  1.861   2.240   1.00 14.28 ? 18  PHE A CD2   1 
ATOM   53   C  CE1   . PHE A 1 7   ? -2.834  0.730   4.225   1.00 14.75 ? 18  PHE A CE1   1 
ATOM   54   C  CE2   . PHE A 1 7   ? -2.545  1.418   1.938   1.00 14.43 ? 18  PHE A CE2   1 
ATOM   55   C  CZ    . PHE A 1 7   ? -3.332  0.851   2.935   1.00 14.49 ? 18  PHE A CZ    1 
ATOM   56   N  N     . LEU A 1 8   ? 3.732   0.853   3.045   1.00 10.49 ? 19  LEU A N     1 
ATOM   57   C  CA    . LEU A 1 8   ? 5.138   1.114   2.769   1.00 10.50 ? 19  LEU A CA    1 
ATOM   58   C  C     . LEU A 1 8   ? 5.325   1.590   1.334   1.00 10.57 ? 19  LEU A C     1 
ATOM   59   O  O     . LEU A 1 8   ? 4.548   1.240   0.449   1.00 10.50 ? 19  LEU A O     1 
ATOM   60   C  CB    . LEU A 1 8   ? 5.954   -0.172  2.971   1.00 11.19 ? 19  LEU A CB    1 
ATOM   61   C  CG    . LEU A 1 8   ? 5.791   -0.885  4.315   1.00 11.86 ? 19  LEU A CG    1 
ATOM   62   C  CD1   . LEU A 1 8   ? 6.524   -2.222  4.277   1.00 12.60 ? 19  LEU A CD1   1 
ATOM   63   C  CD2   . LEU A 1 8   ? 6.330   -0.004  5.431   1.00 12.67 ? 19  LEU A CD2   1 
ATOM   64   N  N     . GLY A 1 9   ? 6.366   2.384   1.106   1.00 10.70 ? 20  GLY A N     1 
ATOM   65   C  CA    . GLY A 1 9   ? 6.623   2.879   -0.233  1.00 10.27 ? 20  GLY A CA    1 
ATOM   66   C  C     . GLY A 1 9   ? 7.412   4.172   -0.206  1.00 11.00 ? 20  GLY A C     1 
ATOM   67   O  O     . GLY A 1 9   ? 7.419   4.881   0.800   1.00 10.11 ? 20  GLY A O     1 
ATOM   68   N  N     . GLU A 1 10  ? 8.072   4.481   -1.316  1.00 10.82 ? 21  GLU A N     1 
ATOM   69   C  CA    . GLU A 1 10  ? 8.865   5.691   -1.414  1.00 11.31 ? 21  GLU A CA    1 
ATOM   70   C  C     . GLU A 1 10  ? 8.008   6.930   -1.217  1.00 11.34 ? 21  GLU A C     1 
ATOM   71   O  O     . GLU A 1 10  ? 6.779   6.858   -1.169  1.00 10.57 ? 21  GLU A O     1 
ATOM   72   C  CB    . GLU A 1 10  ? 9.565   5.758   -2.774  1.00 11.51 ? 21  GLU A CB    1 
ATOM   73   C  CG    . GLU A 1 10  ? 10.554  4.622   -3.001  1.00 12.28 ? 21  GLU A CG    1 
ATOM   74   C  CD    . GLU A 1 10  ? 11.595  4.546   -1.907  1.00 12.95 ? 21  GLU A CD    1 
ATOM   75   O  OE1   . GLU A 1 10  ? 12.340  5.530   -1.728  1.00 14.11 ? 21  GLU A OE1   1 
ATOM   76   O  OE2   . GLU A 1 10  ? 11.666  3.505   -1.223  1.00 13.12 ? 21  GLU A OE2   1 
ATOM   77   N  N     . GLN A 1 11  ? 8.664   8.077   -1.109  1.00 11.98 ? 22  GLN A N     1 
ATOM   78   C  CA    . GLN A 1 11  ? 7.949   9.325   -0.910  1.00 12.06 ? 22  GLN A CA    1 
ATOM   79   C  C     . GLN A 1 11  ? 7.036   9.692   -2.071  1.00 11.52 ? 22  GLN A C     1 
ATOM   80   O  O     . GLN A 1 11  ? 7.365   9.475   -3.236  1.00 11.69 ? 22  GLN A O     1 
ATOM   81   C  CB    . GLN A 1 11  ? 8.946   10.471  -0.667  1.00 13.42 ? 22  GLN A CB    1 
ATOM   82   C  CG    . GLN A 1 11  ? 9.771   10.899  -1.892  1.00 15.85 ? 22  GLN A CG    1 
ATOM   83   C  CD    . GLN A 1 11  ? 9.105   11.990  -2.725  1.00 16.54 ? 22  GLN A CD    1 
ATOM   84   O  OE1   . GLN A 1 11  ? 8.551   12.951  -2.186  1.00 17.31 ? 22  GLN A OE1   1 
ATOM   85   N  NE2   . GLN A 1 11  ? 9.176   11.854  -4.045  1.00 18.27 ? 22  GLN A NE2   1 
ATOM   86   N  N     A SER A 1 12  ? 5.871   10.235  -1.732  0.50 11.38 ? 23  SER A N     1 
ATOM   87   N  N     B SER A 1 12  ? 5.872   10.234  -1.721  0.50 11.29 ? 23  SER A N     1 
ATOM   88   C  CA    A SER A 1 12  ? 4.902   10.703  -2.712  0.50 11.63 ? 23  SER A CA    1 
ATOM   89   C  CA    B SER A 1 12  ? 4.868   10.695  -2.669  0.50 11.44 ? 23  SER A CA    1 
ATOM   90   C  C     A SER A 1 12  ? 4.269   9.668   -3.637  0.50 11.44 ? 23  SER A C     1 
ATOM   91   C  C     B SER A 1 12  ? 4.251   9.671   -3.621  0.50 11.35 ? 23  SER A C     1 
ATOM   92   O  O     A SER A 1 12  ? 3.759   10.028  -4.696  0.50 12.04 ? 23  SER A O     1 
ATOM   93   O  O     B SER A 1 12  ? 3.744   10.040  -4.687  0.50 11.96 ? 23  SER A O     1 
ATOM   94   C  CB    A SER A 1 12  ? 5.558   11.815  -3.548  0.50 12.30 ? 23  SER A CB    1 
ATOM   95   C  CB    B SER A 1 12  ? 5.419   11.867  -3.486  0.50 11.99 ? 23  SER A CB    1 
ATOM   96   O  OG    A SER A 1 12  ? 4.624   12.805  -3.934  0.50 14.25 ? 23  SER A OG    1 
ATOM   97   O  OG    B SER A 1 12  ? 6.389   11.428  -4.420  0.50 13.17 ? 23  SER A OG    1 
ATOM   98   N  N     . VAL A 1 13  ? 4.275   8.394   -3.253  1.00 11.00 ? 24  VAL A N     1 
ATOM   99   C  CA    . VAL A 1 13  ? 3.671   7.371   -4.116  1.00 10.22 ? 24  VAL A CA    1 
ATOM   100  C  C     . VAL A 1 13  ? 2.158   7.298   -3.918  1.00 9.73  ? 24  VAL A C     1 
ATOM   101  O  O     . VAL A 1 13  ? 1.447   6.774   -4.769  1.00 9.57  ? 24  VAL A O     1 
ATOM   102  C  CB    . VAL A 1 13  ? 4.273   5.959   -3.890  1.00 9.96  ? 24  VAL A CB    1 
ATOM   103  C  CG1   . VAL A 1 13  ? 5.745   5.959   -4.255  1.00 9.44  ? 24  VAL A CG1   1 
ATOM   104  C  CG2   . VAL A 1 13  ? 4.060   5.513   -2.455  1.00 9.62  ? 24  VAL A CG2   1 
ATOM   105  N  N     . GLY A 1 14  ? 1.674   7.823   -2.794  1.00 9.03  ? 25  GLY A N     1 
ATOM   106  C  CA    . GLY A 1 14  ? 0.241   7.823   -2.545  1.00 9.59  ? 25  GLY A CA    1 
ATOM   107  C  C     . GLY A 1 14  ? -0.272  7.026   -1.356  1.00 9.75  ? 25  GLY A C     1 
ATOM   108  O  O     . GLY A 1 14  ? -1.461  6.730   -1.284  1.00 9.60  ? 25  GLY A O     1 
ATOM   109  N  N     . LYS A 1 15  ? 0.604   6.682   -0.421  1.00 9.15  ? 26  LYS A N     1 
ATOM   110  C  CA    . LYS A 1 15  ? 0.184   5.918   0.754   1.00 9.08  ? 26  LYS A CA    1 
ATOM   111  C  C     . LYS A 1 15  ? -0.909  6.635   1.552   1.00 9.02  ? 26  LYS A C     1 
ATOM   112  O  O     . LYS A 1 15  ? -1.973  6.074   1.812   1.00 9.32  ? 26  LYS A O     1 
ATOM   113  C  CB    . LYS A 1 15  ? 1.389   5.646   1.657   1.00 8.30  ? 26  LYS A CB    1 
ATOM   114  C  CG    . LYS A 1 15  ? 2.502   4.850   0.976   1.00 8.31  ? 26  LYS A CG    1 
ATOM   115  C  CD    . LYS A 1 15  ? 3.686   4.611   1.905   1.00 8.56  ? 26  LYS A CD    1 
ATOM   116  C  CE    . LYS A 1 15  ? 4.377   5.910   2.299   1.00 9.44  ? 26  LYS A CE    1 
ATOM   117  N  NZ    . LYS A 1 15  ? 5.035   6.576   1.134   1.00 9.70  ? 26  LYS A NZ    1 
ATOM   118  N  N     . THR A 1 16  ? -0.651  7.876   1.943   1.00 9.56  ? 27  THR A N     1 
ATOM   119  C  CA    . THR A 1 16  ? -1.634  8.637   2.707   1.00 9.23  ? 27  THR A CA    1 
ATOM   120  C  C     . THR A 1 16  ? -2.924  8.854   1.935   1.00 9.68  ? 27  THR A C     1 
ATOM   121  O  O     . THR A 1 16  ? -4.015  8.747   2.492   1.00 9.12  ? 27  THR A O     1 
ATOM   122  C  CB    . THR A 1 16  ? -1.072  9.999   3.112   1.00 9.50  ? 27  THR A CB    1 
ATOM   123  O  OG1   . THR A 1 16  ? 0.075   9.789   3.934   1.00 9.23  ? 27  THR A OG1   1 
ATOM   124  C  CG2   . THR A 1 16  ? -2.092  10.797  3.905   1.00 11.16 ? 27  THR A CG2   1 
ATOM   125  N  N     . SER A 1 17  ? -2.794  9.161   0.649   1.00 9.67  ? 28  SER A N     1 
ATOM   126  C  CA    . SER A 1 17  ? -3.962  9.396   -0.189  1.00 9.97  ? 28  SER A CA    1 
ATOM   127  C  C     . SER A 1 17  ? -4.828  8.148   -0.293  1.00 9.78  ? 28  SER A C     1 
ATOM   128  O  O     . SER A 1 17  ? -6.059  8.236   -0.307  1.00 9.39  ? 28  SER A O     1 
ATOM   129  C  CB    . SER A 1 17  ? -3.522  9.856   -1.579  1.00 10.82 ? 28  SER A CB    1 
ATOM   130  O  OG    . SER A 1 17  ? -2.864  11.112  -1.497  1.00 10.94 ? 28  SER A OG    1 
ATOM   131  N  N     . LEU A 1 18  ? -4.197  6.978   -0.370  1.00 9.37  ? 29  LEU A N     1 
ATOM   132  C  CA    . LEU A 1 18  ? -4.963  5.737   -0.456  1.00 9.50  ? 29  LEU A CA    1 
ATOM   133  C  C     . LEU A 1 18  ? -5.725  5.504   0.849   1.00 9.74  ? 29  LEU A C     1 
ATOM   134  O  O     . LEU A 1 18  ? -6.910  5.159   0.842   1.00 8.95  ? 29  LEU A O     1 
ATOM   135  C  CB    . LEU A 1 18  ? -4.037  4.548   -0.752  1.00 9.58  ? 29  LEU A CB    1 
ATOM   136  C  CG    . LEU A 1 18  ? -3.542  4.431   -2.201  1.00 10.74 ? 29  LEU A CG    1 
ATOM   137  C  CD1   . LEU A 1 18  ? -2.448  3.368   -2.300  1.00 10.93 ? 29  LEU A CD1   1 
ATOM   138  C  CD2   . LEU A 1 18  ? -4.713  4.080   -3.115  1.00 10.46 ? 29  LEU A CD2   1 
ATOM   139  N  N     . ILE A 1 19  ? -5.044  5.711   1.970   1.00 10.26 ? 30  ILE A N     1 
ATOM   140  C  CA    . ILE A 1 19  ? -5.664  5.529   3.277   1.00 11.23 ? 30  ILE A CA    1 
ATOM   141  C  C     . ILE A 1 19  ? -6.800  6.527   3.480   1.00 12.13 ? 30  ILE A C     1 
ATOM   142  O  O     . ILE A 1 19  ? -7.868  6.177   3.977   1.00 12.28 ? 30  ILE A O     1 
ATOM   143  C  CB    . ILE A 1 19  ? -4.632  5.705   4.413   1.00 11.19 ? 30  ILE A CB    1 
ATOM   144  C  CG1   . ILE A 1 19  ? -3.625  4.554   4.367   1.00 11.69 ? 30  ILE A CG1   1 
ATOM   145  C  CG2   . ILE A 1 19  ? -5.342  5.762   5.767   1.00 11.45 ? 30  ILE A CG2   1 
ATOM   146  C  CD1   . ILE A 1 19  ? -2.529  4.645   5.409   1.00 11.32 ? 30  ILE A CD1   1 
ATOM   147  N  N     . THR A 1 20  ? -6.566  7.775   3.094   1.00 12.78 ? 31  THR A N     1 
ATOM   148  C  CA    . THR A 1 20  ? -7.576  8.812   3.238   1.00 14.35 ? 31  THR A CA    1 
ATOM   149  C  C     . THR A 1 20  ? -8.791  8.541   2.349   1.00 14.72 ? 31  THR A C     1 
ATOM   150  O  O     . THR A 1 20  ? -9.929  8.747   2.767   1.00 14.90 ? 31  THR A O     1 
ATOM   151  C  CB    . THR A 1 20  ? -6.983  10.200  2.908   1.00 15.38 ? 31  THR A CB    1 
ATOM   152  O  OG1   . THR A 1 20  ? -5.955  10.511  3.859   1.00 16.77 ? 31  THR A OG1   1 
ATOM   153  C  CG2   . THR A 1 20  ? -8.056  11.273  2.969   1.00 15.98 ? 31  THR A CG2   1 
ATOM   154  N  N     . ARG A 1 21  ? -8.557  8.071   1.127   1.00 14.50 ? 32  ARG A N     1 
ATOM   155  C  CA    . ARG A 1 21  ? -9.663  7.778   0.217   1.00 14.92 ? 32  ARG A CA    1 
ATOM   156  C  C     . ARG A 1 21  ? -10.532 6.654   0.775   1.00 15.10 ? 32  ARG A C     1 
ATOM   157  O  O     . ARG A 1 21  ? -11.755 6.679   0.659   1.00 14.41 ? 32  ARG A O     1 
ATOM   158  C  CB    . ARG A 1 21  ? -9.127  7.383   -1.166  1.00 15.39 ? 32  ARG A CB    1 
ATOM   159  C  CG    . ARG A 1 21  ? -10.169 6.742   -2.084  1.00 16.04 ? 32  ARG A CG    1 
ATOM   160  C  CD    . ARG A 1 21  ? -11.299 7.700   -2.433  1.00 16.99 ? 32  ARG A CD    1 
ATOM   161  N  NE    . ARG A 1 21  ? -10.896 8.715   -3.404  1.00 17.14 ? 32  ARG A NE    1 
ATOM   162  C  CZ    . ARG A 1 21  ? -11.708 9.659   -3.872  1.00 17.52 ? 32  ARG A CZ    1 
ATOM   163  N  NH1   . ARG A 1 21  ? -12.963 9.718   -3.454  1.00 18.53 ? 32  ARG A NH1   1 
ATOM   164  N  NH2   . ARG A 1 21  ? -11.267 10.541  -4.758  1.00 18.06 ? 32  ARG A NH2   1 
ATOM   165  N  N     . PHE A 1 22  ? -9.898  5.666   1.390   1.00 15.28 ? 33  PHE A N     1 
ATOM   166  C  CA    . PHE A 1 22  ? -10.627 4.542   1.961   1.00 16.39 ? 33  PHE A CA    1 
ATOM   167  C  C     . PHE A 1 22  ? -11.343 4.948   3.244   1.00 16.69 ? 33  PHE A C     1 
ATOM   168  O  O     . PHE A 1 22  ? -12.498 4.584   3.480   1.00 16.73 ? 33  PHE A O     1 
ATOM   169  C  CB    . PHE A 1 22  ? -9.662  3.401   2.260   1.00 16.98 ? 33  PHE A CB    1 
ATOM   170  C  CG    . PHE A 1 22  ? -10.311 2.220   2.919   1.00 18.52 ? 33  PHE A CG    1 
ATOM   171  C  CD1   . PHE A 1 22  ? -11.304 1.500   2.263   1.00 18.44 ? 33  PHE A CD1   1 
ATOM   172  C  CD2   . PHE A 1 22  ? -9.929  1.825   4.197   1.00 18.96 ? 33  PHE A CD2   1 
ATOM   173  C  CE1   . PHE A 1 22  ? -11.910 0.401   2.874   1.00 20.01 ? 33  PHE A CE1   1 
ATOM   174  C  CE2   . PHE A 1 22  ? -10.530 0.727   4.816   1.00 20.13 ? 33  PHE A CE2   1 
ATOM   175  C  CZ    . PHE A 1 22  ? -11.521 0.014   4.151   1.00 18.76 ? 33  PHE A CZ    1 
ATOM   176  N  N     . MET A 1 23  ? -10.641 5.693   4.080   1.00 17.25 ? 34  MET A N     1 
ATOM   177  C  CA    . MET A 1 23  ? -11.190 6.142   5.345   1.00 18.19 ? 34  MET A CA    1 
ATOM   178  C  C     . MET A 1 23  ? -12.325 7.159   5.267   1.00 18.47 ? 34  MET A C     1 
ATOM   179  O  O     . MET A 1 23  ? -13.377 6.987   5.899   1.00 18.06 ? 34  MET A O     1 
ATOM   180  C  CB    . MET A 1 23  ? -10.079 6.754   6.210   1.00 18.39 ? 34  MET A CB    1 
ATOM   181  C  CG    . MET A 1 23  ? -9.093  5.767   6.793   1.00 19.36 ? 34  MET A CG    1 
ATOM   182  S  SD    . MET A 1 23  ? -9.845  4.732   8.077   1.00 19.29 ? 34  MET A SD    1 
ATOM   183  C  CE    . MET A 1 23  ? -10.276 5.964   9.288   1.00 20.41 ? 34  MET A CE    1 
ATOM   184  N  N     . TYR A 1 24  ? -12.123 8.210   4.479   1.00 18.87 ? 35  TYR A N     1 
ATOM   185  C  CA    . TYR A 1 24  ? -13.117 9.269   4.378   1.00 19.89 ? 35  TYR A CA    1 
ATOM   186  C  C     . TYR A 1 24  ? -13.653 9.527   2.975   1.00 20.02 ? 35  TYR A C     1 
ATOM   187  O  O     . TYR A 1 24  ? -14.410 10.475  2.763   1.00 20.68 ? 35  TYR A O     1 
ATOM   188  C  CB    . TYR A 1 24  ? -12.510 10.545  4.946   1.00 20.59 ? 35  TYR A CB    1 
ATOM   189  C  CG    . TYR A 1 24  ? -11.758 10.308  6.238   1.00 21.91 ? 35  TYR A CG    1 
ATOM   190  C  CD1   . TYR A 1 24  ? -12.428 9.908   7.394   1.00 21.99 ? 35  TYR A CD1   1 
ATOM   191  C  CD2   . TYR A 1 24  ? -10.377 10.493  6.307   1.00 21.71 ? 35  TYR A CD2   1 
ATOM   192  C  CE1   . TYR A 1 24  ? -11.741 9.682   8.583   1.00 23.04 ? 35  TYR A CE1   1 
ATOM   193  C  CE2   . TYR A 1 24  ? -9.681  10.269  7.491   1.00 22.86 ? 35  TYR A CE2   1 
ATOM   194  C  CZ    . TYR A 1 24  ? -10.369 9.877   8.626   1.00 23.11 ? 35  TYR A CZ    1 
ATOM   195  O  OH    . TYR A 1 24  ? -9.679  9.692   9.800   1.00 24.72 ? 35  TYR A OH    1 
ATOM   196  N  N     . ASP A 1 25  ? -13.269 8.675   2.028   1.00 20.11 ? 36  ASP A N     1 
ATOM   197  C  CA    . ASP A 1 25  ? -13.692 8.808   0.639   1.00 20.11 ? 36  ASP A CA    1 
ATOM   198  C  C     . ASP A 1 25  ? -13.513 10.234  0.128   1.00 19.73 ? 36  ASP A C     1 
ATOM   199  O  O     . ASP A 1 25  ? -14.416 10.821  -0.472  1.00 20.21 ? 36  ASP A O     1 
ATOM   200  C  CB    . ASP A 1 25  ? -15.148 8.364   0.468   1.00 20.95 ? 36  ASP A CB    1 
ATOM   201  C  CG    . ASP A 1 25  ? -15.516 8.116   -0.989  1.00 22.39 ? 36  ASP A CG    1 
ATOM   202  O  OD1   . ASP A 1 25  ? -14.601 8.055   -1.845  1.00 22.48 ? 36  ASP A OD1   1 
ATOM   203  O  OD2   . ASP A 1 25  ? -16.721 7.967   -1.279  0.50 22.36 ? 36  ASP A OD2   1 
ATOM   204  N  N     . SER A 1 26  ? -12.333 10.788  0.378   1.00 18.80 ? 37  SER A N     1 
ATOM   205  C  CA    . SER A 1 26  ? -12.004 12.134  -0.074  1.00 19.00 ? 37  SER A CA    1 
ATOM   206  C  C     . SER A 1 26  ? -10.575 12.111  -0.591  1.00 18.36 ? 37  SER A C     1 
ATOM   207  O  O     . SER A 1 26  ? -9.827  11.169  -0.324  1.00 17.74 ? 37  SER A O     1 
ATOM   208  C  CB    . SER A 1 26  ? -12.118 13.141  1.072   1.00 19.36 ? 37  SER A CB    1 
ATOM   209  O  OG    . SER A 1 26  ? -11.199 12.848  2.110   1.00 21.66 ? 37  SER A OG    1 
ATOM   210  N  N     . PHE A 1 27  ? -10.206 13.148  -1.333  1.00 17.59 ? 38  PHE A N     1 
ATOM   211  C  CA    . PHE A 1 27  ? -8.871  13.262  -1.890  1.00 17.45 ? 38  PHE A CA    1 
ATOM   212  C  C     . PHE A 1 27  ? -8.502  14.730  -2.044  1.00 17.79 ? 38  PHE A C     1 
ATOM   213  O  O     . PHE A 1 27  ? -9.287  15.531  -2.548  1.00 18.43 ? 38  PHE A O     1 
ATOM   214  C  CB    . PHE A 1 27  ? -8.801  12.558  -3.250  1.00 16.10 ? 38  PHE A CB    1 
ATOM   215  C  CG    . PHE A 1 27  ? -7.492  12.745  -3.969  1.00 14.96 ? 38  PHE A CG    1 
ATOM   216  C  CD1   . PHE A 1 27  ? -7.332  13.769  -4.901  1.00 14.55 ? 38  PHE A CD1   1 
ATOM   217  C  CD2   . PHE A 1 27  ? -6.417  11.905  -3.706  1.00 14.08 ? 38  PHE A CD2   1 
ATOM   218  C  CE1   . PHE A 1 27  ? -6.119  13.950  -5.561  1.00 14.13 ? 38  PHE A CE1   1 
ATOM   219  C  CE2   . PHE A 1 27  ? -5.201  12.076  -4.357  1.00 13.86 ? 38  PHE A CE2   1 
ATOM   220  C  CZ    . PHE A 1 27  ? -5.049  13.102  -5.288  1.00 13.88 ? 38  PHE A CZ    1 
ATOM   221  N  N     . ASP A 1 28  ? -7.304  15.067  -1.584  1.00 18.42 ? 39  ASP A N     1 
ATOM   222  C  CA    . ASP A 1 28  ? -6.775  16.425  -1.663  1.00 19.06 ? 39  ASP A CA    1 
ATOM   223  C  C     . ASP A 1 28  ? -5.549  16.315  -2.565  1.00 19.34 ? 39  ASP A C     1 
ATOM   224  O  O     . ASP A 1 28  ? -4.567  15.672  -2.199  1.00 19.44 ? 39  ASP A O     1 
ATOM   225  C  CB    . ASP A 1 28  ? -6.370  16.900  -0.265  1.00 18.96 ? 39  ASP A CB    1 
ATOM   226  C  CG    . ASP A 1 28  ? -5.858  18.325  -0.252  1.00 19.63 ? 39  ASP A CG    1 
ATOM   227  O  OD1   . ASP A 1 28  ? -5.446  18.792  0.831   1.00 19.57 ? 39  ASP A OD1   1 
ATOM   228  O  OD2   . ASP A 1 28  ? -5.871  18.978  -1.314  1.00 19.72 ? 39  ASP A OD2   1 
ATOM   229  N  N     . ASN A 1 29  ? -5.607  16.928  -3.742  1.00 19.31 ? 40  ASN A N     1 
ATOM   230  C  CA    . ASN A 1 29  ? -4.495  16.842  -4.680  1.00 19.47 ? 40  ASN A CA    1 
ATOM   231  C  C     . ASN A 1 29  ? -3.226  17.518  -4.176  1.00 19.24 ? 40  ASN A C     1 
ATOM   232  O  O     . ASN A 1 29  ? -2.141  17.291  -4.713  1.00 19.34 ? 40  ASN A O     1 
ATOM   233  C  CB    . ASN A 1 29  ? -4.888  17.441  -6.033  1.00 20.45 ? 40  ASN A CB    1 
ATOM   234  C  CG    . ASN A 1 29  ? -4.462  16.562  -7.202  1.00 21.37 ? 40  ASN A CG    1 
ATOM   235  O  OD1   . ASN A 1 29  ? -3.453  15.862  -7.131  0.00 21.40 ? 40  ASN A OD1   1 
ATOM   236  N  ND2   . ASN A 1 29  ? -5.227  16.606  -8.287  1.00 22.58 ? 40  ASN A ND2   1 
ATOM   237  N  N     . THR A 1 30  ? -3.360  18.347  -3.148  1.00 18.42 ? 41  THR A N     1 
ATOM   238  C  CA    . THR A 1 30  ? -2.214  19.044  -2.578  1.00 17.82 ? 41  THR A CA    1 
ATOM   239  C  C     . THR A 1 30  ? -1.342  18.099  -1.765  1.00 17.41 ? 41  THR A C     1 
ATOM   240  O  O     . THR A 1 30  ? -1.841  17.291  -0.986  1.00 17.49 ? 41  THR A O     1 
ATOM   241  C  CB    . THR A 1 30  ? -2.667  20.215  -1.692  1.00 18.13 ? 41  THR A CB    1 
ATOM   242  O  OG1   . THR A 1 30  ? -3.279  21.215  -2.517  1.00 17.11 ? 41  THR A OG1   1 
ATOM   243  C  CG2   . THR A 1 30  ? -1.481  20.821  -0.947  1.00 18.01 ? 41  THR A CG2   1 
ATOM   244  N  N     . TYR A 1 31  ? -0.033  18.215  -1.950  1.00 16.91 ? 42  TYR A N     1 
ATOM   245  C  CA    . TYR A 1 31  ? 0.923   17.363  -1.253  1.00 16.68 ? 42  TYR A CA    1 
ATOM   246  C  C     . TYR A 1 31  ? 1.302   17.863  0.138   1.00 16.84 ? 42  TYR A C     1 
ATOM   247  O  O     . TYR A 1 31  ? 1.695   19.012  0.317   1.00 16.19 ? 42  TYR A O     1 
ATOM   248  C  CB    . TYR A 1 31  ? 2.193   17.215  -2.100  1.00 16.46 ? 42  TYR A CB    1 
ATOM   249  C  CG    . TYR A 1 31  ? 3.312   16.440  -1.436  1.00 16.35 ? 42  TYR A CG    1 
ATOM   250  C  CD1   . TYR A 1 31  ? 4.585   16.995  -1.311  1.00 16.51 ? 42  TYR A CD1   1 
ATOM   251  C  CD2   . TYR A 1 31  ? 3.111   15.142  -0.962  1.00 16.32 ? 42  TYR A CD2   1 
ATOM   252  C  CE1   . TYR A 1 31  ? 5.636   16.276  -0.744  1.00 16.19 ? 42  TYR A CE1   1 
ATOM   253  C  CE2   . TYR A 1 31  ? 4.156   14.412  -0.391  1.00 16.31 ? 42  TYR A CE2   1 
ATOM   254  C  CZ    . TYR A 1 31  ? 5.415   14.989  -0.285  1.00 16.39 ? 42  TYR A CZ    1 
ATOM   255  O  OH    . TYR A 1 31  ? 6.460   14.272  0.251   1.00 16.59 ? 42  TYR A OH    1 
ATOM   256  N  N     . GLN A 1 32  ? 1.171   16.979  1.118   1.00 17.38 ? 43  GLN A N     1 
ATOM   257  C  CA    . GLN A 1 32  ? 1.536   17.272  2.495   1.00 17.97 ? 43  GLN A CA    1 
ATOM   258  C  C     . GLN A 1 32  ? 2.268   16.028  2.988   1.00 17.64 ? 43  GLN A C     1 
ATOM   259  O  O     . GLN A 1 32  ? 1.641   15.023  3.329   1.00 17.33 ? 43  GLN A O     1 
ATOM   260  C  CB    . GLN A 1 32  ? 0.292   17.523  3.353   1.00 19.18 ? 43  GLN A CB    1 
ATOM   261  C  CG    . GLN A 1 32  ? -0.421  18.842  3.064   1.00 21.07 ? 43  GLN A CG    1 
ATOM   262  C  CD    . GLN A 1 32  ? 0.427   20.053  3.407   1.00 22.38 ? 43  GLN A CD    1 
ATOM   263  O  OE1   . GLN A 1 32  ? 1.203   20.542  2.583   1.00 23.57 ? 43  GLN A OE1   1 
ATOM   264  N  NE2   . GLN A 1 32  ? 0.295   20.533  4.638   1.00 22.68 ? 43  GLN A NE2   1 
ATOM   265  N  N     . ALA A 1 33  ? 3.597   16.093  2.989   1.00 17.74 ? 44  ALA A N     1 
ATOM   266  C  CA    . ALA A 1 33  ? 4.428   14.977  3.417   1.00 17.53 ? 44  ALA A CA    1 
ATOM   267  C  C     . ALA A 1 33  ? 4.116   14.509  4.831   1.00 17.99 ? 44  ALA A C     1 
ATOM   268  O  O     . ALA A 1 33  ? 3.862   15.324  5.724   1.00 17.86 ? 44  ALA A O     1 
ATOM   269  C  CB    . ALA A 1 33  ? 5.911   15.358  3.311   1.00 17.77 ? 44  ALA A CB    1 
ATOM   270  N  N     . THR A 1 34  ? 4.121   13.191  5.026   1.00 17.67 ? 45  THR A N     1 
ATOM   271  C  CA    . THR A 1 34  ? 3.877   12.614  6.350   1.00 18.73 ? 45  THR A CA    1 
ATOM   272  C  C     . THR A 1 34  ? 5.234   12.656  7.039   1.00 19.90 ? 45  THR A C     1 
ATOM   273  O  O     . THR A 1 34  ? 6.230   12.215  6.472   1.00 19.48 ? 45  THR A O     1 
ATOM   274  C  CB    . THR A 1 34  ? 3.391   11.164  6.232   1.00 18.40 ? 45  THR A CB    1 
ATOM   275  O  OG1   . THR A 1 34  ? 2.120   11.146  5.572   1.00 16.47 ? 45  THR A OG1   1 
ATOM   276  C  CG2   . THR A 1 34  ? 3.224   10.529  7.610   1.00 18.44 ? 45  THR A CG2   1 
ATOM   277  N  N     . ILE A 1 35  ? 5.270   13.182  8.260   1.00 21.67 ? 46  ILE A N     1 
ATOM   278  C  CA    . ILE A 1 35  ? 6.524   13.317  8.993   1.00 23.53 ? 46  ILE A CA    1 
ATOM   279  C  C     . ILE A 1 35  ? 6.613   12.516  10.280  1.00 24.97 ? 46  ILE A C     1 
ATOM   280  O  O     . ILE A 1 35  ? 7.512   12.712  11.094  1.00 25.81 ? 46  ILE A O     1 
ATOM   281  C  CB    . ILE A 1 35  ? 6.759   14.781  9.301   0.50 23.74 ? 46  ILE A CB    1 
ATOM   282  C  CG1   . ILE A 1 35  ? 5.526   15.375  9.996   1.00 23.87 ? 46  ILE A CG1   1 
ATOM   283  C  CG2   . ILE A 1 35  ? 7.126   15.545  8.031   0.50 23.30 ? 46  ILE A CG2   1 
ATOM   284  C  CD1   . ILE A 1 35  ? 5.421   16.858  9.888   1.00 25.79 ? 46  ILE A CD1   1 
ATOM   285  N  N     . GLY A 1 36  ? 5.669   11.608  10.461  1.00 25.85 ? 47  GLY A N     1 
ATOM   286  C  CA    . GLY A 1 36  ? 5.663   10.741  11.625  1.00 27.38 ? 47  GLY A CA    1 
ATOM   287  C  C     . GLY A 1 36  ? 5.018   9.456   11.165  1.00 28.55 ? 47  GLY A C     1 
ATOM   288  O  O     . GLY A 1 36  ? 5.179   9.053   10.010  1.00 28.74 ? 47  GLY A O     1 
ATOM   289  N  N     . ILE A 1 37  ? 4.297   8.804   12.065  1.00 29.45 ? 48  ILE A N     1 
ATOM   290  C  CA    . ILE A 1 37  ? 3.592   7.579   11.722  1.00 30.36 ? 48  ILE A CA    1 
ATOM   291  C  C     . ILE A 1 37  ? 2.185   7.752   12.288  1.00 30.94 ? 48  ILE A C     1 
ATOM   292  O  O     . ILE A 1 37  ? 2.025   7.845   13.498  1.00 31.54 ? 48  ILE A O     1 
ATOM   293  C  CB    . ILE A 1 37  ? 4.232   6.331   12.382  1.00 30.30 ? 48  ILE A CB    1 
ATOM   294  C  CG1   . ILE A 1 37  ? 5.743   6.317   12.169  1.00 30.43 ? 48  ILE A CG1   1 
ATOM   295  C  CG2   . ILE A 1 37  ? 3.616   5.060   11.795  1.00 30.23 ? 48  ILE A CG2   1 
ATOM   296  C  CD1   . ILE A 1 37  ? 6.173   6.044   10.743  1.00 30.52 ? 48  ILE A CD1   1 
ATOM   297  N  N     . ASP A 1 38  ? 1.170   7.806   11.427  1.00 31.64 ? 49  ASP A N     1 
ATOM   298  C  CA    . ASP A 1 38  ? -0.217  7.931   11.896  1.00 31.88 ? 49  ASP A CA    1 
ATOM   299  C  C     . ASP A 1 38  ? -0.935  6.604   11.765  1.00 32.12 ? 49  ASP A C     1 
ATOM   300  O  O     . ASP A 1 38  ? -0.590  5.776   10.916  1.00 31.83 ? 49  ASP A O     1 
ATOM   301  C  CB    . ASP A 1 38  ? -1.041  8.945   11.086  1.00 32.25 ? 49  ASP A CB    1 
ATOM   302  C  CG    . ASP A 1 38  ? -0.215  10.022  10.435  0.50 32.53 ? 49  ASP A CG    1 
ATOM   303  O  OD1   . ASP A 1 38  ? -0.805  11.055  10.056  0.50 32.77 ? 49  ASP A OD1   1 
ATOM   304  O  OD2   . ASP A 1 38  ? 1.012   9.841   10.266  0.50 32.99 ? 49  ASP A OD2   1 
ATOM   305  N  N     . PHE A 1 39  ? -1.953  6.423   12.581  1.00 32.14 ? 50  PHE A N     1 
ATOM   306  C  CA    . PHE A 1 39  ? -2.767  5.208   12.505  1.00 32.61 ? 50  PHE A CA    1 
ATOM   307  C  C     . PHE A 1 39  ? -4.234  5.575   12.643  1.00 31.54 ? 50  PHE A C     1 
ATOM   308  O  O     . PHE A 1 39  ? -4.652  6.464   13.417  1.00 31.67 ? 50  PHE A O     1 
ATOM   309  C  CB    . PHE A 1 39  ? -2.341  4.191   13.571  1.00 34.56 ? 50  PHE A CB    1 
ATOM   310  C  CG    . PHE A 1 39  ? -3.476  3.542   14.277  1.00 36.35 ? 50  PHE A CG    1 
ATOM   311  C  CD1   . PHE A 1 39  ? -3.843  3.934   15.563  1.00 37.04 ? 50  PHE A CD1   1 
ATOM   312  C  CD2   . PHE A 1 39  ? -4.181  2.528   13.671  1.00 37.06 ? 50  PHE A CD2   1 
ATOM   313  C  CE1   . PHE A 1 39  ? -4.925  3.304   16.227  1.00 37.34 ? 50  PHE A CE1   1 
ATOM   314  C  CE2   . PHE A 1 39  ? -5.242  1.913   14.322  1.00 37.77 ? 50  PHE A CE2   1 
ATOM   315  C  CZ    . PHE A 1 39  ? -5.611  2.295   15.587  1.00 37.68 ? 50  PHE A CZ    1 
ATOM   316  N  N     . LEU A 1 40  ? -5.033  4.878   11.878  1.00 30.60 ? 51  LEU A N     1 
ATOM   317  C  CA    . LEU A 1 40  ? -6.451  5.095   11.893  1.00 28.76 ? 51  LEU A CA    1 
ATOM   318  C  C     . LEU A 1 40  ? -7.062  3.691   11.925  1.00 27.62 ? 51  LEU A C     1 
ATOM   319  O  O     . LEU A 1 40  ? -6.353  2.681   11.882  1.00 27.29 ? 51  LEU A O     1 
ATOM   320  C  CB    . LEU A 1 40  ? -6.890  5.813   10.618  1.00 29.92 ? 51  LEU A CB    1 
ATOM   321  C  CG    . LEU A 1 40  ? -6.302  7.175   10.254  1.00 30.22 ? 51  LEU A CG    1 
ATOM   322  C  CD1   . LEU A 1 40  ? -4.781  7.174   10.105  1.00 31.03 ? 51  LEU A CD1   1 
ATOM   323  C  CD2   . LEU A 1 40  ? -6.941  7.546   8.926   1.00 30.35 ? 51  LEU A CD2   1 
ATOM   324  N  N     . SER A 1 41  ? -8.378  3.630   12.034  1.00 25.85 ? 52  SER A N     1 
ATOM   325  C  CA    . SER A 1 41  ? -9.045  2.348   12.068  1.00 24.06 ? 52  SER A CA    1 
ATOM   326  C  C     . SER A 1 41  ? -10.449 2.546   11.567  1.00 22.75 ? 52  SER A C     1 
ATOM   327  O  O     . SER A 1 41  ? -11.001 3.640   11.658  1.00 21.66 ? 52  SER A O     1 
ATOM   328  C  CB    . SER A 1 41  ? -9.068  1.804   13.492  1.00 25.03 ? 52  SER A CB    1 
ATOM   329  O  OG    . SER A 1 41  ? -9.648  2.735   14.398  1.00 25.54 ? 52  SER A OG    1 
ATOM   330  N  N     . LYS A 1 42  ? -11.019 1.488   11.022  1.00 21.20 ? 53  LYS A N     1 
ATOM   331  C  CA    . LYS A 1 42  ? -12.365 1.553   10.512  1.00 20.47 ? 53  LYS A CA    1 
ATOM   332  C  C     . LYS A 1 42  ? -12.902 0.145   10.351  1.00 19.04 ? 53  LYS A C     1 
ATOM   333  O  O     . LYS A 1 42  ? -12.147 -0.799  10.107  1.00 18.32 ? 53  LYS A O     1 
ATOM   334  C  CB    . LYS A 1 42  ? -12.405 2.326   9.185   1.00 21.29 ? 53  LYS A CB    1 
ATOM   335  C  CG    . LYS A 1 42  ? -12.870 1.541   7.971   1.00 23.85 ? 53  LYS A CG    1 
ATOM   336  C  CD    . LYS A 1 42  ? -13.244 2.472   6.814   1.00 24.52 ? 53  LYS A CD    1 
ATOM   337  C  CE    . LYS A 1 42  ? -14.493 3.282   7.142   1.00 25.57 ? 53  LYS A CE    1 
ATOM   338  N  NZ    . LYS A 1 42  ? -14.917 4.170   6.022   0.50 25.05 ? 53  LYS A NZ    1 
ATOM   339  N  N     . THR A 1 43  ? -14.209 0.005   10.520  1.00 17.82 ? 54  THR A N     1 
ATOM   340  C  CA    . THR A 1 43  ? -14.858 -1.288  10.394  1.00 17.40 ? 54  THR A CA    1 
ATOM   341  C  C     . THR A 1 43  ? -15.437 -1.367  8.994   1.00 16.86 ? 54  THR A C     1 
ATOM   342  O  O     . THR A 1 43  ? -16.120 -0.448  8.548   1.00 16.38 ? 54  THR A O     1 
ATOM   343  C  CB    . THR A 1 43  ? -15.982 -1.432  11.433  1.00 17.24 ? 54  THR A CB    1 
ATOM   344  O  OG1   . THR A 1 43  ? -15.429 -1.272  12.744  1.00 17.60 ? 54  THR A OG1   1 
ATOM   345  C  CG2   . THR A 1 43  ? -16.643 -2.797  11.326  1.00 17.22 ? 54  THR A CG2   1 
ATOM   346  N  N     . MET A 1 44  ? -15.145 -2.456  8.295   1.00 16.99 ? 55  MET A N     1 
ATOM   347  C  CA    . MET A 1 44  ? -15.658 -2.618  6.946   1.00 17.23 ? 55  MET A CA    1 
ATOM   348  C  C     . MET A 1 44  ? -16.468 -3.901  6.853   1.00 16.85 ? 55  MET A C     1 
ATOM   349  O  O     . MET A 1 44  ? -16.427 -4.744  7.750   1.00 16.81 ? 55  MET A O     1 
ATOM   350  C  CB    . MET A 1 44  ? -14.507 -2.650  5.936   1.00 18.80 ? 55  MET A CB    1 
ATOM   351  C  CG    . MET A 1 44  ? -13.824 -3.995  5.796   1.00 21.01 ? 55  MET A CG    1 
ATOM   352  S  SD    . MET A 1 44  ? -12.371 -3.937  4.722   1.00 24.02 ? 55  MET A SD    1 
ATOM   353  C  CE    . MET A 1 44  ? -13.110 -3.477  3.205   1.00 22.57 ? 55  MET A CE    1 
ATOM   354  N  N     . TYR A 1 45  ? -17.218 -4.037  5.768   1.00 15.91 ? 56  TYR A N     1 
ATOM   355  C  CA    . TYR A 1 45  ? -18.033 -5.218  5.552   1.00 15.99 ? 56  TYR A CA    1 
ATOM   356  C  C     . TYR A 1 45  ? -17.446 -6.116  4.479   1.00 16.13 ? 56  TYR A C     1 
ATOM   357  O  O     . TYR A 1 45  ? -16.933 -5.632  3.473   1.00 16.14 ? 56  TYR A O     1 
ATOM   358  C  CB    . TYR A 1 45  ? -19.446 -4.842  5.095   1.00 16.19 ? 56  TYR A CB    1 
ATOM   359  C  CG    . TYR A 1 45  ? -20.146 -6.028  4.465   1.00 16.37 ? 56  TYR A CG    1 
ATOM   360  C  CD1   . TYR A 1 45  ? -20.668 -7.047  5.257   1.00 16.26 ? 56  TYR A CD1   1 
ATOM   361  C  CD2   . TYR A 1 45  ? -20.161 -6.197  3.078   1.00 16.82 ? 56  TYR A CD2   1 
ATOM   362  C  CE1   . TYR A 1 45  ? -21.172 -8.214  4.690   1.00 16.33 ? 56  TYR A CE1   1 
ATOM   363  C  CE2   . TYR A 1 45  ? -20.661 -7.363  2.500   1.00 17.04 ? 56  TYR A CE2   1 
ATOM   364  C  CZ    . TYR A 1 45  ? -21.161 -8.367  3.312   1.00 17.21 ? 56  TYR A CZ    1 
ATOM   365  O  OH    . TYR A 1 45  ? -21.605 -9.547  2.754   1.00 16.76 ? 56  TYR A OH    1 
ATOM   366  N  N     . LEU A 1 46  ? -17.536 -7.423  4.694   1.00 16.34 ? 57  LEU A N     1 
ATOM   367  C  CA    . LEU A 1 46  ? -17.090 -8.389  3.701   1.00 16.88 ? 57  LEU A CA    1 
ATOM   368  C  C     . LEU A 1 46  ? -17.476 -9.802  4.097   1.00 16.10 ? 57  LEU A C     1 
ATOM   369  O  O     . LEU A 1 46  ? -17.517 -10.140 5.278   1.00 14.82 ? 57  LEU A O     1 
ATOM   370  C  CB    . LEU A 1 46  ? -15.573 -8.329  3.460   1.00 18.79 ? 57  LEU A CB    1 
ATOM   371  C  CG    . LEU A 1 46  ? -14.602 -9.056  4.385   1.00 19.43 ? 57  LEU A CG    1 
ATOM   372  C  CD1   . LEU A 1 46  ? -13.268 -9.290  3.674   1.00 20.34 ? 57  LEU A CD1   1 
ATOM   373  C  CD2   . LEU A 1 46  ? -14.414 -8.235  5.631   1.00 20.58 ? 57  LEU A CD2   1 
ATOM   374  N  N     . GLU A 1 47  ? -17.786 -10.603 3.083   1.00 16.26 ? 58  GLU A N     1 
ATOM   375  C  CA    . GLU A 1 47  ? -18.142 -12.005 3.244   1.00 16.49 ? 58  GLU A CA    1 
ATOM   376  C  C     . GLU A 1 47  ? -19.047 -12.334 4.429   1.00 16.39 ? 58  GLU A C     1 
ATOM   377  O  O     . GLU A 1 47  ? -18.703 -13.147 5.286   1.00 15.42 ? 58  GLU A O     1 
ATOM   378  C  CB    . GLU A 1 47  ? -16.850 -12.823 3.298   1.00 18.19 ? 58  GLU A CB    1 
ATOM   379  C  CG    . GLU A 1 47  ? -15.924 -12.477 2.139   1.00 19.34 ? 58  GLU A CG    1 
ATOM   380  C  CD    . GLU A 1 47  ? -14.576 -13.156 2.221   1.00 20.31 ? 58  GLU A CD    1 
ATOM   381  O  OE1   . GLU A 1 47  ? -13.693 -12.799 1.416   1.00 21.23 ? 58  GLU A OE1   1 
ATOM   382  O  OE2   . GLU A 1 47  ? -14.401 -14.043 3.080   1.00 22.17 ? 58  GLU A OE2   1 
ATOM   383  N  N     . ASP A 1 48  ? -20.212 -11.694 4.456   1.00 16.03 ? 59  ASP A N     1 
ATOM   384  C  CA    . ASP A 1 48  ? -21.209 -11.911 5.496   1.00 16.07 ? 59  ASP A CA    1 
ATOM   385  C  C     . ASP A 1 48  ? -20.774 -11.585 6.918   1.00 15.42 ? 59  ASP A C     1 
ATOM   386  O  O     . ASP A 1 48  ? -21.309 -12.140 7.875   1.00 15.49 ? 59  ASP A O     1 
ATOM   387  C  CB    . ASP A 1 48  ? -21.728 -13.353 5.443   1.00 17.23 ? 59  ASP A CB    1 
ATOM   388  C  CG    . ASP A 1 48  ? -22.411 -13.677 4.128   1.00 19.13 ? 59  ASP A CG    1 
ATOM   389  O  OD1   . ASP A 1 48  ? -22.744 -12.733 3.382   1.00 19.62 ? 59  ASP A OD1   1 
ATOM   390  O  OD2   . ASP A 1 48  ? -22.623 -14.874 3.846   0.50 19.59 ? 59  ASP A OD2   1 
ATOM   391  N  N     . ARG A 1 49  ? -19.801 -10.693 7.063   1.00 14.44 ? 60  ARG A N     1 
ATOM   392  C  CA    . ARG A 1 49  ? -19.357 -10.295 8.394   1.00 14.59 ? 60  ARG A CA    1 
ATOM   393  C  C     . ARG A 1 49  ? -18.742 -8.907  8.347   1.00 14.55 ? 60  ARG A C     1 
ATOM   394  O  O     . ARG A 1 49  ? -18.731 -8.252  7.310   1.00 13.41 ? 60  ARG A O     1 
ATOM   395  C  CB    . ARG A 1 49  ? -18.334 -11.285 8.966   1.00 14.51 ? 60  ARG A CB    1 
ATOM   396  C  CG    . ARG A 1 49  ? -17.017 -11.378 8.205   1.00 14.67 ? 60  ARG A CG    1 
ATOM   397  C  CD    . ARG A 1 49  ? -15.937 -12.068 9.044   1.00 14.73 ? 60  ARG A CD    1 
ATOM   398  N  NE    . ARG A 1 49  ? -15.407 -11.188 10.088  1.00 15.85 ? 60  ARG A NE    1 
ATOM   399  C  CZ    . ARG A 1 49  ? -14.541 -11.565 11.027  1.00 16.23 ? 60  ARG A CZ    1 
ATOM   400  N  NH1   . ARG A 1 49  ? -14.116 -10.690 11.929  1.00 16.10 ? 60  ARG A NH1   1 
ATOM   401  N  NH2   . ARG A 1 49  ? -14.104 -12.816 11.075  1.00 16.05 ? 60  ARG A NH2   1 
ATOM   402  N  N     . THR A 1 50  ? -18.249 -8.463  9.491   1.00 14.84 ? 61  THR A N     1 
ATOM   403  C  CA    . THR A 1 50  ? -17.606 -7.171  9.602   1.00 15.82 ? 61  THR A CA    1 
ATOM   404  C  C     . THR A 1 50  ? -16.177 -7.431  10.056  1.00 16.58 ? 61  THR A C     1 
ATOM   405  O  O     . THR A 1 50  ? -15.909 -8.435  10.702  1.00 16.50 ? 61  THR A O     1 
ATOM   406  C  CB    . THR A 1 50  ? -18.336 -6.263  10.625  1.00 15.90 ? 61  THR A CB    1 
ATOM   407  O  OG1   . THR A 1 50  ? -18.592 -6.997  11.821  1.00 15.81 ? 61  THR A OG1   1 
ATOM   408  C  CG2   . THR A 1 50  ? -19.658 -5.772  10.061  1.00 16.10 ? 61  THR A CG2   1 
ATOM   409  N  N     . VAL A 1 51  ? -15.258 -6.551  9.680   1.00 17.27 ? 62  VAL A N     1 
ATOM   410  C  CA    . VAL A 1 51  ? -13.870 -6.692  10.092  1.00 17.83 ? 62  VAL A CA    1 
ATOM   411  C  C     . VAL A 1 51  ? -13.343 -5.339  10.513  1.00 17.90 ? 62  VAL A C     1 
ATOM   412  O  O     . VAL A 1 51  ? -13.607 -4.335  9.863   1.00 17.56 ? 62  VAL A O     1 
ATOM   413  C  CB    . VAL A 1 51  ? -12.966 -7.228  8.953   1.00 18.83 ? 62  VAL A CB    1 
ATOM   414  C  CG1   . VAL A 1 51  ? -13.481 -8.571  8.513   1.00 19.59 ? 62  VAL A CG1   1 
ATOM   415  C  CG2   . VAL A 1 51  ? -12.921 -6.241  7.808   1.00 20.10 ? 62  VAL A CG2   1 
ATOM   416  N  N     . ARG A 1 52  ? -12.595 -5.328  11.609  1.00 18.19 ? 63  ARG A N     1 
ATOM   417  C  CA    . ARG A 1 52  ? -12.028 -4.094  12.123  1.00 18.55 ? 63  ARG A CA    1 
ATOM   418  C  C     . ARG A 1 52  ? -10.600 -3.964  11.622  1.00 18.61 ? 63  ARG A C     1 
ATOM   419  O  O     . ARG A 1 52  ? -9.734  -4.755  11.988  1.00 18.18 ? 63  ARG A O     1 
ATOM   420  C  CB    . ARG A 1 52  ? -12.038 -4.095  13.651  1.00 19.05 ? 63  ARG A CB    1 
ATOM   421  C  CG    . ARG A 1 52  ? -13.423 -4.324  14.227  0.50 18.93 ? 63  ARG A CG    1 
ATOM   422  C  CD    . ARG A 1 52  ? -13.411 -4.341  15.742  0.50 19.45 ? 63  ARG A CD    1 
ATOM   423  N  NE    . ARG A 1 52  ? -14.737 -4.640  16.273  0.50 19.53 ? 63  ARG A NE    1 
ATOM   424  C  CZ    . ARG A 1 52  ? -15.125 -4.398  17.520  0.50 19.99 ? 63  ARG A CZ    1 
ATOM   425  N  NH1   . ARG A 1 52  ? -14.288 -3.846  18.388  0.50 20.31 ? 63  ARG A NH1   1 
ATOM   426  N  NH2   . ARG A 1 52  ? -16.362 -4.700  17.897  0.50 20.05 ? 63  ARG A NH2   1 
ATOM   427  N  N     . LEU A 1 53  ? -10.359 -2.975  10.768  1.00 18.55 ? 64  LEU A N     1 
ATOM   428  C  CA    . LEU A 1 53  ? -9.023  -2.774  10.236  1.00 18.91 ? 64  LEU A CA    1 
ATOM   429  C  C     . LEU A 1 53  ? -8.279  -1.662  10.943  1.00 18.95 ? 64  LEU A C     1 
ATOM   430  O  O     . LEU A 1 53  ? -8.859  -0.646  11.330  1.00 18.53 ? 64  LEU A O     1 
ATOM   431  C  CB    . LEU A 1 53  ? -9.066  -2.463  8.737   1.00 20.17 ? 64  LEU A CB    1 
ATOM   432  C  CG    . LEU A 1 53  ? -9.537  -3.550  7.772   1.00 21.12 ? 64  LEU A CG    1 
ATOM   433  C  CD1   . LEU A 1 53  ? -9.197  -3.115  6.360   1.00 22.06 ? 64  LEU A CD1   1 
ATOM   434  C  CD2   . LEU A 1 53  ? -8.858  -4.875  8.077   1.00 21.74 ? 64  LEU A CD2   1 
ATOM   435  N  N     . GLN A 1 54  ? -6.981  -1.886  11.107  1.00 18.90 ? 65  GLN A N     1 
ATOM   436  C  CA    . GLN A 1 54  ? -6.069  -0.938  11.727  1.00 19.42 ? 65  GLN A CA    1 
ATOM   437  C  C     . GLN A 1 54  ? -5.071  -0.594  10.625  1.00 19.20 ? 65  GLN A C     1 
ATOM   438  O  O     . GLN A 1 54  ? -4.465  -1.488  10.039  1.00 18.31 ? 65  GLN A O     1 
ATOM   439  C  CB    . GLN A 1 54  ? -5.349  -1.596  12.904  1.00 20.59 ? 65  GLN A CB    1 
ATOM   440  C  CG    . GLN A 1 54  ? -4.229  -0.765  13.493  0.50 22.48 ? 65  GLN A CG    1 
ATOM   441  C  CD    . GLN A 1 54  ? -3.737  -1.310  14.815  0.50 22.83 ? 65  GLN A CD    1 
ATOM   442  O  OE1   . GLN A 1 54  ? -3.632  -0.582  15.801  0.50 24.01 ? 65  GLN A OE1   1 
ATOM   443  N  NE2   . GLN A 1 54  ? -3.439  -2.605  14.844  0.50 24.40 ? 65  GLN A NE2   1 
ATOM   444  N  N     . LEU A 1 55  ? -4.918  0.691   10.322  1.00 19.27 ? 66  LEU A N     1 
ATOM   445  C  CA    . LEU A 1 55  ? -4.005  1.104   9.257   1.00 19.65 ? 66  LEU A CA    1 
ATOM   446  C  C     . LEU A 1 55  ? -2.844  1.979   9.729   1.00 19.74 ? 66  LEU A C     1 
ATOM   447  O  O     . LEU A 1 55  ? -3.041  2.936   10.480  1.00 20.53 ? 66  LEU A O     1 
ATOM   448  C  CB    . LEU A 1 55  ? -4.772  1.861   8.169   1.00 20.05 ? 66  LEU A CB    1 
ATOM   449  C  CG    . LEU A 1 55  ? -6.146  1.331   7.752   1.00 20.24 ? 66  LEU A CG    1 
ATOM   450  C  CD1   . LEU A 1 55  ? -6.717  2.203   6.639   1.00 20.95 ? 66  LEU A CD1   1 
ATOM   451  C  CD2   . LEU A 1 55  ? -6.023  -0.107  7.291   1.00 20.41 ? 66  LEU A CD2   1 
ATOM   452  N  N     . TRP A 1 56  ? -1.636  1.646   9.282   1.00 19.55 ? 67  TRP A N     1 
ATOM   453  C  CA    . TRP A 1 56  ? -0.456  2.427   9.636   1.00 19.53 ? 67  TRP A CA    1 
ATOM   454  C  C     . TRP A 1 56  ? 0.122   3.106   8.420   1.00 17.99 ? 67  TRP A C     1 
ATOM   455  O  O     . TRP A 1 56  ? 0.493   2.455   7.448   1.00 17.35 ? 67  TRP A O     1 
ATOM   456  C  CB    . TRP A 1 56  ? 0.619   1.554   10.276  1.00 22.11 ? 67  TRP A CB    1 
ATOM   457  C  CG    . TRP A 1 56  ? 0.126   0.942   11.511  1.00 25.06 ? 67  TRP A CG    1 
ATOM   458  C  CD1   . TRP A 1 56  ? -0.495  -0.263  11.630  1.00 26.13 ? 67  TRP A CD1   1 
ATOM   459  C  CD2   . TRP A 1 56  ? 0.042   1.572   12.786  1.00 25.94 ? 67  TRP A CD2   1 
ATOM   460  N  NE1   . TRP A 1 56  ? -0.975  -0.424  12.905  1.00 27.67 ? 67  TRP A NE1   1 
ATOM   461  C  CE2   . TRP A 1 56  ? -0.660  0.692   13.642  1.00 26.54 ? 67  TRP A CE2   1 
ATOM   462  C  CE3   . TRP A 1 56  ? 0.484   2.797   13.306  1.00 26.40 ? 67  TRP A CE3   1 
ATOM   463  C  CZ2   . TRP A 1 56  ? -0.931  0.993   14.976  1.00 27.41 ? 67  TRP A CZ2   1 
ATOM   464  C  CZ3   . TRP A 1 56  ? 0.215   3.101   14.635  1.00 27.05 ? 67  TRP A CZ3   1 
ATOM   465  C  CH2   . TRP A 1 56  ? -0.489  2.200   15.453  1.00 27.34 ? 67  TRP A CH2   1 
ATOM   466  N  N     . ASP A 1 57  ? 0.197   4.426   8.494   1.00 16.41 ? 68  ASP A N     1 
ATOM   467  C  CA    . ASP A 1 57  ? 0.728   5.231   7.412   1.00 16.55 ? 68  ASP A CA    1 
ATOM   468  C  C     . ASP A 1 57  ? 2.148   5.614   7.808   1.00 16.65 ? 68  ASP A C     1 
ATOM   469  O  O     . ASP A 1 57  ? 2.350   6.280   8.821   1.00 17.87 ? 68  ASP A O     1 
ATOM   470  C  CB    . ASP A 1 57  ? -0.136  6.477   7.244   1.00 15.38 ? 68  ASP A CB    1 
ATOM   471  C  CG    . ASP A 1 57  ? 0.213   7.264   6.006   1.00 14.74 ? 68  ASP A CG    1 
ATOM   472  O  OD1   . ASP A 1 57  ? 1.016   6.763   5.195   1.00 13.25 ? 68  ASP A OD1   1 
ATOM   473  O  OD2   . ASP A 1 57  ? -0.329  8.376   5.847   1.00 15.01 ? 68  ASP A OD2   1 
ATOM   474  N  N     . THR A 1 58  ? 3.128   5.178   7.022   1.00 16.17 ? 69  THR A N     1 
ATOM   475  C  CA    . THR A 1 58  ? 4.525   5.476   7.318   1.00 16.22 ? 69  THR A CA    1 
ATOM   476  C  C     . THR A 1 58  ? 5.046   6.621   6.466   1.00 16.30 ? 69  THR A C     1 
ATOM   477  O  O     . THR A 1 58  ? 4.504   6.911   5.399   1.00 15.24 ? 69  THR A O     1 
ATOM   478  C  CB    . THR A 1 58  ? 5.433   4.249   7.083   1.00 16.05 ? 69  THR A CB    1 
ATOM   479  O  OG1   . THR A 1 58  ? 5.472   3.938   5.685   1.00 16.61 ? 69  THR A OG1   1 
ATOM   480  C  CG2   . THR A 1 58  ? 4.913   3.040   7.859   1.00 16.08 ? 69  THR A CG2   1 
ATOM   481  N  N     . ALA A 1 59  ? 6.100   7.270   6.950   1.00 16.45 ? 70  ALA A N     1 
ATOM   482  C  CA    . ALA A 1 59  ? 6.721   8.384   6.246   1.00 17.42 ? 70  ALA A CA    1 
ATOM   483  C  C     . ALA A 1 59  ? 7.683   7.828   5.205   1.00 18.01 ? 70  ALA A C     1 
ATOM   484  O  O     . ALA A 1 59  ? 8.609   7.087   5.536   1.00 18.61 ? 70  ALA A O     1 
ATOM   485  C  CB    . ALA A 1 59  ? 7.472   9.272   7.232   1.00 17.43 ? 70  ALA A CB    1 
ATOM   486  N  N     . GLY A 1 60  ? 7.466   8.199   3.948   1.00 18.28 ? 71  GLY A N     1 
ATOM   487  C  CA    . GLY A 1 60  ? 8.305   7.715   2.868   1.00 18.71 ? 71  GLY A CA    1 
ATOM   488  C  C     . GLY A 1 60  ? 9.643   8.406   2.666   1.00 19.93 ? 71  GLY A C     1 
ATOM   489  O  O     . GLY A 1 60  ? 10.540  7.818   2.057   1.00 20.42 ? 71  GLY A O     1 
ATOM   490  N  N     . GLN A 1 61  ? 9.794   9.639   3.144   1.00 19.92 ? 72  GLN A N     1 
ATOM   491  C  CA    . GLN A 1 61  ? 11.069  10.333  2.982   1.00 20.66 ? 72  GLN A CA    1 
ATOM   492  C  C     . GLN A 1 61  ? 12.138  9.525   3.707   1.00 20.88 ? 72  GLN A C     1 
ATOM   493  O  O     . GLN A 1 61  ? 11.907  9.010   4.799   1.00 20.22 ? 72  GLN A O     1 
ATOM   494  C  CB    . GLN A 1 61  ? 10.993  11.758  3.533   1.00 21.37 ? 72  GLN A CB    1 
ATOM   495  C  CG    . GLN A 1 61  ? 10.050  12.654  2.739   1.00 22.24 ? 72  GLN A CG    1 
ATOM   496  C  CD    . GLN A 1 61  ? 10.064  14.092  3.205   1.00 22.20 ? 72  GLN A CD    1 
ATOM   497  O  OE1   . GLN A 1 61  ? 10.982  14.854  2.888   1.00 22.25 ? 72  GLN A OE1   1 
ATOM   498  N  NE2   . GLN A 1 61  ? 9.046   14.475  3.969   1.00 22.16 ? 72  GLN A NE2   1 
ATOM   499  N  N     . GLU A 1 62  ? 13.309  9.420   3.092   1.00 21.20 ? 73  GLU A N     1 
ATOM   500  C  CA    . GLU A 1 62  ? 14.391  8.619   3.648   1.00 21.85 ? 73  GLU A CA    1 
ATOM   501  C  C     . GLU A 1 62  ? 14.866  8.914   5.067   1.00 22.05 ? 73  GLU A C     1 
ATOM   502  O  O     . GLU A 1 62  ? 15.420  8.028   5.715   1.00 21.80 ? 73  GLU A O     1 
ATOM   503  C  CB    . GLU A 1 62  ? 15.597  8.641   2.707   0.50 22.13 ? 73  GLU A CB    1 
ATOM   504  C  CG    . GLU A 1 62  ? 16.440  9.896   2.777   0.50 22.48 ? 73  GLU A CG    1 
ATOM   505  C  CD    . GLU A 1 62  ? 17.727  9.756   1.990   0.30 22.66 ? 73  GLU A CD    1 
ATOM   506  O  OE1   . GLU A 1 62  ? 18.568  10.677  2.045   0.30 22.87 ? 73  GLU A OE1   1 
ATOM   507  O  OE2   . GLU A 1 62  ? 17.897  8.719   1.313   0.30 22.74 ? 73  GLU A OE2   1 
ATOM   508  N  N     . ARG A 1 63  ? 14.665  10.129  5.565   1.00 22.49 ? 74  ARG A N     1 
ATOM   509  C  CA    . ARG A 1 63  ? 15.132  10.427  6.918   1.00 23.12 ? 74  ARG A CA    1 
ATOM   510  C  C     . ARG A 1 63  ? 14.313  9.749   8.017   1.00 23.28 ? 74  ARG A C     1 
ATOM   511  O  O     . ARG A 1 63  ? 14.722  9.735   9.179   1.00 23.58 ? 74  ARG A O     1 
ATOM   512  C  CB    . ARG A 1 63  ? 15.191  11.943  7.161   1.00 23.17 ? 74  ARG A CB    1 
ATOM   513  C  CG    . ARG A 1 63  ? 13.865  12.690  7.119   1.00 23.45 ? 74  ARG A CG    1 
ATOM   514  C  CD    . ARG A 1 63  ? 14.086  14.153  7.515   1.00 23.49 ? 74  ARG A CD    1 
ATOM   515  N  NE    . ARG A 1 63  ? 12.857  14.939  7.551   1.00 23.97 ? 74  ARG A NE    1 
ATOM   516  C  CZ    . ARG A 1 63  ? 12.184  15.336  6.473   1.00 24.05 ? 74  ARG A CZ    1 
ATOM   517  N  NH1   . ARG A 1 63  ? 12.619  15.021  5.259   1.00 23.39 ? 74  ARG A NH1   1 
ATOM   518  N  NH2   . ARG A 1 63  ? 11.077  16.053  6.611   1.00 24.11 ? 74  ARG A NH2   1 
ATOM   519  N  N     . PHE A 1 64  ? 13.172  9.171   7.650   1.00 23.01 ? 75  PHE A N     1 
ATOM   520  C  CA    . PHE A 1 64  ? 12.310  8.503   8.622   1.00 22.83 ? 75  PHE A CA    1 
ATOM   521  C  C     . PHE A 1 64  ? 12.365  6.978   8.545   1.00 22.96 ? 75  PHE A C     1 
ATOM   522  O  O     . PHE A 1 64  ? 11.658  6.294   9.285   1.00 22.60 ? 75  PHE A O     1 
ATOM   523  C  CB    . PHE A 1 64  ? 10.852  8.932   8.430   1.00 22.65 ? 75  PHE A CB    1 
ATOM   524  C  CG    . PHE A 1 64  ? 10.644  10.414  8.459   1.00 22.72 ? 75  PHE A CG    1 
ATOM   525  C  CD1   . PHE A 1 64  ? 10.418  11.122  7.282   1.00 22.50 ? 75  PHE A CD1   1 
ATOM   526  C  CD2   . PHE A 1 64  ? 10.664  11.106  9.666   1.00 22.37 ? 75  PHE A CD2   1 
ATOM   527  C  CE1   . PHE A 1 64  ? 10.215  12.499  7.306   1.00 21.98 ? 75  PHE A CE1   1 
ATOM   528  C  CE2   . PHE A 1 64  ? 10.464  12.483  9.703   1.00 22.20 ? 75  PHE A CE2   1 
ATOM   529  C  CZ    . PHE A 1 64  ? 10.237  13.181  8.517   1.00 22.82 ? 75  PHE A CZ    1 
ATOM   530  N  N     . ARG A 1 65  ? 13.201  6.445   7.666   1.00 23.38 ? 76  ARG A N     1 
ATOM   531  C  CA    . ARG A 1 65  ? 13.274  4.998   7.501   1.00 23.90 ? 76  ARG A CA    1 
ATOM   532  C  C     . ARG A 1 65  ? 13.579  4.199   8.767   1.00 23.28 ? 76  ARG A C     1 
ATOM   533  O  O     . ARG A 1 65  ? 13.057  3.098   8.941   1.00 23.11 ? 76  ARG A O     1 
ATOM   534  C  CB    . ARG A 1 65  ? 14.281  4.644   6.404   1.00 25.20 ? 76  ARG A CB    1 
ATOM   535  C  CG    . ARG A 1 65  ? 15.727  4.917   6.755   1.00 26.42 ? 76  ARG A CG    1 
ATOM   536  C  CD    . ARG A 1 65  ? 16.620  4.745   5.537   1.00 27.39 ? 76  ARG A CD    1 
ATOM   537  N  NE    . ARG A 1 65  ? 18.018  4.572   5.915   0.50 27.11 ? 76  ARG A NE    1 
ATOM   538  C  CZ    . ARG A 1 65  ? 18.533  3.430   6.358   0.50 27.32 ? 76  ARG A CZ    1 
ATOM   539  N  NH1   . ARG A 1 65  ? 17.768  2.352   6.471   0.50 27.45 ? 76  ARG A NH1   1 
ATOM   540  N  NH2   . ARG A 1 65  ? 19.812  3.370   6.701   0.50 27.46 ? 76  ARG A NH2   1 
ATOM   541  N  N     . SER A 1 66  ? 14.409  4.744   9.653   1.00 22.69 ? 77  SER A N     1 
ATOM   542  C  CA    . SER A 1 66  ? 14.761  4.035   10.884  1.00 21.99 ? 77  SER A CA    1 
ATOM   543  C  C     . SER A 1 66  ? 13.580  3.838   11.838  1.00 21.47 ? 77  SER A C     1 
ATOM   544  O  O     . SER A 1 66  ? 13.671  3.069   12.793  1.00 21.46 ? 77  SER A O     1 
ATOM   545  C  CB    . SER A 1 66  ? 15.893  4.767   11.614  1.00 22.73 ? 77  SER A CB    1 
ATOM   546  O  OG    . SER A 1 66  ? 15.485  6.055   12.043  1.00 24.15 ? 77  SER A OG    1 
ATOM   547  N  N     . LEU A 1 67  ? 12.473  4.525   11.573  1.00 20.49 ? 78  LEU A N     1 
ATOM   548  C  CA    . LEU A 1 67  ? 11.279  4.425   12.414  1.00 19.53 ? 78  LEU A CA    1 
ATOM   549  C  C     . LEU A 1 67  ? 10.308  3.341   11.956  1.00 18.97 ? 78  LEU A C     1 
ATOM   550  O  O     . LEU A 1 67  ? 9.384   2.981   12.681  1.00 18.16 ? 78  LEU A O     1 
ATOM   551  C  CB    . LEU A 1 67  ? 10.519  5.754   12.400  1.00 20.26 ? 78  LEU A CB    1 
ATOM   552  C  CG    . LEU A 1 67  ? 11.202  7.046   12.848  1.00 20.18 ? 78  LEU A CG    1 
ATOM   553  C  CD1   . LEU A 1 67  ? 10.275  8.226   12.589  1.00 20.67 ? 78  LEU A CD1   1 
ATOM   554  C  CD2   . LEU A 1 67  ? 11.551  6.946   14.316  1.00 20.93 ? 78  LEU A CD2   1 
ATOM   555  N  N     . ILE A 1 68  ? 10.526  2.818   10.755  1.00 18.81 ? 79  ILE A N     1 
ATOM   556  C  CA    . ILE A 1 68  ? 9.619   1.845   10.158  1.00 19.18 ? 79  ILE A CA    1 
ATOM   557  C  C     . ILE A 1 68  ? 9.621   0.370   10.589  1.00 18.93 ? 79  ILE A C     1 
ATOM   558  O  O     . ILE A 1 68  ? 8.558   -0.245  10.688  1.00 18.15 ? 79  ILE A O     1 
ATOM   559  C  CB    . ILE A 1 68  ? 9.732   1.965   8.616   1.00 19.69 ? 79  ILE A CB    1 
ATOM   560  C  CG1   . ILE A 1 68  ? 9.159   3.323   8.196   1.00 20.00 ? 79  ILE A CG1   1 
ATOM   561  C  CG2   . ILE A 1 68  ? 9.017   0.815   7.922   1.00 20.53 ? 79  ILE A CG2   1 
ATOM   562  C  CD1   . ILE A 1 68  ? 9.507   3.751   6.791   1.00 20.46 ? 79  ILE A CD1   1 
ATOM   563  N  N     . PRO A 1 69  ? 10.795  -0.218  10.859  1.00 19.54 ? 80  PRO A N     1 
ATOM   564  C  CA    . PRO A 1 69  ? 10.818  -1.628  11.270  1.00 19.73 ? 80  PRO A CA    1 
ATOM   565  C  C     . PRO A 1 69  ? 9.842   -2.009  12.387  1.00 20.32 ? 80  PRO A C     1 
ATOM   566  O  O     . PRO A 1 69  ? 9.191   -3.054  12.318  1.00 19.87 ? 80  PRO A O     1 
ATOM   567  C  CB    . PRO A 1 69  ? 12.273  -1.839  11.672  1.00 20.07 ? 80  PRO A CB    1 
ATOM   568  C  CG    . PRO A 1 69  ? 12.994  -0.967  10.693  1.00 20.05 ? 80  PRO A CG    1 
ATOM   569  C  CD    . PRO A 1 69  ? 12.164  0.306   10.727  1.00 19.46 ? 80  PRO A CD    1 
ATOM   570  N  N     . SER A 1 70  ? 9.740   -1.169  13.413  1.00 20.61 ? 81  SER A N     1 
ATOM   571  C  CA    . SER A 1 70  ? 8.843   -1.448  14.533  1.00 21.78 ? 81  SER A CA    1 
ATOM   572  C  C     . SER A 1 70  ? 7.417   -1.716  14.075  1.00 21.87 ? 81  SER A C     1 
ATOM   573  O  O     . SER A 1 70  ? 6.703   -2.520  14.677  1.00 22.59 ? 81  SER A O     1 
ATOM   574  C  CB    . SER A 1 70  ? 8.838   -0.279  15.523  1.00 21.96 ? 81  SER A CB    1 
ATOM   575  O  OG    . SER A 1 70  ? 10.128  -0.064  16.065  1.00 25.05 ? 81  SER A OG    1 
ATOM   576  N  N     . TYR A 1 71  ? 7.005   -1.043  13.006  1.00 21.98 ? 82  TYR A N     1 
ATOM   577  C  CA    . TYR A 1 71  ? 5.654   -1.202  12.483  1.00 22.03 ? 82  TYR A CA    1 
ATOM   578  C  C     . TYR A 1 71  ? 5.474   -2.441  11.616  1.00 21.77 ? 82  TYR A C     1 
ATOM   579  O  O     . TYR A 1 71  ? 4.404   -3.049  11.614  1.00 21.73 ? 82  TYR A O     1 
ATOM   580  C  CB    . TYR A 1 71  ? 5.260   0.058   11.717  1.00 21.83 ? 82  TYR A CB    1 
ATOM   581  C  CG    . TYR A 1 71  ? 5.188   1.254   12.632  1.00 22.47 ? 82  TYR A CG    1 
ATOM   582  C  CD1   . TYR A 1 71  ? 4.075   1.465   13.442  1.00 22.43 ? 82  TYR A CD1   1 
ATOM   583  C  CD2   . TYR A 1 71  ? 6.264   2.133   12.747  1.00 22.65 ? 82  TYR A CD2   1 
ATOM   584  C  CE1   . TYR A 1 71  ? 4.037   2.516   14.355  1.00 23.41 ? 82  TYR A CE1   1 
ATOM   585  C  CE2   . TYR A 1 71  ? 6.239   3.186   13.658  1.00 23.42 ? 82  TYR A CE2   1 
ATOM   586  C  CZ    . TYR A 1 71  ? 5.121   3.374   14.455  1.00 23.21 ? 82  TYR A CZ    1 
ATOM   587  O  OH    . TYR A 1 71  ? 5.087   4.409   15.361  1.00 23.76 ? 82  TYR A OH    1 
ATOM   588  N  N     . ILE A 1 72  ? 6.516   -2.821  10.886  1.00 22.12 ? 83  ILE A N     1 
ATOM   589  C  CA    . ILE A 1 72  ? 6.443   -4.005  10.038  1.00 22.71 ? 83  ILE A CA    1 
ATOM   590  C  C     . ILE A 1 72  ? 6.325   -5.274  10.884  1.00 23.94 ? 83  ILE A C     1 
ATOM   591  O  O     . ILE A 1 72  ? 5.461   -6.116  10.640  1.00 23.76 ? 83  ILE A O     1 
ATOM   592  C  CB    . ILE A 1 72  ? 7.684   -4.114  9.127   1.00 21.74 ? 83  ILE A CB    1 
ATOM   593  C  CG1   . ILE A 1 72  ? 7.681   -2.957  8.123   1.00 21.11 ? 83  ILE A CG1   1 
ATOM   594  C  CG2   . ILE A 1 72  ? 7.687   -5.454  8.405   1.00 22.02 ? 83  ILE A CG2   1 
ATOM   595  C  CD1   . ILE A 1 72  ? 8.878   -2.945  7.192   1.00 20.77 ? 83  ILE A CD1   1 
ATOM   596  N  N     . ARG A 1 73  ? 7.202   -5.405  11.873  1.00 25.26 ? 84  ARG A N     1 
ATOM   597  C  CA    . ARG A 1 73  ? 7.192   -6.562  12.769  1.00 27.28 ? 84  ARG A CA    1 
ATOM   598  C  C     . ARG A 1 73  ? 5.789   -6.801  13.293  1.00 27.75 ? 84  ARG A C     1 
ATOM   599  O  O     . ARG A 1 73  ? 5.322   -7.934  13.415  1.00 29.37 ? 84  ARG A O     1 
ATOM   600  C  CB    . ARG A 1 73  ? 8.090   -6.300  13.975  1.00 27.35 ? 84  ARG A CB    1 
ATOM   601  C  CG    . ARG A 1 73  ? 9.522   -6.629  13.760  1.00 28.80 ? 84  ARG A CG    1 
ATOM   602  C  CD    . ARG A 1 73  ? 9.941   -7.742  14.657  1.00 29.26 ? 84  ARG A CD    1 
ATOM   603  N  NE    . ARG A 1 73  ? 11.022  -8.529  14.068  1.00 30.25 ? 84  ARG A NE    1 
ATOM   604  C  CZ    . ARG A 1 73  ? 12.041  -8.016  13.386  1.00 30.00 ? 84  ARG A CZ    1 
ATOM   605  N  NH1   . ARG A 1 73  ? 12.964  -8.828  12.875  1.00 30.12 ? 84  ARG A NH1   1 
ATOM   606  N  NH2   . ARG A 1 73  ? 12.143  -6.707  13.201  1.00 30.68 ? 84  ARG A NH2   1 
ATOM   607  N  N     . ASP A 1 74  ? 5.140   -5.693  13.612  1.00 28.38 ? 85  ASP A N     1 
ATOM   608  C  CA    . ASP A 1 74  ? 3.809   -5.652  14.184  1.00 28.61 ? 85  ASP A CA    1 
ATOM   609  C  C     . ASP A 1 74  ? 2.617   -5.905  13.269  1.00 28.26 ? 85  ASP A C     1 
ATOM   610  O  O     . ASP A 1 74  ? 1.534   -6.234  13.752  1.00 28.10 ? 85  ASP A O     1 
ATOM   611  C  CB    . ASP A 1 74  ? 3.642   -4.293  14.873  1.00 29.81 ? 85  ASP A CB    1 
ATOM   612  C  CG    . ASP A 1 74  ? 2.302   -3.640  14.580  0.50 30.42 ? 85  ASP A CG    1 
ATOM   613  O  OD1   . ASP A 1 74  ? 1.951   -3.482  13.388  0.50 31.11 ? 85  ASP A OD1   1 
ATOM   614  O  OD2   . ASP A 1 74  ? 1.600   -3.272  15.546  0.50 31.03 ? 85  ASP A OD2   1 
ATOM   615  N  N     . SER A 1 75  ? 2.791   -5.755  11.963  1.00 27.41 ? 86  SER A N     1 
ATOM   616  C  CA    . SER A 1 75  ? 1.657   -5.920  11.061  1.00 26.30 ? 86  SER A CA    1 
ATOM   617  C  C     . SER A 1 75  ? 1.512   -7.255  10.337  1.00 25.19 ? 86  SER A C     1 
ATOM   618  O  O     . SER A 1 75  ? 2.497   -7.872  9.925   1.00 25.34 ? 86  SER A O     1 
ATOM   619  C  CB    . SER A 1 75  ? 1.660   -4.776  10.049  1.00 26.64 ? 86  SER A CB    1 
ATOM   620  O  OG    . SER A 1 75  ? 1.696   -3.529  10.725  1.00 27.26 ? 86  SER A OG    1 
ATOM   621  N  N     . THR A 1 76  ? 0.258   -7.679  10.179  1.00 23.40 ? 87  THR A N     1 
ATOM   622  C  CA    . THR A 1 76  ? -0.074  -8.935  9.516   1.00 21.80 ? 87  THR A CA    1 
ATOM   623  C  C     . THR A 1 76  ? -0.201  -8.767  8.000   1.00 20.30 ? 87  THR A C     1 
ATOM   624  O  O     . THR A 1 76  ? -0.173  -9.742  7.249   1.00 20.21 ? 87  THR A O     1 
ATOM   625  C  CB    . THR A 1 76  ? -1.379  -9.521  10.090  1.00 22.18 ? 87  THR A CB    1 
ATOM   626  O  OG1   . THR A 1 76  ? -2.440  -8.568  9.946   1.00 22.39 ? 87  THR A OG1   1 
ATOM   627  C  CG2   . THR A 1 76  ? -1.200  -9.848  11.573  1.00 22.72 ? 87  THR A CG2   1 
ATOM   628  N  N     . VAL A 1 77  ? -0.342  -7.522  7.557   1.00 17.82 ? 88  VAL A N     1 
ATOM   629  C  CA    . VAL A 1 77  ? -0.438  -7.227  6.133   1.00 16.04 ? 88  VAL A CA    1 
ATOM   630  C  C     . VAL A 1 77  ? 0.433   -6.022  5.808   1.00 14.53 ? 88  VAL A C     1 
ATOM   631  O  O     . VAL A 1 77  ? 0.394   -5.006  6.505   1.00 13.53 ? 88  VAL A O     1 
ATOM   632  C  CB    . VAL A 1 77  ? -1.883  -6.898  5.692   1.00 16.28 ? 88  VAL A CB    1 
ATOM   633  C  CG1   . VAL A 1 77  ? -1.899  -6.541  4.210   1.00 17.75 ? 88  VAL A CG1   1 
ATOM   634  C  CG2   . VAL A 1 77  ? -2.797  -8.082  5.949   1.00 17.15 ? 88  VAL A CG2   1 
ATOM   635  N  N     . ALA A 1 78  ? 1.223   -6.142  4.749   1.00 12.80 ? 89  ALA A N     1 
ATOM   636  C  CA    . ALA A 1 78  ? 2.083   -5.054  4.314   1.00 11.92 ? 89  ALA A CA    1 
ATOM   637  C  C     . ALA A 1 78  ? 1.632   -4.654  2.918   1.00 10.85 ? 89  ALA A C     1 
ATOM   638  O  O     . ALA A 1 78  ? 1.642   -5.474  2.005   1.00 11.36 ? 89  ALA A O     1 
ATOM   639  C  CB    . ALA A 1 78  ? 3.545   -5.507  4.286   1.00 12.35 ? 89  ALA A CB    1 
ATOM   640  N  N     . VAL A 1 79  ? 1.215   -3.400  2.766   1.00 10.41 ? 90  VAL A N     1 
ATOM   641  C  CA    . VAL A 1 79  ? 0.774   -2.891  1.476   1.00 9.60  ? 90  VAL A CA    1 
ATOM   642  C  C     . VAL A 1 79  ? 1.935   -2.060  0.942   1.00 9.61  ? 90  VAL A C     1 
ATOM   643  O  O     . VAL A 1 79  ? 2.201   -0.964  1.440   1.00 10.04 ? 90  VAL A O     1 
ATOM   644  C  CB    . VAL A 1 79  ? -0.478  -1.987  1.618   1.00 9.57  ? 90  VAL A CB    1 
ATOM   645  C  CG1   . VAL A 1 79  ? -1.007  -1.604  0.246   1.00 8.95  ? 90  VAL A CG1   1 
ATOM   646  C  CG2   . VAL A 1 79  ? -1.553  -2.703  2.420   1.00 10.10 ? 90  VAL A CG2   1 
ATOM   647  N  N     . VAL A 1 80  ? 2.630   -2.598  -0.053  1.00 9.14  ? 91  VAL A N     1 
ATOM   648  C  CA    . VAL A 1 80  ? 3.782   -1.929  -0.654  1.00 9.03  ? 91  VAL A CA    1 
ATOM   649  C  C     . VAL A 1 80  ? 3.307   -1.160  -1.872  1.00 8.58  ? 91  VAL A C     1 
ATOM   650  O  O     . VAL A 1 80  ? 2.898   -1.750  -2.863  1.00 9.27  ? 91  VAL A O     1 
ATOM   651  C  CB    . VAL A 1 80  ? 4.846   -2.962  -1.065  1.00 9.28  ? 91  VAL A CB    1 
ATOM   652  C  CG1   . VAL A 1 80  ? 6.050   -2.265  -1.693  1.00 8.89  ? 91  VAL A CG1   1 
ATOM   653  C  CG2   . VAL A 1 80  ? 5.276   -3.760  0.167   1.00 9.31  ? 91  VAL A CG2   1 
ATOM   654  N  N     . VAL A 1 81  ? 3.398   0.164   -1.794  1.00 8.42  ? 92  VAL A N     1 
ATOM   655  C  CA    . VAL A 1 81  ? 2.908   1.040   -2.852  1.00 8.18  ? 92  VAL A CA    1 
ATOM   656  C  C     . VAL A 1 81  ? 3.962   1.717   -3.715  1.00 8.62  ? 92  VAL A C     1 
ATOM   657  O  O     . VAL A 1 81  ? 4.986   2.181   -3.211  1.00 8.08  ? 92  VAL A O     1 
ATOM   658  C  CB    . VAL A 1 81  ? 2.043   2.167   -2.231  1.00 8.21  ? 92  VAL A CB    1 
ATOM   659  C  CG1   . VAL A 1 81  ? 1.359   2.979   -3.319  1.00 8.01  ? 92  VAL A CG1   1 
ATOM   660  C  CG2   . VAL A 1 81  ? 1.028   1.572   -1.261  1.00 8.17  ? 92  VAL A CG2   1 
ATOM   661  N  N     . TYR A 1 82  ? 3.720   1.750   -5.024  1.00 8.63  ? 93  TYR A N     1 
ATOM   662  C  CA    . TYR A 1 82  ? 4.607   2.476   -5.917  1.00 8.91  ? 93  TYR A CA    1 
ATOM   663  C  C     . TYR A 1 82  ? 3.725   3.369   -6.786  1.00 8.85  ? 93  TYR A C     1 
ATOM   664  O  O     . TYR A 1 82  ? 2.498   3.255   -6.769  1.00 9.46  ? 93  TYR A O     1 
ATOM   665  C  CB    . TYR A 1 82  ? 5.485   1.552   -6.779  1.00 8.07  ? 93  TYR A CB    1 
ATOM   666  C  CG    . TYR A 1 82  ? 4.768   0.681   -7.782  1.00 8.62  ? 93  TYR A CG    1 
ATOM   667  C  CD1   . TYR A 1 82  ? 4.248   -0.555  -7.412  1.00 8.48  ? 93  TYR A CD1   1 
ATOM   668  C  CD2   . TYR A 1 82  ? 4.668   1.068   -9.120  1.00 9.15  ? 93  TYR A CD2   1 
ATOM   669  C  CE1   . TYR A 1 82  ? 3.640   -1.390  -8.352  1.00 9.16  ? 93  TYR A CE1   1 
ATOM   670  C  CE2   . TYR A 1 82  ? 4.063   0.247   -10.064 1.00 9.10  ? 93  TYR A CE2   1 
ATOM   671  C  CZ    . TYR A 1 82  ? 3.559   -0.985  -9.674  1.00 9.00  ? 93  TYR A CZ    1 
ATOM   672  O  OH    . TYR A 1 82  ? 3.000   -1.823  -10.609 1.00 9.35  ? 93  TYR A OH    1 
ATOM   673  N  N     . ASP A 1 83  ? 4.362   4.273   -7.517  1.00 8.71  ? 94  ASP A N     1 
ATOM   674  C  CA    . ASP A 1 83  ? 3.690   5.230   -8.390  1.00 8.95  ? 94  ASP A CA    1 
ATOM   675  C  C     . ASP A 1 83  ? 3.950   4.751   -9.817  1.00 8.70  ? 94  ASP A C     1 
ATOM   676  O  O     . ASP A 1 83  ? 5.104   4.637   -10.224 1.00 8.62  ? 94  ASP A O     1 
ATOM   677  C  CB    . ASP A 1 83  ? 4.313   6.610   -8.123  1.00 10.12 ? 94  ASP A CB    1 
ATOM   678  C  CG    . ASP A 1 83  ? 3.847   7.692   -9.082  1.00 10.37 ? 94  ASP A CG    1 
ATOM   679  O  OD1   . ASP A 1 83  ? 4.170   8.867   -8.806  1.00 11.29 ? 94  ASP A OD1   1 
ATOM   680  O  OD2   . ASP A 1 83  ? 3.186   7.395   -10.099 1.00 10.31 ? 94  ASP A OD2   1 
ATOM   681  N  N     . ILE A 1 84  ? 2.889   4.457   -10.570 1.00 8.71  ? 95  ILE A N     1 
ATOM   682  C  CA    . ILE A 1 84  ? 3.060   3.960   -11.934 1.00 9.56  ? 95  ILE A CA    1 
ATOM   683  C  C     . ILE A 1 84  ? 3.785   4.924   -12.867 1.00 10.50 ? 95  ILE A C     1 
ATOM   684  O  O     . ILE A 1 84  ? 4.192   4.538   -13.964 1.00 10.68 ? 95  ILE A O     1 
ATOM   685  C  CB    . ILE A 1 84  ? 1.707   3.565   -12.587 1.00 9.30  ? 95  ILE A CB    1 
ATOM   686  C  CG1   . ILE A 1 84  ? 0.779   4.779   -12.668 1.00 9.74  ? 95  ILE A CG1   1 
ATOM   687  C  CG2   . ILE A 1 84  ? 1.053   2.442   -11.796 1.00 7.78  ? 95  ILE A CG2   1 
ATOM   688  C  CD1   . ILE A 1 84  ? 0.243   5.028   -14.056 1.00 10.45 ? 95  ILE A CD1   1 
ATOM   689  N  N     . THR A 1 85  ? 3.951   6.173   -12.442 1.00 10.87 ? 96  THR A N     1 
ATOM   690  C  CA    . THR A 1 85  ? 4.642   7.159   -13.274 1.00 11.64 ? 96  THR A CA    1 
ATOM   691  C  C     . THR A 1 85  ? 6.094   7.324   -12.834 1.00 12.26 ? 96  THR A C     1 
ATOM   692  O  O     . THR A 1 85  ? 6.852   8.077   -13.447 1.00 12.18 ? 96  THR A O     1 
ATOM   693  C  CB    . THR A 1 85  ? 3.983   8.552   -13.184 1.00 12.10 ? 96  THR A CB    1 
ATOM   694  O  OG1   . THR A 1 85  ? 4.261   9.128   -11.901 1.00 13.01 ? 96  THR A OG1   1 
ATOM   695  C  CG2   . THR A 1 85  ? 2.478   8.451   -13.373 1.00 11.88 ? 96  THR A CG2   1 
ATOM   696  N  N     . ASN A 1 86  ? 6.480   6.609   -11.782 1.00 12.30 ? 97  ASN A N     1 
ATOM   697  C  CA    . ASN A 1 86  ? 7.828   6.729   -11.242 1.00 13.17 ? 97  ASN A CA    1 
ATOM   698  C  C     . ASN A 1 86  ? 8.593   5.404   -11.209 1.00 13.10 ? 97  ASN A C     1 
ATOM   699  O  O     . ASN A 1 86  ? 8.324   4.538   -10.376 1.00 11.90 ? 97  ASN A O     1 
ATOM   700  C  CB    . ASN A 1 86  ? 7.733   7.326   -9.837  1.00 14.08 ? 97  ASN A CB    1 
ATOM   701  C  CG    . ASN A 1 86  ? 9.067   7.789   -9.307  1.00 14.81 ? 97  ASN A CG    1 
ATOM   702  O  OD1   . ASN A 1 86  ? 9.957   6.987   -9.051  1.00 15.71 ? 97  ASN A OD1   1 
ATOM   703  N  ND2   . ASN A 1 86  ? 9.209   9.100   -9.135  1.00 16.67 ? 97  ASN A ND2   1 
ATOM   704  N  N     . LEU A 1 87  ? 9.556   5.264   -12.115 1.00 13.61 ? 98  LEU A N     1 
ATOM   705  C  CA    . LEU A 1 87  ? 10.363  4.051   -12.210 1.00 14.04 ? 98  LEU A CA    1 
ATOM   706  C  C     . LEU A 1 87  ? 11.070  3.688   -10.909 1.00 13.63 ? 98  LEU A C     1 
ATOM   707  O  O     . LEU A 1 87  ? 11.042  2.535   -10.480 1.00 12.89 ? 98  LEU A O     1 
ATOM   708  C  CB    . LEU A 1 87  ? 11.410  4.199   -13.319 1.00 16.78 ? 98  LEU A CB    1 
ATOM   709  C  CG    . LEU A 1 87  ? 11.303  3.253   -14.516 1.00 19.15 ? 98  LEU A CG    1 
ATOM   710  C  CD1   . LEU A 1 87  ? 11.228  1.809   -14.041 1.00 20.16 ? 98  LEU A CD1   1 
ATOM   711  C  CD2   . LEU A 1 87  ? 10.080  3.599   -15.316 1.00 20.23 ? 98  LEU A CD2   1 
ATOM   712  N  N     . ASN A 1 88  ? 11.718  4.669   -10.289 1.00 13.66 ? 99  ASN A N     1 
ATOM   713  C  CA    . ASN A 1 88  ? 12.430  4.425   -9.041  1.00 13.31 ? 99  ASN A CA    1 
ATOM   714  C  C     . ASN A 1 88  ? 11.521  3.842   -7.969  1.00 12.21 ? 99  ASN A C     1 
ATOM   715  O  O     . ASN A 1 88  ? 11.900  2.898   -7.280  1.00 11.62 ? 99  ASN A O     1 
ATOM   716  C  CB    . ASN A 1 88  ? 13.057  5.716   -8.504  1.00 15.30 ? 99  ASN A CB    1 
ATOM   717  C  CG    . ASN A 1 88  ? 13.778  5.505   -7.180  1.00 17.04 ? 99  ASN A CG    1 
ATOM   718  O  OD1   . ASN A 1 88  ? 14.767  4.778   -7.107  1.00 18.96 ? 99  ASN A OD1   1 
ATOM   719  N  ND2   . ASN A 1 88  ? 13.279  6.139   -6.123  1.00 18.47 ? 99  ASN A ND2   1 
ATOM   720  N  N     . SER A 1 89  ? 10.321  4.403   -7.831  1.00 11.30 ? 100 SER A N     1 
ATOM   721  C  CA    . SER A 1 89  ? 9.393   3.929   -6.813  1.00 10.63 ? 100 SER A CA    1 
ATOM   722  C  C     . SER A 1 89  ? 9.064   2.456   -7.033  1.00 10.63 ? 100 SER A C     1 
ATOM   723  O  O     . SER A 1 89  ? 8.873   1.707   -6.074  1.00 11.06 ? 100 SER A O     1 
ATOM   724  C  CB    . SER A 1 89  ? 8.112   4.779   -6.800  1.00 10.12 ? 100 SER A CB    1 
ATOM   725  O  OG    . SER A 1 89  ? 7.265   4.495   -7.897  1.00 8.38  ? 100 SER A OG    1 
ATOM   726  N  N     . PHE A 1 90  ? 9.009   2.035   -8.293  1.00 10.50 ? 101 PHE A N     1 
ATOM   727  C  CA    . PHE A 1 90  ? 8.723   0.636   -8.596  1.00 10.25 ? 101 PHE A CA    1 
ATOM   728  C  C     . PHE A 1 90  ? 9.934   -0.229  -8.233  1.00 10.60 ? 101 PHE A C     1 
ATOM   729  O  O     . PHE A 1 90  ? 9.804   -1.263  -7.577  1.00 10.19 ? 101 PHE A O     1 
ATOM   730  C  CB    . PHE A 1 90  ? 8.400   0.458   -10.084 1.00 10.80 ? 101 PHE A CB    1 
ATOM   731  C  CG    . PHE A 1 90  ? 8.117   -0.972  -10.473 1.00 11.24 ? 101 PHE A CG    1 
ATOM   732  C  CD1   . PHE A 1 90  ? 6.997   -1.636  -9.980  1.00 11.04 ? 101 PHE A CD1   1 
ATOM   733  C  CD2   . PHE A 1 90  ? 8.986   -1.661  -11.315 1.00 12.05 ? 101 PHE A CD2   1 
ATOM   734  C  CE1   . PHE A 1 90  ? 6.744   -2.967  -10.317 1.00 10.58 ? 101 PHE A CE1   1 
ATOM   735  C  CE2   . PHE A 1 90  ? 8.744   -2.990  -11.658 1.00 11.96 ? 101 PHE A CE2   1 
ATOM   736  C  CZ    . PHE A 1 90  ? 7.622   -3.646  -11.158 1.00 11.94 ? 101 PHE A CZ    1 
ATOM   737  N  N     . GLN A 1 91  ? 11.115  0.207   -8.657  1.00 11.03 ? 102 GLN A N     1 
ATOM   738  C  CA    . GLN A 1 91  ? 12.342  -0.535  -8.378  1.00 12.19 ? 102 GLN A CA    1 
ATOM   739  C  C     . GLN A 1 91  ? 12.519  -0.732  -6.873  1.00 11.62 ? 102 GLN A C     1 
ATOM   740  O  O     . GLN A 1 91  ? 12.938  -1.799  -6.419  1.00 11.65 ? 102 GLN A O     1 
ATOM   741  C  CB    . GLN A 1 91  ? 13.547  0.211   -8.954  1.00 14.18 ? 102 GLN A CB    1 
ATOM   742  C  CG    . GLN A 1 91  ? 14.821  -0.622  -9.027  1.00 17.55 ? 102 GLN A CG    1 
ATOM   743  C  CD    . GLN A 1 91  ? 15.425  -0.924  -7.669  1.00 19.62 ? 102 GLN A CD    1 
ATOM   744  O  OE1   . GLN A 1 91  ? 16.103  -1.941  -7.498  1.00 21.14 ? 102 GLN A OE1   1 
ATOM   745  N  NE2   . GLN A 1 91  ? 15.203  -0.039  -6.700  1.00 20.25 ? 102 GLN A NE2   1 
ATOM   746  N  N     . GLN A 1 92  ? 12.194  0.300   -6.104  1.00 10.74 ? 103 GLN A N     1 
ATOM   747  C  CA    . GLN A 1 92  ? 12.337  0.243   -4.653  1.00 11.32 ? 103 GLN A CA    1 
ATOM   748  C  C     . GLN A 1 92  ? 11.384  -0.713  -3.937  1.00 10.39 ? 103 GLN A C     1 
ATOM   749  O  O     . GLN A 1 92  ? 11.570  -0.988  -2.753  1.00 9.13  ? 103 GLN A O     1 
ATOM   750  C  CB    . GLN A 1 92  ? 12.184  1.641   -4.058  1.00 12.54 ? 103 GLN A CB    1 
ATOM   751  C  CG    . GLN A 1 92  ? 13.419  2.524   -4.201  1.00 17.01 ? 103 GLN A CG    1 
ATOM   752  C  CD    . GLN A 1 92  ? 14.613  1.979   -3.436  1.00 18.90 ? 103 GLN A CD    1 
ATOM   753  O  OE1   . GLN A 1 92  ? 15.383  1.171   -3.952  1.00 23.09 ? 103 GLN A OE1   1 
ATOM   754  N  NE2   . GLN A 1 92  ? 14.761  2.411   -2.194  1.00 21.01 ? 103 GLN A NE2   1 
ATOM   755  N  N     . THR A 1 93  ? 10.365  -1.215  -4.630  1.00 10.15 ? 104 THR A N     1 
ATOM   756  C  CA    . THR A 1 93  ? 9.437   -2.132  -3.976  1.00 10.74 ? 104 THR A CA    1 
ATOM   757  C  C     . THR A 1 93  ? 10.145  -3.424  -3.571  1.00 10.34 ? 104 THR A C     1 
ATOM   758  O  O     . THR A 1 93  ? 9.696   -4.131  -2.668  1.00 10.69 ? 104 THR A O     1 
ATOM   759  C  CB    . THR A 1 93  ? 8.216   -2.470  -4.866  1.00 11.18 ? 104 THR A CB    1 
ATOM   760  O  OG1   . THR A 1 93  ? 8.652   -3.074  -6.087  1.00 10.98 ? 104 THR A OG1   1 
ATOM   761  C  CG2   . THR A 1 93  ? 7.417   -1.207  -5.176  1.00 11.07 ? 104 THR A CG2   1 
ATOM   762  N  N     . SER A 1 94  ? 11.256  -3.734  -4.230  1.00 10.32 ? 105 SER A N     1 
ATOM   763  C  CA    . SER A 1 94  ? 12.004  -4.941  -3.886  1.00 11.04 ? 105 SER A CA    1 
ATOM   764  C  C     . SER A 1 94  ? 12.602  -4.767  -2.495  1.00 11.28 ? 105 SER A C     1 
ATOM   765  O  O     . SER A 1 94  ? 12.618  -5.699  -1.695  1.00 12.00 ? 105 SER A O     1 
ATOM   766  C  CB    . SER A 1 94  ? 13.110  -5.195  -4.907  1.00 11.46 ? 105 SER A CB    1 
ATOM   767  O  OG    . SER A 1 94  ? 12.544  -5.546  -6.155  1.00 12.24 ? 105 SER A OG    1 
ATOM   768  N  N     . LYS A 1 95  ? 13.093  -3.564  -2.216  1.00 11.26 ? 106 LYS A N     1 
ATOM   769  C  CA    . LYS A 1 95  ? 13.669  -3.254  -0.912  1.00 11.63 ? 106 LYS A CA    1 
ATOM   770  C  C     . LYS A 1 95  ? 12.610  -3.436  0.170   1.00 11.18 ? 106 LYS A C     1 
ATOM   771  O  O     . LYS A 1 95  ? 12.858  -4.071  1.192   1.00 10.56 ? 106 LYS A O     1 
ATOM   772  C  CB    . LYS A 1 95  ? 14.174  -1.808  -0.891  1.00 12.99 ? 106 LYS A CB    1 
ATOM   773  C  CG    . LYS A 1 95  ? 14.609  -1.313  0.483   1.00 14.55 ? 106 LYS A CG    1 
ATOM   774  C  CD    . LYS A 1 95  ? 14.828  0.196   0.482   1.00 16.20 ? 106 LYS A CD    1 
ATOM   775  C  CE    . LYS A 1 95  ? 13.526  0.938   0.195   1.00 16.66 ? 106 LYS A CE    1 
ATOM   776  N  NZ    . LYS A 1 95  ? 13.698  2.423   0.210   1.00 17.24 ? 106 LYS A NZ    1 
ATOM   777  N  N     . TRP A 1 96  ? 11.424  -2.880  -0.060  1.00 11.01 ? 107 TRP A N     1 
ATOM   778  C  CA    . TRP A 1 96  ? 10.346  -2.979  0.921   1.00 10.93 ? 107 TRP A CA    1 
ATOM   779  C  C     . TRP A 1 96  ? 9.869   -4.414  1.119   1.00 10.66 ? 107 TRP A C     1 
ATOM   780  O  O     . TRP A 1 96  ? 9.644   -4.852  2.248   1.00 11.39 ? 107 TRP A O     1 
ATOM   781  C  CB    . TRP A 1 96  ? 9.167   -2.084  0.512   1.00 11.20 ? 107 TRP A CB    1 
ATOM   782  C  CG    . TRP A 1 96  ? 9.500   -0.625  0.532   1.00 11.57 ? 107 TRP A CG    1 
ATOM   783  C  CD1   . TRP A 1 96  ? 9.580   0.215   -0.541  1.00 12.06 ? 107 TRP A CD1   1 
ATOM   784  C  CD2   . TRP A 1 96  ? 9.828   0.166   1.685   1.00 12.56 ? 107 TRP A CD2   1 
ATOM   785  N  NE1   . TRP A 1 96  ? 9.939   1.479   -0.130  1.00 12.27 ? 107 TRP A NE1   1 
ATOM   786  C  CE2   . TRP A 1 96  ? 10.098  1.475   1.231   1.00 12.91 ? 107 TRP A CE2   1 
ATOM   787  C  CE3   . TRP A 1 96  ? 9.923   -0.113  3.058   1.00 13.22 ? 107 TRP A CE3   1 
ATOM   788  C  CZ2   . TRP A 1 96  ? 10.457  2.513   2.102   1.00 13.43 ? 107 TRP A CZ2   1 
ATOM   789  C  CZ3   . TRP A 1 96  ? 10.281  0.921   3.927   1.00 14.25 ? 107 TRP A CZ3   1 
ATOM   790  C  CH2   . TRP A 1 96  ? 10.544  2.218   3.441   1.00 14.64 ? 107 TRP A CH2   1 
ATOM   791  N  N     . ILE A 1 97  ? 9.717   -5.148  0.024   1.00 10.35 ? 108 ILE A N     1 
ATOM   792  C  CA    . ILE A 1 97  ? 9.268   -6.534  0.107   1.00 10.86 ? 108 ILE A CA    1 
ATOM   793  C  C     . ILE A 1 97  ? 10.321  -7.371  0.819   1.00 11.68 ? 108 ILE A C     1 
ATOM   794  O  O     . ILE A 1 97  ? 9.999   -8.235  1.639   1.00 11.37 ? 108 ILE A O     1 
ATOM   795  C  CB    . ILE A 1 97  ? 8.991   -7.105  -1.302  1.00 10.91 ? 108 ILE A CB    1 
ATOM   796  C  CG1   . ILE A 1 97  ? 7.732   -6.445  -1.875  1.00 11.17 ? 108 ILE A CG1   1 
ATOM   797  C  CG2   . ILE A 1 97  ? 8.831   -8.617  -1.240  1.00 11.53 ? 108 ILE A CG2   1 
ATOM   798  C  CD1   . ILE A 1 97  ? 7.365   -6.915  -3.274  1.00 11.10 ? 108 ILE A CD1   1 
ATOM   799  N  N     . ASP A 1 98  ? 11.582  -7.092  0.510   1.00 12.01 ? 109 ASP A N     1 
ATOM   800  C  CA    . ASP A 1 98  ? 12.705  -7.788  1.122   1.00 13.45 ? 109 ASP A CA    1 
ATOM   801  C  C     . ASP A 1 98  ? 12.674  -7.527  2.631   1.00 13.34 ? 109 ASP A C     1 
ATOM   802  O  O     . ASP A 1 98  ? 12.791  -8.454  3.436   1.00 13.40 ? 109 ASP A O     1 
ATOM   803  C  CB    . ASP A 1 98  ? 14.011  -7.269  0.508   1.00 14.68 ? 109 ASP A CB    1 
ATOM   804  C  CG    . ASP A 1 98  ? 15.224  -8.057  0.948   1.00 16.73 ? 109 ASP A CG    1 
ATOM   805  O  OD1   . ASP A 1 98  ? 15.344  -9.240  0.567   1.00 17.90 ? 109 ASP A OD1   1 
ATOM   806  O  OD2   . ASP A 1 98  ? 16.064  -7.482  1.673   1.00 17.28 ? 109 ASP A OD2   1 
ATOM   807  N  N     . ASP A 1 99  ? 12.496  -6.264  3.010   1.00 13.39 ? 110 ASP A N     1 
ATOM   808  C  CA    . ASP A 1 99  ? 12.442  -5.886  4.420   1.00 14.01 ? 110 ASP A CA    1 
ATOM   809  C  C     . ASP A 1 99  ? 11.328  -6.616  5.163   1.00 13.43 ? 110 ASP A C     1 
ATOM   810  O  O     . ASP A 1 99  ? 11.548  -7.173  6.243   1.00 12.51 ? 110 ASP A O     1 
ATOM   811  C  CB    . ASP A 1 99  ? 12.221  -4.377  4.572   1.00 16.10 ? 110 ASP A CB    1 
ATOM   812  C  CG    . ASP A 1 99  ? 13.417  -3.557  4.123   1.00 18.06 ? 110 ASP A CG    1 
ATOM   813  O  OD1   . ASP A 1 99  ? 14.523  -4.121  4.000   1.00 20.07 ? 110 ASP A OD1   1 
ATOM   814  O  OD2   . ASP A 1 99  ? 13.252  -2.336  3.910   1.00 20.34 ? 110 ASP A OD2   1 
ATOM   815  N  N     . VAL A 1 100 ? 10.130  -6.603  4.587   1.00 12.20 ? 111 VAL A N     1 
ATOM   816  C  CA    . VAL A 1 100 ? 8.980   -7.259  5.204   1.00 12.08 ? 111 VAL A CA    1 
ATOM   817  C  C     . VAL A 1 100 ? 9.231   -8.741  5.451   1.00 12.20 ? 111 VAL A C     1 
ATOM   818  O  O     . VAL A 1 100 ? 8.981   -9.241  6.541   1.00 13.18 ? 111 VAL A O     1 
ATOM   819  C  CB    . VAL A 1 100 ? 7.709   -7.121  4.327   1.00 11.84 ? 111 VAL A CB    1 
ATOM   820  C  CG1   . VAL A 1 100 ? 6.574   -7.969  4.901   1.00 10.27 ? 111 VAL A CG1   1 
ATOM   821  C  CG2   . VAL A 1 100 ? 7.286   -5.659  4.255   1.00 10.13 ? 111 VAL A CG2   1 
ATOM   822  N  N     . ARG A 1 101 ? 9.720   -9.446  4.439   1.00 12.87 ? 112 ARG A N     1 
ATOM   823  C  CA    . ARG A 1 101 ? 9.965   -10.871 4.597   1.00 13.37 ? 112 ARG A CA    1 
ATOM   824  C  C     . ARG A 1 101 ? 11.085  -11.211 5.562   1.00 14.00 ? 112 ARG A C     1 
ATOM   825  O  O     . ARG A 1 101 ? 11.066  -12.267 6.191   1.00 13.64 ? 112 ARG A O     1 
ATOM   826  C  CB    . ARG A 1 101 ? 10.199  -11.510 3.234   1.00 14.62 ? 112 ARG A CB    1 
ATOM   827  C  CG    . ARG A 1 101 ? 8.884   -11.687 2.511   1.00 16.06 ? 112 ARG A CG    1 
ATOM   828  C  CD    . ARG A 1 101 ? 9.028   -12.278 1.146   1.00 17.47 ? 112 ARG A CD    1 
ATOM   829  N  NE    . ARG A 1 101 ? 7.715   -12.661 0.640   1.00 18.85 ? 112 ARG A NE    1 
ATOM   830  C  CZ    . ARG A 1 101 ? 7.434   -12.840 -0.643  1.00 18.43 ? 112 ARG A CZ    1 
ATOM   831  N  NH1   . ARG A 1 101 ? 8.377   -12.666 -1.558  1.00 18.96 ? 112 ARG A NH1   1 
ATOM   832  N  NH2   . ARG A 1 101 ? 6.210   -13.194 -1.006  1.00 19.14 ? 112 ARG A NH2   1 
ATOM   833  N  N     . THR A 1 102 ? 12.059  -10.316 5.687   1.00 13.69 ? 113 THR A N     1 
ATOM   834  C  CA    . THR A 1 102 ? 13.153  -10.536 6.622   1.00 14.63 ? 113 THR A CA    1 
ATOM   835  C  C     . THR A 1 102 ? 12.584  -10.450 8.036   1.00 15.24 ? 113 THR A C     1 
ATOM   836  O  O     . THR A 1 102 ? 13.007  -11.178 8.936   1.00 14.94 ? 113 THR A O     1 
ATOM   837  C  CB    . THR A 1 102 ? 14.258  -9.465  6.456   1.00 14.85 ? 113 THR A CB    1 
ATOM   838  O  OG1   . THR A 1 102 ? 14.883  -9.616  5.174   1.00 15.57 ? 113 THR A OG1   1 
ATOM   839  C  CG2   . THR A 1 102 ? 15.314  -9.602  7.550   1.00 15.77 ? 113 THR A CG2   1 
ATOM   840  N  N     . GLU A 1 103 ? 11.607  -9.567  8.222   1.00 15.44 ? 114 GLU A N     1 
ATOM   841  C  CA    . GLU A 1 103 ? 10.998  -9.372  9.531   1.00 16.70 ? 114 GLU A CA    1 
ATOM   842  C  C     . GLU A 1 103 ? 9.820   -10.284 9.855   1.00 17.48 ? 114 GLU A C     1 
ATOM   843  O  O     . GLU A 1 103 ? 9.613   -10.636 11.018  1.00 18.16 ? 114 GLU A O     1 
ATOM   844  C  CB    . GLU A 1 103 ? 10.534  -7.922  9.692   1.00 16.73 ? 114 GLU A CB    1 
ATOM   845  C  CG    . GLU A 1 103 ? 11.581  -6.869  9.383   1.00 19.01 ? 114 GLU A CG    1 
ATOM   846  C  CD    . GLU A 1 103 ? 11.249  -5.530  10.019  1.00 20.35 ? 114 GLU A CD    1 
ATOM   847  O  OE1   . GLU A 1 103 ? 11.728  -4.491  9.517   1.00 22.59 ? 114 GLU A OE1   1 
ATOM   848  O  OE2   . GLU A 1 103 ? 10.515  -5.518  11.031  1.00 20.95 ? 114 GLU A OE2   1 
ATOM   849  N  N     . ARG A 1 104 ? 9.048   -10.662 8.841   1.00 18.13 ? 115 ARG A N     1 
ATOM   850  C  CA    . ARG A 1 104 ? 7.863   -11.500 9.042   1.00 19.04 ? 115 ARG A CA    1 
ATOM   851  C  C     . ARG A 1 104 ? 7.962   -12.919 8.486   1.00 19.13 ? 115 ARG A C     1 
ATOM   852  O  O     . ARG A 1 104 ? 7.225   -13.812 8.910   1.00 18.05 ? 115 ARG A O     1 
ATOM   853  C  CB    . ARG A 1 104 ? 6.642   -10.824 8.406   1.00 20.32 ? 115 ARG A CB    1 
ATOM   854  C  CG    . ARG A 1 104 ? 6.269   -9.484  9.008   1.00 22.35 ? 115 ARG A CG    1 
ATOM   855  C  CD    . ARG A 1 104 ? 5.605   -9.647  10.360  1.00 23.66 ? 115 ARG A CD    1 
ATOM   856  N  NE    . ARG A 1 104 ? 4.413   -10.486 10.285  1.00 25.17 ? 115 ARG A NE    1 
ATOM   857  C  CZ    . ARG A 1 104 ? 3.590   -10.698 11.305  1.00 26.15 ? 115 ARG A CZ    1 
ATOM   858  N  NH1   . ARG A 1 104 ? 3.832   -10.126 12.475  1.00 27.47 ? 115 ARG A NH1   1 
ATOM   859  N  NH2   . ARG A 1 104 ? 2.530   -11.482 11.159  1.00 26.50 ? 115 ARG A NH2   1 
ATOM   860  N  N     . GLY A 1 105 ? 8.852   -13.124 7.522   1.00 19.22 ? 116 GLY A N     1 
ATOM   861  C  CA    . GLY A 1 105 ? 8.983   -14.441 6.924   1.00 20.22 ? 116 GLY A CA    1 
ATOM   862  C  C     . GLY A 1 105 ? 7.771   -14.775 6.076   1.00 20.59 ? 116 GLY A C     1 
ATOM   863  O  O     . GLY A 1 105 ? 7.299   -13.940 5.309   1.00 20.84 ? 116 GLY A O     1 
ATOM   864  N  N     . SER A 1 106 ? 7.259   -15.994 6.226   1.00 21.03 ? 117 SER A N     1 
ATOM   865  C  CA    . SER A 1 106 ? 6.088   -16.461 5.481   1.00 21.20 ? 117 SER A CA    1 
ATOM   866  C  C     . SER A 1 106 ? 4.783   -16.024 6.143   1.00 21.08 ? 117 SER A C     1 
ATOM   867  O  O     . SER A 1 106 ? 3.722   -16.116 5.534   1.00 20.88 ? 117 SER A O     1 
ATOM   868  C  CB    . SER A 1 106 ? 6.096   -17.994 5.392   1.00 21.86 ? 117 SER A CB    1 
ATOM   869  O  OG    . SER A 1 106 ? 7.371   -18.503 5.026   1.00 23.08 ? 117 SER A OG    1 
ATOM   870  N  N     . ASP A 1 107 ? 4.872   -15.555 7.388   1.00 20.71 ? 118 ASP A N     1 
ATOM   871  C  CA    . ASP A 1 107 ? 3.700   -15.134 8.147   1.00 20.64 ? 118 ASP A CA    1 
ATOM   872  C  C     . ASP A 1 107 ? 3.259   -13.699 7.909   1.00 20.67 ? 118 ASP A C     1 
ATOM   873  O  O     . ASP A 1 107 ? 3.082   -12.920 8.846   1.00 20.95 ? 118 ASP A O     1 
ATOM   874  C  CB    . ASP A 1 107 ? 3.961   -15.343 9.649   1.00 21.12 ? 118 ASP A CB    1 
ATOM   875  C  CG    . ASP A 1 107 ? 2.696   -15.243 10.474  0.50 21.32 ? 118 ASP A CG    1 
ATOM   876  O  OD1   . ASP A 1 107 ? 1.590   -15.163 9.883   0.50 21.38 ? 118 ASP A OD1   1 
ATOM   877  O  OD2   . ASP A 1 107 ? 2.820   -15.267 11.714  0.50 21.96 ? 118 ASP A OD2   1 
ATOM   878  N  N     . VAL A 1 108 ? 3.068   -13.350 6.643   1.00 20.05 ? 119 VAL A N     1 
ATOM   879  C  CA    . VAL A 1 108 ? 2.647   -12.001 6.275   1.00 19.35 ? 119 VAL A CA    1 
ATOM   880  C  C     . VAL A 1 108 ? 1.916   -12.051 4.939   1.00 18.89 ? 119 VAL A C     1 
ATOM   881  O  O     . VAL A 1 108 ? 2.158   -12.936 4.118   1.00 19.38 ? 119 VAL A O     1 
ATOM   882  C  CB    . VAL A 1 108 ? 3.869   -11.047 6.147   1.00 20.19 ? 119 VAL A CB    1 
ATOM   883  C  CG1   . VAL A 1 108 ? 4.792   -11.535 5.040   1.00 20.39 ? 119 VAL A CG1   1 
ATOM   884  C  CG2   . VAL A 1 108 ? 3.404   -9.625  5.879   1.00 19.54 ? 119 VAL A CG2   1 
ATOM   885  N  N     . ILE A 1 109 ? 0.993   -11.121 4.745   1.00 17.60 ? 120 ILE A N     1 
ATOM   886  C  CA    . ILE A 1 109 ? 0.262   -11.030 3.495   1.00 16.58 ? 120 ILE A CA    1 
ATOM   887  C  C     . ILE A 1 109 ? 0.779   -9.740  2.894   1.00 15.23 ? 120 ILE A C     1 
ATOM   888  O  O     . ILE A 1 109 ? 0.724   -8.698  3.536   1.00 15.07 ? 120 ILE A O     1 
ATOM   889  C  CB    . ILE A 1 109 ? -1.255  -10.926 3.732   1.00 17.05 ? 120 ILE A CB    1 
ATOM   890  C  CG1   . ILE A 1 109 ? -1.776  -12.263 4.274   1.00 18.09 ? 120 ILE A CG1   1 
ATOM   891  C  CG2   . ILE A 1 109 ? -1.970  -10.544 2.432   1.00 17.48 ? 120 ILE A CG2   1 
ATOM   892  C  CD1   . ILE A 1 109 ? -3.187  -12.203 4.788   1.00 19.06 ? 120 ILE A CD1   1 
ATOM   893  N  N     . ILE A 1 110 ? 1.304   -9.813  1.678   1.00 14.11 ? 121 ILE A N     1 
ATOM   894  C  CA    . ILE A 1 110 ? 1.833   -8.619  1.032   1.00 12.23 ? 121 ILE A CA    1 
ATOM   895  C  C     . ILE A 1 110 ? 1.044   -8.296  -0.221  1.00 11.68 ? 121 ILE A C     1 
ATOM   896  O  O     . ILE A 1 110 ? 0.766   -9.175  -1.034  1.00 11.23 ? 121 ILE A O     1 
ATOM   897  C  CB    . ILE A 1 110 ? 3.323   -8.798  0.644   1.00 11.84 ? 121 ILE A CB    1 
ATOM   898  C  CG1   . ILE A 1 110 ? 4.164   -9.000  1.905   1.00 12.07 ? 121 ILE A CG1   1 
ATOM   899  C  CG2   . ILE A 1 110 ? 3.811   -7.576  -0.148  1.00 11.79 ? 121 ILE A CG2   1 
ATOM   900  C  CD1   . ILE A 1 110 ? 5.621   -9.307  1.624   1.00 12.23 ? 121 ILE A CD1   1 
ATOM   901  N  N     . MET A 1 111 ? 0.685   -7.026  -0.366  1.00 10.76 ? 122 MET A N     1 
ATOM   902  C  CA    . MET A 1 111 ? -0.051  -6.558  -1.534  1.00 10.32 ? 122 MET A CA    1 
ATOM   903  C  C     . MET A 1 111 ? 0.777   -5.473  -2.196  1.00 10.25 ? 122 MET A C     1 
ATOM   904  O  O     . MET A 1 111 ? 1.075   -4.455  -1.572  1.00 10.74 ? 122 MET A O     1 
ATOM   905  C  CB    . MET A 1 111 ? -1.412  -5.983  -1.117  1.00 10.52 ? 122 MET A CB    1 
ATOM   906  C  CG    . MET A 1 111 ? -2.140  -5.207  -2.216  1.00 11.35 ? 122 MET A CG    1 
ATOM   907  S  SD    . MET A 1 111 ? -2.681  -6.209  -3.621  1.00 12.58 ? 122 MET A SD    1 
ATOM   908  C  CE    . MET A 1 111 ? -4.217  -6.905  -2.973  1.00 11.91 ? 122 MET A CE    1 
ATOM   909  N  N     . LEU A 1 112 ? 1.161   -5.707  -3.448  1.00 9.62  ? 123 LEU A N     1 
ATOM   910  C  CA    . LEU A 1 112 ? 1.941   -4.739  -4.218  1.00 9.05  ? 123 LEU A CA    1 
ATOM   911  C  C     . LEU A 1 112 ? 0.929   -3.847  -4.922  1.00 9.52  ? 123 LEU A C     1 
ATOM   912  O  O     . LEU A 1 112 ? 0.043   -4.341  -5.616  1.00 9.12  ? 123 LEU A O     1 
ATOM   913  C  CB    . LEU A 1 112 ? 2.817   -5.463  -5.249  1.00 9.53  ? 123 LEU A CB    1 
ATOM   914  C  CG    . LEU A 1 112 ? 3.695   -4.602  -6.166  1.00 9.45  ? 123 LEU A CG    1 
ATOM   915  C  CD1   . LEU A 1 112 ? 4.641   -3.744  -5.332  1.00 10.21 ? 123 LEU A CD1   1 
ATOM   916  C  CD2   . LEU A 1 112 ? 4.489   -5.510  -7.107  1.00 10.37 ? 123 LEU A CD2   1 
ATOM   917  N  N     . VAL A 1 113 ? 1.060   -2.535  -4.742  1.00 8.71  ? 124 VAL A N     1 
ATOM   918  C  CA    . VAL A 1 113 ? 0.111   -1.596  -5.336  1.00 9.11  ? 124 VAL A CA    1 
ATOM   919  C  C     . VAL A 1 113 ? 0.712   -0.574  -6.293  1.00 8.15  ? 124 VAL A C     1 
ATOM   920  O  O     . VAL A 1 113 ? 1.597   0.183   -5.916  1.00 8.98  ? 124 VAL A O     1 
ATOM   921  C  CB    . VAL A 1 113 ? -0.629  -0.799  -4.238  1.00 8.70  ? 124 VAL A CB    1 
ATOM   922  C  CG1   . VAL A 1 113 ? -1.644  0.157   -4.872  1.00 9.63  ? 124 VAL A CG1   1 
ATOM   923  C  CG2   . VAL A 1 113 ? -1.322  -1.752  -3.281  1.00 9.06  ? 124 VAL A CG2   1 
ATOM   924  N  N     . GLY A 1 114 ? 0.217   -0.565  -7.528  1.00 8.32  ? 125 GLY A N     1 
ATOM   925  C  CA    . GLY A 1 114 ? 0.669   0.405   -8.510  1.00 8.17  ? 125 GLY A CA    1 
ATOM   926  C  C     . GLY A 1 114 ? -0.379  1.508   -8.486  1.00 8.39  ? 125 GLY A C     1 
ATOM   927  O  O     . GLY A 1 114 ? -1.460  1.356   -9.054  1.00 8.17  ? 125 GLY A O     1 
ATOM   928  N  N     . ASN A 1 115 ? -0.063  2.612   -7.818  1.00 8.11  ? 126 ASN A N     1 
ATOM   929  C  CA    . ASN A 1 115 ? -0.988  3.735   -7.663  1.00 8.10  ? 126 ASN A CA    1 
ATOM   930  C  C     . ASN A 1 115 ? -0.828  4.833   -8.724  1.00 8.27  ? 126 ASN A C     1 
ATOM   931  O  O     . ASN A 1 115 ? 0.202   4.915   -9.404  1.00 7.85  ? 126 ASN A O     1 
ATOM   932  C  CB    . ASN A 1 115 ? -0.805  4.334   -6.254  1.00 8.45  ? 126 ASN A CB    1 
ATOM   933  C  CG    . ASN A 1 115 ? -1.842  5.399   -5.912  1.00 8.12  ? 126 ASN A CG    1 
ATOM   934  O  OD1   . ASN A 1 115 ? -1.498  6.475   -5.413  1.00 10.84 ? 126 ASN A OD1   1 
ATOM   935  N  ND2   . ASN A 1 115 ? -3.106  5.102   -6.158  1.00 7.05  ? 126 ASN A ND2   1 
ATOM   936  N  N     . LYS A 1 116 ? -1.868  5.661   -8.840  1.00 8.17  ? 127 LYS A N     1 
ATOM   937  C  CA    . LYS A 1 116 ? -1.942  6.796   -9.773  1.00 8.07  ? 127 LYS A CA    1 
ATOM   938  C  C     . LYS A 1 116 ? -2.274  6.414   -11.220 1.00 8.55  ? 127 LYS A C     1 
ATOM   939  O  O     . LYS A 1 116 ? -1.762  7.011   -12.165 1.00 8.35  ? 127 LYS A O     1 
ATOM   940  C  CB    . LYS A 1 116 ? -0.643  7.617   -9.744  1.00 8.21  ? 127 LYS A CB    1 
ATOM   941  C  CG    . LYS A 1 116 ? -0.208  8.070   -8.349  1.00 7.51  ? 127 LYS A CG    1 
ATOM   942  C  CD    . LYS A 1 116 ? 0.762   9.253   -8.402  1.00 8.29  ? 127 LYS A CD    1 
ATOM   943  C  CE    . LYS A 1 116 ? 1.295   9.601   -7.012  1.00 7.54  ? 127 LYS A CE    1 
ATOM   944  N  NZ    . LYS A 1 116 ? 2.231   10.773  -7.029  1.00 8.24  ? 127 LYS A NZ    1 
ATOM   945  N  N     . THR A 1 117 ? -3.148  5.427   -11.392 1.00 9.15  ? 128 THR A N     1 
ATOM   946  C  CA    . THR A 1 117 ? -3.516  4.985   -12.733 1.00 10.12 ? 128 THR A CA    1 
ATOM   947  C  C     . THR A 1 117 ? -4.161  6.076   -13.576 1.00 10.39 ? 128 THR A C     1 
ATOM   948  O  O     . THR A 1 117 ? -4.188  5.977   -14.800 1.00 10.13 ? 128 THR A O     1 
ATOM   949  C  CB    . THR A 1 117 ? -4.477  3.776   -12.697 1.00 10.96 ? 128 THR A CB    1 
ATOM   950  O  OG1   . THR A 1 117 ? -5.672  4.120   -11.986 1.00 11.39 ? 128 THR A OG1   1 
ATOM   951  C  CG2   . THR A 1 117 ? -3.810  2.597   -12.026 1.00 11.29 ? 128 THR A CG2   1 
ATOM   952  N  N     . ASP A 1 118 ? -4.686  7.110   -12.928 1.00 10.15 ? 129 ASP A N     1 
ATOM   953  C  CA    . ASP A 1 118 ? -5.322  8.203   -13.655 1.00 10.71 ? 129 ASP A CA    1 
ATOM   954  C  C     . ASP A 1 118 ? -4.307  8.990   -14.486 1.00 10.92 ? 129 ASP A C     1 
ATOM   955  O  O     . ASP A 1 118 ? -4.681  9.676   -15.435 1.00 12.15 ? 129 ASP A O     1 
ATOM   956  C  CB    . ASP A 1 118 ? -6.015  9.156   -12.688 1.00 10.12 ? 129 ASP A CB    1 
ATOM   957  C  CG    . ASP A 1 118 ? -5.071  9.694   -11.640 1.00 11.39 ? 129 ASP A CG    1 
ATOM   958  O  OD1   . ASP A 1 118 ? -4.680  8.911   -10.749 1.00 9.53  ? 129 ASP A OD1   1 
ATOM   959  O  OD2   . ASP A 1 118 ? -4.714  10.888  -11.718 1.00 11.45 ? 129 ASP A OD2   1 
ATOM   960  N  N     . LEU A 1 119 ? -3.029  8.901   -14.124 1.00 10.11 ? 130 LEU A N     1 
ATOM   961  C  CA    . LEU A 1 119 ? -1.976  9.610   -14.854 1.00 10.67 ? 130 LEU A CA    1 
ATOM   962  C  C     . LEU A 1 119 ? -1.474  8.745   -16.002 1.00 11.16 ? 130 LEU A C     1 
ATOM   963  O  O     . LEU A 1 119 ? -0.273  8.492   -16.145 1.00 11.32 ? 130 LEU A O     1 
ATOM   964  C  CB    . LEU A 1 119 ? -0.816  9.954   -13.914 1.00 10.67 ? 130 LEU A CB    1 
ATOM   965  C  CG    . LEU A 1 119 ? -1.146  10.834  -12.705 1.00 10.86 ? 130 LEU A CG    1 
ATOM   966  C  CD1   . LEU A 1 119 ? 0.125   11.074  -11.906 1.00 10.92 ? 130 LEU A CD1   1 
ATOM   967  C  CD2   . LEU A 1 119 ? -1.749  12.159  -13.157 1.00 11.13 ? 130 LEU A CD2   1 
ATOM   968  N  N     . ALA A 1 120 ? -2.415  8.310   -16.831 1.00 12.23 ? 131 ALA A N     1 
ATOM   969  C  CA    . ALA A 1 120 ? -2.121  7.448   -17.963 1.00 12.05 ? 131 ALA A CA    1 
ATOM   970  C  C     . ALA A 1 120 ? -1.024  7.944   -18.901 1.00 12.54 ? 131 ALA A C     1 
ATOM   971  O  O     . ALA A 1 120 ? -0.184  7.152   -19.331 1.00 12.08 ? 131 ALA A O     1 
ATOM   972  C  CB    . ALA A 1 120 ? -3.403  7.186   -18.750 1.00 13.02 ? 131 ALA A CB    1 
ATOM   973  N  N     . ASP A 1 121 ? -1.002  9.242   -19.199 1.00 12.48 ? 132 ASP A N     1 
ATOM   974  C  CA    . ASP A 1 121 ? 0.000   9.756   -20.130 1.00 12.99 ? 132 ASP A CA    1 
ATOM   975  C  C     . ASP A 1 121 ? 1.455   9.822   -19.669 1.00 12.98 ? 132 ASP A C     1 
ATOM   976  O  O     . ASP A 1 121 ? 2.338   10.170  -20.447 1.00 12.24 ? 132 ASP A O     1 
ATOM   977  C  CB    . ASP A 1 121 ? -0.410  11.115  -20.695 1.00 13.59 ? 132 ASP A CB    1 
ATOM   978  C  CG    . ASP A 1 121 ? 0.014   11.274  -22.144 1.00 15.13 ? 132 ASP A CG    1 
ATOM   979  O  OD1   . ASP A 1 121 ? 0.592   12.323  -22.496 1.00 15.15 ? 132 ASP A OD1   1 
ATOM   980  O  OD2   . ASP A 1 121 ? -0.232  10.334  -22.935 1.00 15.53 ? 132 ASP A OD2   1 
ATOM   981  N  N     A LYS A 1 122 ? 1.698   9.528   -18.400 0.50 13.35 ? 133 LYS A N     1 
ATOM   982  N  N     B LYS A 1 122 ? 1.727   9.500   -18.414 0.50 13.23 ? 133 LYS A N     1 
ATOM   983  C  CA    A LYS A 1 122 ? 3.068   9.533   -17.901 0.50 13.57 ? 133 LYS A CA    1 
ATOM   984  C  CA    B LYS A 1 122 ? 3.119   9.484   -17.977 0.50 13.30 ? 133 LYS A CA    1 
ATOM   985  C  C     A LYS A 1 122 ? 3.399   8.219   -17.198 0.50 13.29 ? 133 LYS A C     1 
ATOM   986  C  C     B LYS A 1 122 ? 3.425   8.206   -17.222 0.50 13.15 ? 133 LYS A C     1 
ATOM   987  O  O     A LYS A 1 122 ? 4.305   8.156   -16.370 0.50 13.12 ? 133 LYS A O     1 
ATOM   988  O  O     B LYS A 1 122 ? 4.302   8.159   -16.361 0.50 13.01 ? 133 LYS A O     1 
ATOM   989  C  CB    A LYS A 1 122 ? 3.322   10.735  -16.978 0.50 15.16 ? 133 LYS A CB    1 
ATOM   990  C  CB    B LYS A 1 122 ? 3.490   10.725  -17.162 0.50 14.50 ? 133 LYS A CB    1 
ATOM   991  C  CG    A LYS A 1 122 ? 2.095   11.281  -16.264 0.50 15.91 ? 133 LYS A CG    1 
ATOM   992  C  CG    B LYS A 1 122 ? 3.921   11.891  -18.056 0.50 14.37 ? 133 LYS A CG    1 
ATOM   993  C  CD    A LYS A 1 122 ? 1.841   12.760  -16.564 0.50 16.73 ? 133 LYS A CD    1 
ATOM   994  C  CD    B LYS A 1 122 ? 5.189   12.587  -17.584 0.50 14.23 ? 133 LYS A CD    1 
ATOM   995  C  CE    A LYS A 1 122 ? 3.086   13.617  -16.349 0.50 16.77 ? 133 LYS A CE    1 
ATOM   996  C  CE    B LYS A 1 122 ? 5.803   13.387  -18.729 0.50 14.43 ? 133 LYS A CE    1 
ATOM   997  N  NZ    A LYS A 1 122 ? 2.766   15.041  -16.054 0.50 16.79 ? 133 LYS A NZ    1 
ATOM   998  N  NZ    B LYS A 1 122 ? 7.273   13.592  -18.573 0.50 14.60 ? 133 LYS A NZ    1 
ATOM   999  N  N     . ARG A 1 123 ? 2.680   7.162   -17.571 1.00 12.76 ? 134 ARG A N     1 
ATOM   1000 C  CA    . ARG A 1 123 ? 2.873   5.837   -16.992 1.00 12.47 ? 134 ARG A CA    1 
ATOM   1001 C  C     . ARG A 1 123 ? 4.236   5.334   -17.466 1.00 13.58 ? 134 ARG A C     1 
ATOM   1002 O  O     . ARG A 1 123 ? 4.587   5.475   -18.645 1.00 12.94 ? 134 ARG A O     1 
ATOM   1003 C  CB    . ARG A 1 123 ? 1.777   4.878   -17.480 1.00 12.27 ? 134 ARG A CB    1 
ATOM   1004 C  CG    . ARG A 1 123 ? 2.004   3.415   -17.094 1.00 11.58 ? 134 ARG A CG    1 
ATOM   1005 C  CD    . ARG A 1 123 ? 0.934   2.503   -17.689 1.00 12.22 ? 134 ARG A CD    1 
ATOM   1006 N  NE    . ARG A 1 123 ? -0.337  2.560   -16.968 1.00 12.65 ? 134 ARG A NE    1 
ATOM   1007 C  CZ    . ARG A 1 123 ? -0.637  1.809   -15.911 1.00 13.63 ? 134 ARG A CZ    1 
ATOM   1008 N  NH1   . ARG A 1 123 ? 0.247   0.940   -15.438 1.00 12.92 ? 134 ARG A NH1   1 
ATOM   1009 N  NH2   . ARG A 1 123 ? -1.827  1.918   -15.334 1.00 13.53 ? 134 ARG A NH2   1 
ATOM   1010 N  N     . GLN A 1 124 ? 5.005   4.754   -16.552 1.00 13.15 ? 135 GLN A N     1 
ATOM   1011 C  CA    . GLN A 1 124 ? 6.331   4.239   -16.881 1.00 13.92 ? 135 GLN A CA    1 
ATOM   1012 C  C     . GLN A 1 124 ? 6.429   2.738   -16.649 1.00 13.59 ? 135 GLN A C     1 
ATOM   1013 O  O     . GLN A 1 124 ? 7.376   2.089   -17.097 1.00 13.25 ? 135 GLN A O     1 
ATOM   1014 C  CB    . GLN A 1 124 ? 7.391   4.956   -16.040 1.00 16.12 ? 135 GLN A CB    1 
ATOM   1015 C  CG    . GLN A 1 124 ? 7.723   6.368   -16.493 1.00 19.46 ? 135 GLN A CG    1 
ATOM   1016 C  CD    . GLN A 1 124 ? 8.404   6.397   -17.850 1.00 21.67 ? 135 GLN A CD    1 
ATOM   1017 O  OE1   . GLN A 1 124 ? 8.978   5.401   -18.292 1.00 24.22 ? 135 GLN A OE1   1 
ATOM   1018 N  NE2   . GLN A 1 124 ? 8.357   7.549   -18.511 1.00 24.07 ? 135 GLN A NE2   1 
ATOM   1019 N  N     . ILE A 1 125 ? 5.452   2.188   -15.936 1.00 12.79 ? 136 ILE A N     1 
ATOM   1020 C  CA    . ILE A 1 125 ? 5.422   0.759   -15.655 1.00 12.73 ? 136 ILE A CA    1 
ATOM   1021 C  C     . ILE A 1 125 ? 4.080   0.211   -16.134 1.00 12.52 ? 136 ILE A C     1 
ATOM   1022 O  O     . ILE A 1 125 ? 3.030   0.730   -15.765 1.00 11.83 ? 136 ILE A O     1 
ATOM   1023 C  CB    . ILE A 1 125 ? 5.569   0.482   -14.133 1.00 13.17 ? 136 ILE A CB    1 
ATOM   1024 C  CG1   . ILE A 1 125 ? 6.818   1.182   -13.585 1.00 13.70 ? 136 ILE A CG1   1 
ATOM   1025 C  CG2   . ILE A 1 125 ? 5.674   -1.014  -13.880 1.00 12.87 ? 136 ILE A CG2   1 
ATOM   1026 C  CD1   . ILE A 1 125 ? 6.518   2.409   -12.748 1.00 13.62 ? 136 ILE A CD1   1 
ATOM   1027 N  N     . THR A 1 126 ? 4.104   -0.825  -16.967 1.00 12.44 ? 137 THR A N     1 
ATOM   1028 C  CA    . THR A 1 126 ? 2.853   -1.392  -17.454 1.00 12.27 ? 137 THR A CA    1 
ATOM   1029 C  C     . THR A 1 126 ? 2.200   -2.204  -16.347 1.00 12.71 ? 137 THR A C     1 
ATOM   1030 O  O     . THR A 1 126 ? 2.870   -2.662  -15.411 1.00 10.70 ? 137 THR A O     1 
ATOM   1031 C  CB    . THR A 1 126 ? 3.060   -2.327  -18.661 1.00 13.15 ? 137 THR A CB    1 
ATOM   1032 O  OG1   . THR A 1 126 ? 3.843   -3.456  -18.256 1.00 13.32 ? 137 THR A OG1   1 
ATOM   1033 C  CG2   . THR A 1 126 ? 3.755   -1.592  -19.799 1.00 13.74 ? 137 THR A CG2   1 
ATOM   1034 N  N     . ILE A 1 127 ? 0.888   -2.380  -16.441 1.00 12.67 ? 138 ILE A N     1 
ATOM   1035 C  CA    . ILE A 1 127 ? 0.199   -3.156  -15.428 1.00 13.18 ? 138 ILE A CA    1 
ATOM   1036 C  C     . ILE A 1 127 ? 0.717   -4.592  -15.490 1.00 13.36 ? 138 ILE A C     1 
ATOM   1037 O  O     . ILE A 1 127 ? 0.833   -5.259  -14.464 1.00 13.11 ? 138 ILE A O     1 
ATOM   1038 C  CB    . ILE A 1 127 ? -1.331  -3.126  -15.632 1.00 13.51 ? 138 ILE A CB    1 
ATOM   1039 C  CG1   . ILE A 1 127 ? -2.022  -3.799  -14.441 1.00 13.93 ? 138 ILE A CG1   1 
ATOM   1040 C  CG2   . ILE A 1 127 ? -1.700  -3.810  -16.939 1.00 14.48 ? 138 ILE A CG2   1 
ATOM   1041 C  CD1   . ILE A 1 127 ? -3.536  -3.697  -14.470 1.00 14.51 ? 138 ILE A CD1   1 
ATOM   1042 N  N     . GLU A 1 128 ? 1.056   -5.056  -16.692 1.00 13.60 ? 139 GLU A N     1 
ATOM   1043 C  CA    . GLU A 1 128 ? 1.566   -6.415  -16.852 1.00 14.19 ? 139 GLU A CA    1 
ATOM   1044 C  C     . GLU A 1 128 ? 2.912   -6.616  -16.153 1.00 13.73 ? 139 GLU A C     1 
ATOM   1045 O  O     . GLU A 1 128 ? 3.173   -7.683  -15.595 1.00 13.15 ? 139 GLU A O     1 
ATOM   1046 C  CB    . GLU A 1 128 ? 1.697   -6.778  -18.335 1.00 14.88 ? 139 GLU A CB    1 
ATOM   1047 C  CG    . GLU A 1 128 ? 0.369   -7.046  -19.031 1.00 15.53 ? 139 GLU A CG    1 
ATOM   1048 C  CD    . GLU A 1 128 ? -0.331  -5.786  -19.497 0.50 15.71 ? 139 GLU A CD    1 
ATOM   1049 O  OE1   . GLU A 1 128 ? -1.508  -5.884  -19.908 0.50 15.80 ? 139 GLU A OE1   1 
ATOM   1050 O  OE2   . GLU A 1 128 ? 0.294   -4.703  -19.466 1.00 16.23 ? 139 GLU A OE2   1 
ATOM   1051 N  N     . GLU A 1 129 ? 3.767   -5.597  -16.178 1.00 13.77 ? 140 GLU A N     1 
ATOM   1052 C  CA    . GLU A 1 129 ? 5.066   -5.701  -15.522 1.00 14.36 ? 140 GLU A CA    1 
ATOM   1053 C  C     . GLU A 1 129 ? 4.867   -5.800  -14.013 1.00 13.56 ? 140 GLU A C     1 
ATOM   1054 O  O     . GLU A 1 129 ? 5.570   -6.543  -13.334 1.00 13.16 ? 140 GLU A O     1 
ATOM   1055 C  CB    . GLU A 1 129 ? 5.944   -4.493  -15.867 1.00 15.39 ? 140 GLU A CB    1 
ATOM   1056 C  CG    . GLU A 1 129 ? 6.351   -4.450  -17.328 1.00 18.66 ? 140 GLU A CG    1 
ATOM   1057 C  CD    . GLU A 1 129 ? 7.062   -3.156  -17.709 1.00 20.28 ? 140 GLU A CD    1 
ATOM   1058 O  OE1   . GLU A 1 129 ? 6.577   -2.061  -17.345 1.00 20.25 ? 140 GLU A OE1   1 
ATOM   1059 O  OE2   . GLU A 1 129 ? 8.107   -3.226  -18.389 0.50 21.03 ? 140 GLU A OE2   1 
ATOM   1060 N  N     . GLY A 1 130 ? 3.892   -5.059  -13.492 1.00 13.67 ? 141 GLY A N     1 
ATOM   1061 C  CA    . GLY A 1 130 ? 3.619   -5.113  -12.064 1.00 13.30 ? 141 GLY A CA    1 
ATOM   1062 C  C     . GLY A 1 130 ? 3.030   -6.461  -11.687 1.00 13.36 ? 141 GLY A C     1 
ATOM   1063 O  O     . GLY A 1 130 ? 3.414   -7.065  -10.683 1.00 13.24 ? 141 GLY A O     1 
ATOM   1064 N  N     . GLU A 1 131 ? 2.092   -6.942  -12.494 1.00 13.26 ? 142 GLU A N     1 
ATOM   1065 C  CA    . GLU A 1 131 ? 1.464   -8.231  -12.236 1.00 13.75 ? 142 GLU A CA    1 
ATOM   1066 C  C     . GLU A 1 131 ? 2.506   -9.340  -12.288 1.00 13.91 ? 142 GLU A C     1 
ATOM   1067 O  O     . GLU A 1 131 ? 2.483   -10.275 -11.480 1.00 13.48 ? 142 GLU A O     1 
ATOM   1068 C  CB    . GLU A 1 131 ? 0.373   -8.498  -13.274 1.00 14.48 ? 142 GLU A CB    1 
ATOM   1069 C  CG    . GLU A 1 131 ? -0.693  -7.425  -13.299 1.00 16.18 ? 142 GLU A CG    1 
ATOM   1070 C  CD    . GLU A 1 131 ? -1.673  -7.592  -14.438 1.00 17.00 ? 142 GLU A CD    1 
ATOM   1071 O  OE1   . GLU A 1 131 ? -1.250  -8.032  -15.527 1.00 18.68 ? 142 GLU A OE1   1 
ATOM   1072 O  OE2   . GLU A 1 131 ? -2.864  -7.264  -14.251 1.00 18.02 ? 142 GLU A OE2   1 
ATOM   1073 N  N     . GLN A 1 132 ? 3.428   -9.232  -13.236 1.00 13.66 ? 143 GLN A N     1 
ATOM   1074 C  CA    . GLN A 1 132 ? 4.466   -10.245 -13.377 1.00 14.24 ? 143 GLN A CA    1 
ATOM   1075 C  C     . GLN A 1 132 ? 5.418   -10.218 -12.183 1.00 13.50 ? 143 GLN A C     1 
ATOM   1076 O  O     . GLN A 1 132 ? 5.796   -11.269 -11.664 1.00 13.32 ? 143 GLN A O     1 
ATOM   1077 C  CB    . GLN A 1 132 ? 5.247   -10.033 -14.674 1.00 14.91 ? 143 GLN A CB    1 
ATOM   1078 C  CG    . GLN A 1 132 ? 6.095   -11.229 -15.069 1.00 17.59 ? 143 GLN A CG    1 
ATOM   1079 C  CD    . GLN A 1 132 ? 5.256   -12.429 -15.450 0.50 17.76 ? 143 GLN A CD    1 
ATOM   1080 O  OE1   . GLN A 1 132 ? 5.472   -13.537 -14.955 0.50 19.51 ? 143 GLN A OE1   1 
ATOM   1081 N  NE2   . GLN A 1 132 ? 4.294   -12.218 -16.347 0.50 18.89 ? 143 GLN A NE2   1 
ATOM   1082 N  N     . ARG A 1 133 ? 5.798   -9.023  -11.740 1.00 13.16 ? 144 ARG A N     1 
ATOM   1083 C  CA    . ARG A 1 133 ? 6.702   -8.894  -10.597 1.00 13.06 ? 144 ARG A CA    1 
ATOM   1084 C  C     . ARG A 1 133 ? 6.046   -9.486  -9.346  1.00 13.07 ? 144 ARG A C     1 
ATOM   1085 O  O     . ARG A 1 133 ? 6.696   -10.179 -8.562  1.00 12.82 ? 144 ARG A O     1 
ATOM   1086 C  CB    . ARG A 1 133 ? 7.056   -7.417  -10.362 1.00 13.25 ? 144 ARG A CB    1 
ATOM   1087 C  CG    . ARG A 1 133 ? 8.000   -7.155  -9.185  1.00 14.50 ? 144 ARG A CG    1 
ATOM   1088 C  CD    . ARG A 1 133 ? 9.367   -7.806  -9.384  1.00 14.88 ? 144 ARG A CD    1 
ATOM   1089 N  NE    . ARG A 1 133 ? 10.108  -7.269  -10.526 1.00 15.56 ? 144 ARG A NE    1 
ATOM   1090 C  CZ    . ARG A 1 133 ? 10.745  -6.101  -10.537 1.00 15.60 ? 144 ARG A CZ    1 
ATOM   1091 N  NH1   . ARG A 1 133 ? 10.746  -5.327  -9.462  1.00 16.55 ? 144 ARG A NH1   1 
ATOM   1092 N  NH2   . ARG A 1 133 ? 11.391  -5.705  -11.628 1.00 16.85 ? 144 ARG A NH2   1 
ATOM   1093 N  N     . ALA A 1 134 ? 4.752   -9.221  -9.169  1.00 12.64 ? 145 ALA A N     1 
ATOM   1094 C  CA    . ALA A 1 134 ? 4.025   -9.735  -8.011  1.00 12.56 ? 145 ALA A CA    1 
ATOM   1095 C  C     . ALA A 1 134 ? 3.988   -11.259 -8.028  1.00 13.50 ? 145 ALA A C     1 
ATOM   1096 O  O     . ALA A 1 134 ? 4.146   -11.910 -6.991  1.00 13.04 ? 145 ALA A O     1 
ATOM   1097 C  CB    . ALA A 1 134 ? 2.608   -9.180  -7.993  1.00 11.92 ? 145 ALA A CB    1 
ATOM   1098 N  N     . LYS A 1 135 ? 3.767   -11.827 -9.208  1.00 14.16 ? 146 LYS A N     1 
ATOM   1099 C  CA    . LYS A 1 135 ? 3.722   -13.278 -9.344  1.00 15.81 ? 146 LYS A CA    1 
ATOM   1100 C  C     . LYS A 1 135 ? 5.084   -13.890 -9.039  1.00 16.17 ? 146 LYS A C     1 
ATOM   1101 O  O     . LYS A 1 135 ? 5.182   -14.867 -8.297  1.00 16.16 ? 146 LYS A O     1 
ATOM   1102 C  CB    . LYS A 1 135 ? 3.305   -13.675 -10.761 1.00 17.24 ? 146 LYS A CB    1 
ATOM   1103 C  CG    . LYS A 1 135 ? 3.253   -15.188 -10.959 1.00 19.07 ? 146 LYS A CG    1 
ATOM   1104 C  CD    . LYS A 1 135 ? 3.090   -15.593 -12.415 1.00 20.70 ? 146 LYS A CD    1 
ATOM   1105 C  CE    . LYS A 1 135 ? 1.783   -15.113 -12.999 0.50 21.49 ? 146 LYS A CE    1 
ATOM   1106 N  NZ    . LYS A 1 135 ? 1.284   -16.090 -14.013 0.50 22.04 ? 146 LYS A NZ    1 
ATOM   1107 N  N     . GLU A 1 136 ? 6.134   -13.314 -9.619  1.00 16.39 ? 147 GLU A N     1 
ATOM   1108 C  CA    . GLU A 1 136 ? 7.492   -13.812 -9.411  1.00 17.07 ? 147 GLU A CA    1 
ATOM   1109 C  C     . GLU A 1 136 ? 7.895   -13.758 -7.942  1.00 16.25 ? 147 GLU A C     1 
ATOM   1110 O  O     . GLU A 1 136 ? 8.629   -14.621 -7.465  1.00 16.28 ? 147 GLU A O     1 
ATOM   1111 C  CB    . GLU A 1 136 ? 8.487   -13.001 -10.244 1.00 18.10 ? 147 GLU A CB    1 
ATOM   1112 C  CG    . GLU A 1 136 ? 8.178   -13.005 -11.723 1.00 20.96 ? 147 GLU A CG    1 
ATOM   1113 C  CD    . GLU A 1 136 ? 9.011   -12.018 -12.503 1.00 22.06 ? 147 GLU A CD    1 
ATOM   1114 O  OE1   . GLU A 1 136 ? 9.245   -10.904 -11.992 1.00 23.79 ? 147 GLU A OE1   1 
ATOM   1115 O  OE2   . GLU A 1 136 ? 9.415   -12.349 -13.637 1.00 24.71 ? 147 GLU A OE2   1 
ATOM   1116 N  N     . LEU A 1 137 ? 7.414   -12.745 -7.227  1.00 15.11 ? 148 LEU A N     1 
ATOM   1117 C  CA    . LEU A 1 137 ? 7.734   -12.598 -5.813  1.00 14.51 ? 148 LEU A CA    1 
ATOM   1118 C  C     . LEU A 1 137 ? 6.661   -13.157 -4.879  1.00 14.38 ? 148 LEU A C     1 
ATOM   1119 O  O     . LEU A 1 137 ? 6.736   -12.984 -3.660  1.00 14.58 ? 148 LEU A O     1 
ATOM   1120 C  CB    . LEU A 1 137 ? 8.001   -11.127 -5.479  1.00 14.02 ? 148 LEU A CB    1 
ATOM   1121 C  CG    . LEU A 1 137 ? 9.312   -10.543 -6.015  1.00 13.11 ? 148 LEU A CG    1 
ATOM   1122 C  CD1   . LEU A 1 137 ? 9.447   -9.097  -5.567  1.00 12.34 ? 148 LEU A CD1   1 
ATOM   1123 C  CD2   . LEU A 1 137 ? 10.493  -11.366 -5.502  1.00 13.39 ? 148 LEU A CD2   1 
ATOM   1124 N  N     . SER A 1 138 ? 5.670   -13.829 -5.453  1.00 14.22 ? 149 SER A N     1 
ATOM   1125 C  CA    . SER A 1 138 ? 4.589   -14.432 -4.680  1.00 13.72 ? 149 SER A CA    1 
ATOM   1126 C  C     . SER A 1 138 ? 3.848   -13.490 -3.732  1.00 13.14 ? 149 SER A C     1 
ATOM   1127 O  O     . SER A 1 138 ? 3.639   -13.805 -2.559  1.00 12.19 ? 149 SER A O     1 
ATOM   1128 C  CB    . SER A 1 138 ? 5.116   -15.635 -3.895  1.00 14.77 ? 149 SER A CB    1 
ATOM   1129 O  OG    . SER A 1 138 ? 5.578   -16.642 -4.779  1.00 16.39 ? 149 SER A OG    1 
ATOM   1130 N  N     . VAL A 1 139 ? 3.453   -12.327 -4.241  1.00 12.49 ? 150 VAL A N     1 
ATOM   1131 C  CA    . VAL A 1 139 ? 2.698   -11.373 -3.444  1.00 11.29 ? 150 VAL A CA    1 
ATOM   1132 C  C     . VAL A 1 139 ? 1.459   -11.010 -4.251  1.00 11.27 ? 150 VAL A C     1 
ATOM   1133 O  O     . VAL A 1 139 ? 1.372   -11.333 -5.437  1.00 11.21 ? 150 VAL A O     1 
ATOM   1134 C  CB    . VAL A 1 139 ? 3.512   -10.094 -3.143  1.00 11.40 ? 150 VAL A CB    1 
ATOM   1135 C  CG1   . VAL A 1 139 ? 4.779   -10.455 -2.382  1.00 11.40 ? 150 VAL A CG1   1 
ATOM   1136 C  CG2   . VAL A 1 139 ? 3.856   -9.365  -4.436  1.00 10.87 ? 150 VAL A CG2   1 
ATOM   1137 N  N     . MET A 1 140 ? 0.498   -10.355 -3.610  1.00 11.14 ? 151 MET A N     1 
ATOM   1138 C  CA    . MET A 1 140 ? -0.725  -9.960  -4.299  1.00 11.15 ? 151 MET A CA    1 
ATOM   1139 C  C     . MET A 1 140 ? -0.439  -8.692  -5.099  1.00 10.56 ? 151 MET A C     1 
ATOM   1140 O  O     . MET A 1 140 ? 0.553   -8.008  -4.845  1.00 9.79  ? 151 MET A O     1 
ATOM   1141 C  CB    . MET A 1 140 ? -1.839  -9.701  -3.285  1.00 12.65 ? 151 MET A CB    1 
ATOM   1142 C  CG    . MET A 1 140 ? -2.091  -10.865 -2.333  1.00 15.17 ? 151 MET A CG    1 
ATOM   1143 S  SD    . MET A 1 140 ? -3.415  -10.499 -1.152  1.00 18.05 ? 151 MET A SD    1 
ATOM   1144 C  CE    . MET A 1 140 ? -4.827  -10.874 -2.168  1.00 16.37 ? 151 MET A CE    1 
ATOM   1145 N  N     . PHE A 1 141 ? -1.297  -8.383  -6.066  1.00 9.87  ? 152 PHE A N     1 
ATOM   1146 C  CA    . PHE A 1 141 ? -1.106  -7.190  -6.888  1.00 10.54 ? 152 PHE A CA    1 
ATOM   1147 C  C     . PHE A 1 141 ? -2.414  -6.510  -7.259  1.00 10.55 ? 152 PHE A C     1 
ATOM   1148 O  O     . PHE A 1 141 ? -3.439  -7.166  -7.434  1.00 9.77  ? 152 PHE A O     1 
ATOM   1149 C  CB    . PHE A 1 141 ? -0.381  -7.529  -8.194  1.00 11.98 ? 152 PHE A CB    1 
ATOM   1150 C  CG    . PHE A 1 141 ? -0.159  -6.332  -9.085  1.00 12.00 ? 152 PHE A CG    1 
ATOM   1151 C  CD1   . PHE A 1 141 ? 0.871   -5.440  -8.822  1.00 12.31 ? 152 PHE A CD1   1 
ATOM   1152 C  CD2   . PHE A 1 141 ? -1.008  -6.074  -10.158 1.00 12.91 ? 152 PHE A CD2   1 
ATOM   1153 C  CE1   . PHE A 1 141 ? 1.057   -4.304  -9.609  1.00 13.11 ? 152 PHE A CE1   1 
ATOM   1154 C  CE2   . PHE A 1 141 ? -0.831  -4.934  -10.954 1.00 13.48 ? 152 PHE A CE2   1 
ATOM   1155 C  CZ    . PHE A 1 141 ? 0.204   -4.050  -10.674 1.00 12.66 ? 152 PHE A CZ    1 
ATOM   1156 N  N     . ILE A 1 142 ? -2.357  -5.188  -7.384  1.00 9.97  ? 153 ILE A N     1 
ATOM   1157 C  CA    . ILE A 1 142 ? -3.514  -4.397  -7.790  1.00 10.22 ? 153 ILE A CA    1 
ATOM   1158 C  C     . ILE A 1 142 ? -3.051  -2.998  -8.177  1.00 10.46 ? 153 ILE A C     1 
ATOM   1159 O  O     . ILE A 1 142 ? -2.025  -2.518  -7.685  1.00 10.63 ? 153 ILE A O     1 
ATOM   1160 C  CB    . ILE A 1 142 ? -4.561  -4.272  -6.652  1.00 9.78  ? 153 ILE A CB    1 
ATOM   1161 C  CG1   . ILE A 1 142 ? -5.879  -3.733  -7.218  1.00 9.38  ? 153 ILE A CG1   1 
ATOM   1162 C  CG2   . ILE A 1 142 ? -4.050  -3.333  -5.557  1.00 9.59  ? 153 ILE A CG2   1 
ATOM   1163 C  CD1   . ILE A 1 142 ? -6.987  -3.588  -6.180  1.00 10.65 ? 153 ILE A CD1   1 
ATOM   1164 N  N     . GLU A 1 143 ? -3.785  -2.362  -9.087  1.00 9.92  ? 154 GLU A N     1 
ATOM   1165 C  CA    . GLU A 1 143 ? -3.473  -0.989  -9.483  1.00 9.90  ? 154 GLU A CA    1 
ATOM   1166 C  C     . GLU A 1 143 ? -4.609  -0.135  -8.956  1.00 9.63  ? 154 GLU A C     1 
ATOM   1167 O  O     . GLU A 1 143 ? -5.758  -0.574  -8.925  1.00 9.09  ? 154 GLU A O     1 
ATOM   1168 C  CB    . GLU A 1 143 ? -3.370  -0.838  -11.003 1.00 9.93  ? 154 GLU A CB    1 
ATOM   1169 C  CG    . GLU A 1 143 ? -2.080  -1.393  -11.585 1.00 11.27 ? 154 GLU A CG    1 
ATOM   1170 C  CD    . GLU A 1 143 ? -1.689  -0.711  -12.880 1.00 10.96 ? 154 GLU A CD    1 
ATOM   1171 O  OE1   . GLU A 1 143 ? -2.596  -0.243  -13.600 1.00 10.59 ? 154 GLU A OE1   1 
ATOM   1172 O  OE2   . GLU A 1 143 ? -0.476  -0.652  -13.183 1.00 11.11 ? 154 GLU A OE2   1 
ATOM   1173 N  N     . THR A 1 144 ? -4.288  1.087   -8.547  1.00 8.90  ? 155 THR A N     1 
ATOM   1174 C  CA    . THR A 1 144 ? -5.285  1.978   -7.968  1.00 8.44  ? 155 THR A CA    1 
ATOM   1175 C  C     . THR A 1 144 ? -5.077  3.430   -8.358  1.00 8.75  ? 155 THR A C     1 
ATOM   1176 O  O     . THR A 1 144 ? -4.084  3.788   -8.980  1.00 8.14  ? 155 THR A O     1 
ATOM   1177 C  CB    . THR A 1 144 ? -5.190  1.961   -6.431  1.00 8.82  ? 155 THR A CB    1 
ATOM   1178 O  OG1   . THR A 1 144 ? -3.871  2.389   -6.048  1.00 8.09  ? 155 THR A OG1   1 
ATOM   1179 C  CG2   . THR A 1 144 ? -5.442  0.565   -5.876  1.00 8.67  ? 155 THR A CG2   1 
ATOM   1180 N  N     . SER A 1 145 ? -6.043  4.255   -7.965  1.00 9.61  ? 156 SER A N     1 
ATOM   1181 C  CA    . SER A 1 145 ? -5.982  5.698   -8.137  1.00 9.81  ? 156 SER A CA    1 
ATOM   1182 C  C     . SER A 1 145 ? -6.697  6.292   -6.928  1.00 9.94  ? 156 SER A C     1 
ATOM   1183 O  O     . SER A 1 145 ? -7.923  6.221   -6.823  1.00 9.68  ? 156 SER A O     1 
ATOM   1184 C  CB    . SER A 1 145 ? -6.686  6.180   -9.403  1.00 10.73 ? 156 SER A CB    1 
ATOM   1185 O  OG    . SER A 1 145 ? -6.704  7.608   -9.410  1.00 11.37 ? 156 SER A OG    1 
ATOM   1186 N  N     . ALA A 1 146 ? -5.935  6.851   -5.997  1.00 10.02 ? 157 ALA A N     1 
ATOM   1187 C  CA    . ALA A 1 146 ? -6.548  7.460   -4.827  1.00 10.61 ? 157 ALA A CA    1 
ATOM   1188 C  C     . ALA A 1 146 ? -7.328  8.687   -5.284  1.00 10.98 ? 157 ALA A C     1 
ATOM   1189 O  O     . ALA A 1 146 ? -8.313  9.084   -4.656  1.00 11.11 ? 157 ALA A O     1 
ATOM   1190 C  CB    . ALA A 1 146 ? -5.478  7.869   -3.819  1.00 10.93 ? 157 ALA A CB    1 
ATOM   1191 N  N     . LYS A 1 147 ? -6.884  9.279   -6.388  1.00 11.21 ? 158 LYS A N     1 
ATOM   1192 C  CA    . LYS A 1 147 ? -7.523  10.476  -6.923  1.00 11.20 ? 158 LYS A CA    1 
ATOM   1193 C  C     . LYS A 1 147 ? -8.923  10.224  -7.467  1.00 11.41 ? 158 LYS A C     1 
ATOM   1194 O  O     . LYS A 1 147 ? -9.853  10.963  -7.152  1.00 11.84 ? 158 LYS A O     1 
ATOM   1195 C  CB    . LYS A 1 147 ? -6.652  11.103  -8.012  1.00 12.40 ? 158 LYS A CB    1 
ATOM   1196 C  CG    . LYS A 1 147 ? -7.251  12.370  -8.600  1.00 12.69 ? 158 LYS A CG    1 
ATOM   1197 C  CD    . LYS A 1 147 ? -6.263  13.079  -9.500  1.00 13.75 ? 158 LYS A CD    1 
ATOM   1198 C  CE    . LYS A 1 147 ? -6.848  14.379  -10.011 1.00 15.41 ? 158 LYS A CE    1 
ATOM   1199 N  NZ    . LYS A 1 147 ? -5.849  15.134  -10.826 1.00 16.48 ? 158 LYS A NZ    1 
ATOM   1200 N  N     . THR A 1 148 ? -9.085  9.194   -8.290  1.00 10.80 ? 159 THR A N     1 
ATOM   1201 C  CA    . THR A 1 148 ? -10.408 8.900   -8.827  1.00 10.86 ? 159 THR A CA    1 
ATOM   1202 C  C     . THR A 1 148 ? -11.148 7.945   -7.896  1.00 11.08 ? 159 THR A C     1 
ATOM   1203 O  O     . THR A 1 148 ? -12.377 7.895   -7.899  1.00 11.11 ? 159 THR A O     1 
ATOM   1204 C  CB    . THR A 1 148 ? -10.332 8.241   -10.211 1.00 11.04 ? 159 THR A CB    1 
ATOM   1205 O  OG1   . THR A 1 148 ? -9.682  6.972   -10.095 1.00 10.83 ? 159 THR A OG1   1 
ATOM   1206 C  CG2   . THR A 1 148 ? -9.563  9.126   -11.182 1.00 10.90 ? 159 THR A CG2   1 
ATOM   1207 N  N     . GLY A 1 149 ? -10.385 7.197   -7.102  1.00 10.07 ? 160 GLY A N     1 
ATOM   1208 C  CA    . GLY A 1 149 ? -10.965 6.234   -6.176  1.00 10.00 ? 160 GLY A CA    1 
ATOM   1209 C  C     . GLY A 1 149 ? -10.961 4.834   -6.765  1.00 9.86  ? 160 GLY A C     1 
ATOM   1210 O  O     . GLY A 1 149 ? -11.371 3.864   -6.121  1.00 9.15  ? 160 GLY A O     1 
ATOM   1211 N  N     . TYR A 1 150 ? -10.484 4.732   -8.003  1.00 9.94  ? 161 TYR A N     1 
ATOM   1212 C  CA    . TYR A 1 150 ? -10.418 3.465   -8.722  1.00 10.53 ? 161 TYR A CA    1 
ATOM   1213 C  C     . TYR A 1 150 ? -9.727  2.339   -7.947  1.00 10.35 ? 161 TYR A C     1 
ATOM   1214 O  O     . TYR A 1 150 ? -8.567  2.469   -7.553  1.00 10.10 ? 161 TYR A O     1 
ATOM   1215 C  CB    . TYR A 1 150 ? -9.687  3.668   -10.053 1.00 11.47 ? 161 TYR A CB    1 
ATOM   1216 C  CG    . TYR A 1 150 ? -9.476  2.392   -10.833 1.00 13.00 ? 161 TYR A CG    1 
ATOM   1217 C  CD1   . TYR A 1 150 ? -10.534 1.779   -11.503 1.00 14.23 ? 161 TYR A CD1   1 
ATOM   1218 C  CD2   . TYR A 1 150 ? -8.226  1.774   -10.869 1.00 13.19 ? 161 TYR A CD2   1 
ATOM   1219 C  CE1   . TYR A 1 150 ? -10.354 0.578   -12.190 1.00 15.27 ? 161 TYR A CE1   1 
ATOM   1220 C  CE2   . TYR A 1 150 ? -8.034  0.574   -11.552 1.00 14.40 ? 161 TYR A CE2   1 
ATOM   1221 C  CZ    . TYR A 1 150 ? -9.104  -0.018  -12.207 1.00 15.60 ? 161 TYR A CZ    1 
ATOM   1222 O  OH    . TYR A 1 150 ? -8.932  -1.215  -12.867 1.00 16.47 ? 161 TYR A OH    1 
ATOM   1223 N  N     . ASN A 1 151 ? -10.451 1.238   -7.745  1.00 9.80  ? 162 ASN A N     1 
ATOM   1224 C  CA    . ASN A 1 151 ? -9.933  0.053   -7.052  1.00 10.40 ? 162 ASN A CA    1 
ATOM   1225 C  C     . ASN A 1 151 ? -9.503  0.221   -5.598  1.00 10.33 ? 162 ASN A C     1 
ATOM   1226 O  O     . ASN A 1 151 ? -8.905  -0.692  -5.026  1.00 9.88  ? 162 ASN A O     1 
ATOM   1227 C  CB    . ASN A 1 151 ? -8.751  -0.540  -7.828  1.00 10.68 ? 162 ASN A CB    1 
ATOM   1228 C  CG    . ASN A 1 151 ? -9.173  -1.590  -8.843  1.00 13.12 ? 162 ASN A CG    1 
ATOM   1229 O  OD1   . ASN A 1 151 ? -10.330 -2.000  -8.888  1.00 13.21 ? 162 ASN A OD1   1 
ATOM   1230 N  ND2   . ASN A 1 151 ? -8.221  -2.041  -9.654  1.00 13.03 ? 162 ASN A ND2   1 
ATOM   1231 N  N     . VAL A 1 152 ? -9.797  1.362   -4.986  1.00 10.24 ? 163 VAL A N     1 
ATOM   1232 C  CA    . VAL A 1 152 ? -9.387  1.559   -3.598  1.00 10.71 ? 163 VAL A CA    1 
ATOM   1233 C  C     . VAL A 1 152 ? -10.127 0.608   -2.655  1.00 10.96 ? 163 VAL A C     1 
ATOM   1234 O  O     . VAL A 1 152 ? -9.510  -0.041  -1.806  1.00 10.86 ? 163 VAL A O     1 
ATOM   1235 C  CB    . VAL A 1 152 ? -9.595  3.025   -3.162  1.00 10.54 ? 163 VAL A CB    1 
ATOM   1236 C  CG1   . VAL A 1 152 ? -9.275  3.191   -1.673  1.00 11.45 ? 163 VAL A CG1   1 
ATOM   1237 C  CG2   . VAL A 1 152 ? -8.677  3.930   -3.990  1.00 10.79 ? 163 VAL A CG2   1 
ATOM   1238 N  N     . LYS A 1 153 ? -11.442 0.511   -2.806  1.00 11.43 ? 164 LYS A N     1 
ATOM   1239 C  CA    . LYS A 1 153 ? -12.213 -0.388  -1.955  1.00 12.51 ? 164 LYS A CA    1 
ATOM   1240 C  C     . LYS A 1 153 ? -11.822 -1.839  -2.243  1.00 12.19 ? 164 LYS A C     1 
ATOM   1241 O  O     . LYS A 1 153 ? -11.771 -2.670  -1.335  1.00 12.31 ? 164 LYS A O     1 
ATOM   1242 C  CB    . LYS A 1 153 ? -13.710 -0.175  -2.189  1.00 13.66 ? 164 LYS A CB    1 
ATOM   1243 C  CG    . LYS A 1 153 ? -14.231 1.120   -1.583  1.00 15.92 ? 164 LYS A CG    1 
ATOM   1244 C  CD    . LYS A 1 153 ? -15.672 1.400   -1.987  1.00 17.73 ? 164 LYS A CD    1 
ATOM   1245 C  CE    . LYS A 1 153 ? -15.729 2.391   -3.136  0.50 18.37 ? 164 LYS A CE    1 
ATOM   1246 N  NZ    . LYS A 1 153 ? -15.030 3.661   -2.784  0.50 19.52 ? 164 LYS A NZ    1 
ATOM   1247 N  N     . GLN A 1 154 ? -11.534 -2.129  -3.509  1.00 11.41 ? 165 GLN A N     1 
ATOM   1248 C  CA    . GLN A 1 154 ? -11.133 -3.471  -3.929  1.00 11.43 ? 165 GLN A CA    1 
ATOM   1249 C  C     . GLN A 1 154 ? -9.818  -3.874  -3.256  1.00 11.54 ? 165 GLN A C     1 
ATOM   1250 O  O     . GLN A 1 154 ? -9.629  -5.034  -2.886  1.00 10.61 ? 165 GLN A O     1 
ATOM   1251 C  CB    . GLN A 1 154 ? -10.972 -3.514  -5.452  1.00 12.75 ? 165 GLN A CB    1 
ATOM   1252 C  CG    . GLN A 1 154 ? -10.467 -4.846  -5.989  1.00 13.02 ? 165 GLN A CG    1 
ATOM   1253 C  CD    . GLN A 1 154 ? -11.570 -5.876  -6.168  1.00 14.23 ? 165 GLN A CD    1 
ATOM   1254 O  OE1   . GLN A 1 154 ? -12.619 -5.803  -5.530  1.00 14.96 ? 165 GLN A OE1   1 
ATOM   1255 N  NE2   . GLN A 1 154 ? -11.326 -6.856  -7.035  1.00 14.57 ? 165 GLN A NE2   1 
ATOM   1256 N  N     . LEU A 1 155 ? -8.909  -2.913  -3.112  1.00 11.00 ? 166 LEU A N     1 
ATOM   1257 C  CA    . LEU A 1 155 ? -7.620  -3.164  -2.467  1.00 11.26 ? 166 LEU A CA    1 
ATOM   1258 C  C     . LEU A 1 155 ? -7.821  -3.700  -1.048  1.00 11.50 ? 166 LEU A C     1 
ATOM   1259 O  O     . LEU A 1 155 ? -7.282  -4.745  -0.683  1.00 12.40 ? 166 LEU A O     1 
ATOM   1260 C  CB    . LEU A 1 155 ? -6.800  -1.867  -2.420  1.00 10.87 ? 166 LEU A CB    1 
ATOM   1261 C  CG    . LEU A 1 155 ? -5.631  -1.746  -1.434  1.00 11.29 ? 166 LEU A CG    1 
ATOM   1262 C  CD1   . LEU A 1 155 ? -4.624  -2.852  -1.675  1.00 10.79 ? 166 LEU A CD1   1 
ATOM   1263 C  CD2   . LEU A 1 155 ? -4.975  -0.375  -1.595  1.00 11.03 ? 166 LEU A CD2   1 
ATOM   1264 N  N     . PHE A 1 156 ? -8.613  -2.986  -0.260  1.00 11.96 ? 167 PHE A N     1 
ATOM   1265 C  CA    . PHE A 1 156 ? -8.868  -3.385  1.119   1.00 12.58 ? 167 PHE A CA    1 
ATOM   1266 C  C     . PHE A 1 156 ? -9.720  -4.646  1.218   1.00 13.09 ? 167 PHE A C     1 
ATOM   1267 O  O     . PHE A 1 156 ? -9.537  -5.454  2.127   1.00 13.08 ? 167 PHE A O     1 
ATOM   1268 C  CB    . PHE A 1 156 ? -9.506  -2.220  1.874   1.00 13.26 ? 167 PHE A CB    1 
ATOM   1269 C  CG    . PHE A 1 156 ? -8.562  -1.074  2.101   1.00 14.44 ? 167 PHE A CG    1 
ATOM   1270 C  CD1   . PHE A 1 156 ? -7.735  -1.048  3.220   1.00 14.73 ? 167 PHE A CD1   1 
ATOM   1271 C  CD2   . PHE A 1 156 ? -8.452  -0.053  1.164   1.00 14.47 ? 167 PHE A CD2   1 
ATOM   1272 C  CE1   . PHE A 1 156 ? -6.810  -0.022  3.401   1.00 15.15 ? 167 PHE A CE1   1 
ATOM   1273 C  CE2   . PHE A 1 156 ? -7.527  0.980   1.335   1.00 14.43 ? 167 PHE A CE2   1 
ATOM   1274 C  CZ    . PHE A 1 156 ? -6.705  0.994   2.456   1.00 14.47 ? 167 PHE A CZ    1 
ATOM   1275 N  N     . ARG A 1 157 ? -10.638 -4.820  0.273   1.00 13.41 ? 168 ARG A N     1 
ATOM   1276 C  CA    . ARG A 1 157 ? -11.490 -6.005  0.257   1.00 13.28 ? 168 ARG A CA    1 
ATOM   1277 C  C     . ARG A 1 157 ? -10.644 -7.252  -0.001  1.00 13.03 ? 168 ARG A C     1 
ATOM   1278 O  O     . ARG A 1 157 ? -10.819 -8.285  0.644   1.00 12.19 ? 168 ARG A O     1 
ATOM   1279 C  CB    . ARG A 1 157 ? -12.543 -5.870  -0.839  1.00 14.55 ? 168 ARG A CB    1 
ATOM   1280 C  CG    . ARG A 1 157 ? -13.449 -7.073  -0.998  0.50 15.11 ? 168 ARG A CG    1 
ATOM   1281 C  CD    . ARG A 1 157 ? -14.381 -6.861  -2.179  0.50 16.02 ? 168 ARG A CD    1 
ATOM   1282 N  NE    . ARG A 1 157 ? -15.168 -5.640  -2.028  0.50 16.06 ? 168 ARG A NE    1 
ATOM   1283 C  CZ    . ARG A 1 157 ? -15.262 -4.693  -2.956  0.50 16.36 ? 168 ARG A CZ    1 
ATOM   1284 N  NH1   . ARG A 1 157 ? -16.003 -3.614  -2.738  0.50 16.58 ? 168 ARG A NH1   1 
ATOM   1285 N  NH2   . ARG A 1 157 ? -14.613 -4.821  -4.101  1.00 17.94 ? 168 ARG A NH2   1 
ATOM   1286 N  N     . ARG A 1 158 ? -9.718  -7.158  -0.949  1.00 12.75 ? 169 ARG A N     1 
ATOM   1287 C  CA    . ARG A 1 158 ? -8.879  -8.307  -1.261  1.00 13.24 ? 169 ARG A CA    1 
ATOM   1288 C  C     . ARG A 1 158 ? -7.907  -8.644  -0.139  1.00 13.41 ? 169 ARG A C     1 
ATOM   1289 O  O     . ARG A 1 158 ? -7.649  -9.815  0.130   1.00 12.49 ? 169 ARG A O     1 
ATOM   1290 C  CB    . ARG A 1 158 ? -8.131  -8.077  -2.572  1.00 14.17 ? 169 ARG A CB    1 
ATOM   1291 C  CG    . ARG A 1 158 ? -9.032  -8.234  -3.789  1.00 14.84 ? 169 ARG A CG    1 
ATOM   1292 C  CD    . ARG A 1 158 ? -8.252  -8.081  -5.075  1.00 15.31 ? 169 ARG A CD    1 
ATOM   1293 N  NE    . ARG A 1 158 ? -7.141  -9.020  -5.149  1.00 15.74 ? 169 ARG A NE    1 
ATOM   1294 C  CZ    . ARG A 1 158 ? -6.052  -8.814  -5.879  1.00 15.72 ? 169 ARG A CZ    1 
ATOM   1295 N  NH1   . ARG A 1 158 ? -5.939  -7.704  -6.593  1.00 15.17 ? 169 ARG A NH1   1 
ATOM   1296 N  NH2   . ARG A 1 158 ? -5.076  -9.708  -5.886  1.00 16.51 ? 169 ARG A NH2   1 
ATOM   1297 N  N     . VAL A 1 159 ? -7.377  -7.623  0.522   1.00 13.31 ? 170 VAL A N     1 
ATOM   1298 C  CA    . VAL A 1 159 ? -6.448  -7.855  1.622   1.00 14.07 ? 170 VAL A CA    1 
ATOM   1299 C  C     . VAL A 1 159 ? -7.194  -8.467  2.803   1.00 14.30 ? 170 VAL A C     1 
ATOM   1300 O  O     . VAL A 1 159 ? -6.703  -9.397  3.439   1.00 14.08 ? 170 VAL A O     1 
ATOM   1301 C  CB    . VAL A 1 159 ? -5.766  -6.543  2.061   1.00 14.61 ? 170 VAL A CB    1 
ATOM   1302 C  CG1   . VAL A 1 159 ? -5.125  -6.712  3.424   1.00 16.08 ? 170 VAL A CG1   1 
ATOM   1303 C  CG2   . VAL A 1 159 ? -4.709  -6.156  1.037   1.00 15.58 ? 170 VAL A CG2   1 
ATOM   1304 N  N     . ALA A 1 160 ? -8.385  -7.946  3.082   1.00 13.84 ? 171 ALA A N     1 
ATOM   1305 C  CA    . ALA A 1 160 ? -9.195  -8.454  4.185   1.00 14.31 ? 171 ALA A CA    1 
ATOM   1306 C  C     . ALA A 1 160 ? -9.631  -9.887  3.885   1.00 13.91 ? 171 ALA A C     1 
ATOM   1307 O  O     . ALA A 1 160 ? -9.629  -10.741 4.772   1.00 14.84 ? 171 ALA A O     1 
ATOM   1308 C  CB    . ALA A 1 160 ? -10.415 -7.560  4.394   1.00 14.05 ? 171 ALA A CB    1 
ATOM   1309 N  N     . SER A 1 161 ? -10.007 -10.148 2.637   1.00 14.10 ? 172 SER A N     1 
ATOM   1310 C  CA    . SER A 1 161 ? -10.426 -11.488 2.244   1.00 14.24 ? 172 SER A CA    1 
ATOM   1311 C  C     . SER A 1 161 ? -9.272  -12.464 2.466   1.00 14.10 ? 172 SER A C     1 
ATOM   1312 O  O     . SER A 1 161 ? -9.464  -13.564 2.983   1.00 13.30 ? 172 SER A O     1 
ATOM   1313 C  CB    . SER A 1 161 ? -10.848 -11.509 0.775   1.00 14.40 ? 172 SER A CB    1 
ATOM   1314 O  OG    . SER A 1 161 ? -11.249 -12.812 0.391   1.00 14.74 ? 172 SER A OG    1 
ATOM   1315 N  N     . ALA A 1 162 ? -8.068  -12.048 2.080   1.00 14.64 ? 173 ALA A N     1 
ATOM   1316 C  CA    . ALA A 1 162 ? -6.882  -12.884 2.246   1.00 15.78 ? 173 ALA A CA    1 
ATOM   1317 C  C     . ALA A 1 162 ? -6.659  -13.217 3.720   1.00 16.73 ? 173 ALA A C     1 
ATOM   1318 O  O     . ALA A 1 162 ? -6.299  -14.343 4.064   1.00 16.76 ? 173 ALA A O     1 
ATOM   1319 C  CB    . ALA A 1 162 ? -5.657  -12.177 1.676   1.00 15.23 ? 173 ALA A CB    1 
ATOM   1320 N  N     . LEU A 1 163 ? -6.870  -12.235 4.589   1.00 17.93 ? 174 LEU A N     1 
ATOM   1321 C  CA    . LEU A 1 163 ? -6.700  -12.449 6.024   1.00 19.26 ? 174 LEU A CA    1 
ATOM   1322 C  C     . LEU A 1 163 ? -7.703  -13.474 6.542   1.00 19.90 ? 174 LEU A C     1 
ATOM   1323 O  O     . LEU A 1 163 ? -7.347  -14.356 7.327   1.00 20.49 ? 174 LEU A O     1 
ATOM   1324 C  CB    . LEU A 1 163 ? -6.864  -11.130 6.785   1.00 19.62 ? 174 LEU A CB    1 
ATOM   1325 C  CG    . LEU A 1 163 ? -5.662  -10.180 6.784   1.00 20.61 ? 174 LEU A CG    1 
ATOM   1326 C  CD1   . LEU A 1 163 ? -6.079  -8.806  7.282   1.00 20.71 ? 174 LEU A CD1   1 
ATOM   1327 C  CD2   . LEU A 1 163 ? -4.559  -10.756 7.661   1.00 20.86 ? 174 LEU A CD2   1 
ATOM   1328 N  N     . LEU A 1 164 ? -8.955  -13.359 6.104   1.00 20.11 ? 175 LEU A N     1 
ATOM   1329 C  CA    . LEU A 1 164 ? -9.994  -14.291 6.532   1.00 21.19 ? 175 LEU A CA    1 
ATOM   1330 C  C     . LEU A 1 164 ? -9.699  -15.711 6.068   1.00 22.62 ? 175 LEU A C     1 
ATOM   1331 O  O     . LEU A 1 164 ? -10.130 -16.675 6.702   1.00 22.64 ? 175 LEU A O     1 
ATOM   1332 C  CB    . LEU A 1 164 ? -11.365 -13.851 6.014   1.00 20.50 ? 175 LEU A CB    1 
ATOM   1333 C  CG    . LEU A 1 164 ? -11.956 -12.591 6.654   1.00 20.82 ? 175 LEU A CG    1 
ATOM   1334 C  CD1   . LEU A 1 164 ? -13.281 -12.264 5.989   1.00 20.22 ? 175 LEU A CD1   1 
ATOM   1335 C  CD2   . LEU A 1 164 ? -12.143 -12.804 8.155   1.00 20.88 ? 175 LEU A CD2   1 
ATOM   1336 N  N     . GLU A 1 165 ? -8.974  -15.839 4.958   1.00 24.03 ? 176 GLU A N     1 
ATOM   1337 C  CA    . GLU A 1 165 ? -8.598  -17.152 4.434   1.00 26.44 ? 176 GLU A CA    1 
ATOM   1338 C  C     . GLU A 1 165 ? -7.166  -17.427 4.890   1.00 27.53 ? 176 GLU A C     1 
ATOM   1339 O  O     . GLU A 1 165 ? -6.860  -17.156 6.068   1.00 28.59 ? 176 GLU A O     1 
ATOM   1340 C  CB    . GLU A 1 165 ? -8.644  -17.182 2.901   1.00 26.48 ? 176 GLU A CB    1 
ATOM   1341 C  CG    . GLU A 1 165 ? -9.972  -16.802 2.255   1.00 27.48 ? 176 GLU A CG    1 
ATOM   1342 C  CD    . GLU A 1 165 ? -11.081 -17.819 2.478   1.00 27.52 ? 176 GLU A CD    1 
ATOM   1343 O  OE1   . GLU A 1 165 ? -10.832 -19.029 2.303   1.00 28.07 ? 176 GLU A OE1   1 
ATOM   1344 O  OE2   . GLU A 1 165 ? -12.211 -17.404 2.812   1.00 27.53 ? 176 GLU A OE2   1 
HETATM 1345 MG MG    . MG  B 2 .   ? 2.013   10.396  3.478   1.00 17.98 ? 356 MG  A MG    1 
HETATM 1346 P  PG    . GSP C 3 .   ? 4.994   10.439  2.027   1.00 14.43 ? 355 GSP A PG    1 
HETATM 1347 O  O3B   . GSP C 3 .   ? 4.166   10.343  0.610   1.00 11.07 ? 355 GSP A O3B   1 
HETATM 1348 S  S1G   . GSP C 3 .   ? 6.432   11.518  1.512   1.00 16.37 ? 355 GSP A S1G   1 
HETATM 1349 O  O2G   . GSP C 3 .   ? 3.989   10.978  2.929   1.00 12.91 ? 355 GSP A O2G   1 
HETATM 1350 O  O3G   . GSP C 3 .   ? 5.663   9.148   2.343   1.00 15.21 ? 355 GSP A O3G   1 
HETATM 1351 P  PB    . GSP C 3 .   ? 2.737   9.498   0.351   1.00 10.62 ? 355 GSP A PB    1 
HETATM 1352 O  O1B   . GSP C 3 .   ? 3.229   8.181   -0.064  1.00 9.75  ? 355 GSP A O1B   1 
HETATM 1353 O  O2B   . GSP C 3 .   ? 1.713   9.428   1.422   1.00 9.04  ? 355 GSP A O2B   1 
HETATM 1354 P  PA    . GSP C 3 .   ? 0.760   11.188  -0.804  1.00 10.20 ? 355 GSP A PA    1 
HETATM 1355 O  O1A   . GSP C 3 .   ? -0.460  10.389  -0.477  1.00 10.27 ? 355 GSP A O1A   1 
HETATM 1356 O  O2A   . GSP C 3 .   ? 1.153   12.395  -0.031  1.00 10.46 ? 355 GSP A O2A   1 
HETATM 1357 O  O3A   . GSP C 3 .   ? 2.027   10.280  -0.864  1.00 9.53  ? 355 GSP A O3A   1 
HETATM 1358 O  "O5'" . GSP C 3 .   ? 0.684   11.638  -2.371  1.00 9.37  ? 355 GSP A "O5'" 1 
HETATM 1359 C  "C5'" . GSP C 3 .   ? 1.767   12.438  -2.965  1.00 10.18 ? 355 GSP A "C5'" 1 
HETATM 1360 C  "C4'" . GSP C 3 .   ? 1.159   13.342  -4.006  1.00 10.37 ? 355 GSP A "C4'" 1 
HETATM 1361 O  "O4'" . GSP C 3 .   ? 0.484   12.505  -5.011  1.00 10.92 ? 355 GSP A "O4'" 1 
HETATM 1362 C  "C3'" . GSP C 3 .   ? 0.018   14.258  -3.426  1.00 10.25 ? 355 GSP A "C3'" 1 
HETATM 1363 O  "O3'" . GSP C 3 .   ? 0.107   15.532  -4.108  1.00 10.69 ? 355 GSP A "O3'" 1 
HETATM 1364 C  "C2'" . GSP C 3 .   ? -1.312  13.508  -3.829  1.00 9.90  ? 355 GSP A "C2'" 1 
HETATM 1365 O  "O2'" . GSP C 3 .   ? -2.445  14.375  -3.973  1.00 10.87 ? 355 GSP A "O2'" 1 
HETATM 1366 C  "C1'" . GSP C 3 .   ? -0.918  12.824  -5.173  1.00 10.63 ? 355 GSP A "C1'" 1 
HETATM 1367 N  N9    . GSP C 3 .   ? -1.594  11.525  -5.396  1.00 10.39 ? 355 GSP A N9    1 
HETATM 1368 C  C8    . GSP C 3 .   ? -1.821  10.420  -4.590  1.00 11.29 ? 355 GSP A C8    1 
HETATM 1369 N  N7    . GSP C 3 .   ? -2.478  9.441   -5.143  1.00 10.55 ? 355 GSP A N7    1 
HETATM 1370 C  C5    . GSP C 3 .   ? -2.695  9.924   -6.435  1.00 10.00 ? 355 GSP A C5    1 
HETATM 1371 C  C6    . GSP C 3 .   ? -3.397  9.279   -7.519  1.00 10.44 ? 355 GSP A C6    1 
HETATM 1372 O  O6    . GSP C 3 .   ? -3.881  8.157   -7.414  1.00 10.97 ? 355 GSP A O6    1 
HETATM 1373 N  N1    . GSP C 3 .   ? -3.406  10.112  -8.655  1.00 10.61 ? 355 GSP A N1    1 
HETATM 1374 C  C2    . GSP C 3 .   ? -2.839  11.398  -8.769  1.00 10.88 ? 355 GSP A C2    1 
HETATM 1375 N  N2    . GSP C 3 .   ? -2.928  12.072  -9.906  1.00 10.71 ? 355 GSP A N2    1 
HETATM 1376 N  N3    . GSP C 3 .   ? -2.194  11.997  -7.729  1.00 10.58 ? 355 GSP A N3    1 
HETATM 1377 C  C4    . GSP C 3 .   ? -2.168  11.202  -6.592  1.00 10.46 ? 355 GSP A C4    1 
HETATM 1378 O  O     . HOH D 4 .   ? 1.111   12.402  2.694   1.00 11.56 ? 357 HOH A O     1 
HETATM 1379 O  O     . HOH D 4 .   ? 2.810   8.311   4.207   1.00 14.65 ? 358 HOH A O     1 
HETATM 1380 O  O     . HOH D 4 .   ? -7.148  10.575  -0.752  1.00 15.20 ? 359 HOH A O     1 
HETATM 1381 O  O     . HOH D 4 .   ? 2.204   -0.970  -12.861 1.00 11.43 ? 360 HOH A O     1 
HETATM 1382 O  O     . HOH D 4 .   ? 6.003   9.348   -6.869  1.00 21.91 ? 361 HOH A O     1 
HETATM 1383 O  O     . HOH D 4 .   ? -0.823  4.802   -20.281 1.00 13.27 ? 362 HOH A O     1 
HETATM 1384 O  O     . HOH D 4 .   ? 7.799   2.590   -3.602  1.00 11.35 ? 363 HOH A O     1 
HETATM 1385 O  O     . HOH D 4 .   ? -12.759 -1.526  -8.769  1.00 33.48 ? 364 HOH A O     1 
HETATM 1386 O  O     . HOH D 4 .   ? 14.784  -11.311 11.030  1.00 14.13 ? 365 HOH A O     1 
HETATM 1387 O  O     . HOH D 4 .   ? -5.546  -3.952  -10.760 1.00 11.68 ? 366 HOH A O     1 
HETATM 1388 O  O     . HOH D 4 .   ? 9.790   -5.590  -6.811  1.00 14.83 ? 367 HOH A O     1 
HETATM 1389 O  O     . HOH D 4 .   ? -7.822  -11.824 -1.513  1.00 24.32 ? 368 HOH A O     1 
HETATM 1390 O  O     . HOH D 4 .   ? 5.813   -14.297 -12.557 1.00 68.55 ? 369 HOH A O     1 
HETATM 1391 O  O     . HOH D 4 .   ? -5.362  12.863  -13.247 1.00 17.92 ? 370 HOH A O     1 
HETATM 1392 O  O     . HOH D 4 .   ? -5.151  -0.307  -14.214 1.00 13.29 ? 371 HOH A O     1 
HETATM 1393 O  O     . HOH D 4 .   ? -8.375  -6.611  -7.915  1.00 15.69 ? 372 HOH A O     1 
HETATM 1394 O  O     . HOH D 4 .   ? 8.284   8.261   -5.422  1.00 17.34 ? 373 HOH A O     1 
HETATM 1395 O  O     . HOH D 4 .   ? -0.468  14.666  0.469   1.00 14.06 ? 374 HOH A O     1 
HETATM 1396 O  O     . HOH D 4 .   ? 0.297   12.338  6.909   1.00 20.00 ? 375 HOH A O     1 
HETATM 1397 O  O     . HOH D 4 .   ? -2.875  -10.614 -7.154  1.00 12.82 ? 376 HOH A O     1 
HETATM 1398 O  O     . HOH D 4 .   ? 13.865  -10.921 2.526   1.00 15.54 ? 377 HOH A O     1 
HETATM 1399 O  O     . HOH D 4 .   ? -0.229  -0.753  -18.599 1.00 15.71 ? 378 HOH A O     1 
HETATM 1400 O  O     . HOH D 4 .   ? -8.161  6.027   -12.356 1.00 19.80 ? 379 HOH A O     1 
HETATM 1401 O  O     . HOH D 4 .   ? 2.372   13.813  9.057   1.00 37.10 ? 380 HOH A O     1 
HETATM 1402 O  O     . HOH D 4 .   ? -6.710  -2.508  -13.055 1.00 18.68 ? 381 HOH A O     1 
HETATM 1403 O  O     . HOH D 4 .   ? 9.973   -8.635  -12.996 1.00 28.53 ? 382 HOH A O     1 
HETATM 1404 O  O     . HOH D 4 .   ? -8.398  -5.018  -10.614 1.00 38.25 ? 383 HOH A O     1 
HETATM 1405 O  O     . HOH D 4 .   ? 4.040   -16.303 -0.774  1.00 50.03 ? 384 HOH A O     1 
HETATM 1406 O  O     . HOH D 4 .   ? -2.996  13.937  -0.925  1.00 23.64 ? 385 HOH A O     1 
HETATM 1407 O  O     . HOH D 4 .   ? -5.846  13.120  -0.159  1.00 25.35 ? 386 HOH A O     1 
HETATM 1408 O  O     . HOH D 4 .   ? 8.960   11.438  -15.757 1.00 60.80 ? 387 HOH A O     1 
HETATM 1409 O  O     . HOH D 4 .   ? -15.674 0.896   3.273   1.00 47.27 ? 388 HOH A O     1 
HETATM 1410 O  O     . HOH D 4 .   ? -4.863  -12.813 -5.257  1.00 30.56 ? 389 HOH A O     1 
HETATM 1411 O  O     . HOH D 4 .   ? 12.252  7.335   -11.392 1.00 21.69 ? 390 HOH A O     1 
HETATM 1412 O  O     . HOH D 4 .   ? 17.876  7.720   12.089  1.00 23.77 ? 391 HOH A O     1 
HETATM 1413 O  O     . HOH D 4 .   ? -10.467 13.659  -6.588  1.00 21.55 ? 392 HOH A O     1 
HETATM 1414 O  O     . HOH D 4 .   ? -5.751  21.643  -1.505  1.00 20.83 ? 393 HOH A O     1 
HETATM 1415 O  O     . HOH D 4 .   ? 4.242   -5.369  -20.196 1.00 33.45 ? 394 HOH A O     1 
HETATM 1416 O  O     . HOH D 4 .   ? -14.721 6.373   -3.924  1.00 22.66 ? 395 HOH A O     1 
HETATM 1417 O  O     . HOH D 4 .   ? 4.016   12.957  -6.539  1.00 13.13 ? 396 HOH A O     1 
HETATM 1418 O  O     . HOH D 4 .   ? -14.797 -6.003  -7.640  1.00 21.63 ? 397 HOH A O     1 
HETATM 1419 O  O     . HOH D 4 .   ? 7.508   3.497   3.554   1.00 12.52 ? 398 HOH A O     1 
HETATM 1420 O  O     . HOH D 4 .   ? -9.224  5.966   13.218  1.00 34.40 ? 399 HOH A O     1 
HETATM 1421 O  O     . HOH D 4 .   ? -10.179 8.285   11.689  1.00 56.00 ? 400 HOH A O     1 
HETATM 1422 O  O     . HOH D 4 .   ? -3.107  17.032  1.364   1.00 23.55 ? 401 HOH A O     1 
HETATM 1423 O  O     . HOH D 4 .   ? 10.368  7.577   -13.726 1.00 21.18 ? 402 HOH A O     1 
HETATM 1424 O  O     . HOH D 4 .   ? 0.266   -11.051 -10.399 1.00 23.74 ? 403 HOH A O     1 
HETATM 1425 O  O     . HOH D 4 .   ? -7.605  -11.684 -4.480  1.00 19.76 ? 404 HOH A O     1 
HETATM 1426 O  O     . HOH D 4 .   ? 3.120   23.012  2.301   1.00 35.72 ? 405 HOH A O     1 
HETATM 1427 O  O     . HOH D 4 .   ? 4.245   17.973  6.191   1.00 30.74 ? 406 HOH A O     1 
HETATM 1428 O  O     . HOH D 4 .   ? 4.817   18.829  2.668   1.00 27.12 ? 407 HOH A O     1 
HETATM 1429 O  O     . HOH D 4 .   ? 7.729   11.838  4.489   1.00 19.57 ? 408 HOH A O     1 
HETATM 1430 O  O     . HOH D 4 .   ? -1.881  -1.788  17.325  1.00 37.11 ? 409 HOH A O     1 
HETATM 1431 O  O     . HOH D 4 .   ? -1.397  9.901   7.622   1.00 46.18 ? 410 HOH A O     1 
HETATM 1432 O  O     . HOH D 4 .   ? 11.128  6.441   5.290   1.00 18.15 ? 411 HOH A O     1 
HETATM 1433 O  O     . HOH D 4 .   ? 14.595  12.801  3.923   1.00 24.42 ? 412 HOH A O     1 
HETATM 1434 O  O     . HOH D 4 .   ? 12.652  -1.719  15.548  1.00 35.49 ? 413 HOH A O     1 
HETATM 1435 O  O     . HOH D 4 .   ? 15.703  2.490   -8.244  1.00 35.87 ? 414 HOH A O     1 
HETATM 1436 O  O     . HOH D 4 .   ? 16.223  -4.724  1.380   1.00 22.97 ? 415 HOH A O     1 
HETATM 1437 O  O     . HOH D 4 .   ? 6.478   -14.345 2.713   1.00 30.26 ? 416 HOH A O     1 
HETATM 1438 O  O     . HOH D 4 .   ? 4.623   -14.554 13.004  1.00 34.63 ? 417 HOH A O     1 
HETATM 1439 O  O     . HOH D 4 .   ? 4.093   11.439  -9.394  1.00 21.55 ? 418 HOH A O     1 
HETATM 1440 O  O     . HOH D 4 .   ? -8.183  7.620   -15.102 1.00 28.69 ? 419 HOH A O     1 
HETATM 1441 O  O     . HOH D 4 .   ? 6.567   9.527   -15.877 1.00 25.55 ? 420 HOH A O     1 
HETATM 1442 O  O     . HOH D 4 .   ? -2.907  3.159   -19.129 1.00 34.53 ? 421 HOH A O     1 
HETATM 1443 O  O     . HOH D 4 .   ? -0.026  -12.168 -7.588  1.00 34.98 ? 422 HOH A O     1 
HETATM 1444 O  O     . HOH D 4 .   ? 8.312   -16.023 -5.169  1.00 25.41 ? 423 HOH A O     1 
HETATM 1445 O  O     . HOH D 4 .   ? 1.263   -12.286 0.095   1.00 26.19 ? 424 HOH A O     1 
HETATM 1446 O  O     . HOH D 4 .   ? -9.096  -14.301 -0.676  1.00 27.56 ? 425 HOH A O     1 
HETATM 1447 O  O     . HOH D 4 .   ? 11.528  8.050   -1.072  1.00 20.48 ? 426 HOH A O     1 
HETATM 1448 O  O     . HOH D 4 .   ? 13.471  9.985   0.222   1.00 29.82 ? 427 HOH A O     1 
HETATM 1449 O  O     . HOH D 4 .   ? 11.050  7.565   -6.036  1.00 22.29 ? 428 HOH A O     1 
HETATM 1450 O  O     . HOH D 4 .   ? 12.636  9.550   -3.937  1.00 40.06 ? 429 HOH A O     1 
HETATM 1451 O  O     . HOH D 4 .   ? 9.255   17.151  4.694   1.00 24.54 ? 430 HOH A O     1 
HETATM 1452 O  O     . HOH D 4 .   ? 13.367  14.222  1.308   1.00 31.75 ? 431 HOH A O     1 
HETATM 1453 O  O     . HOH D 4 .   ? -0.658  14.667  5.153   1.00 28.95 ? 432 HOH A O     1 
HETATM 1454 O  O     . HOH D 4 .   ? -12.520 14.459  -2.336  1.00 32.91 ? 433 HOH A O     1 
HETATM 1455 O  O     . HOH D 4 .   ? 7.156   18.750  6.229   1.00 39.86 ? 434 HOH A O     1 
HETATM 1456 O  O     . HOH D 4 .   ? -1.448  8.560   14.844  1.00 44.13 ? 435 HOH A O     1 
HETATM 1457 O  O     . HOH D 4 .   ? 19.388  6.710   9.610   1.00 31.78 ? 436 HOH A O     1 
HETATM 1458 O  O     . HOH D 4 .   ? 9.343   10.280  -12.816 1.00 38.29 ? 437 HOH A O     1 
HETATM 1459 O  O     . HOH D 4 .   ? 13.371  -4.018  -7.962  1.00 20.26 ? 438 HOH A O     1 
HETATM 1460 O  O     . HOH D 4 .   ? 14.376  3.251   2.906   1.00 37.57 ? 439 HOH A O     1 
HETATM 1461 O  O     . HOH D 4 .   ? 15.419  -0.668  3.650   1.00 34.18 ? 440 HOH A O     1 
HETATM 1462 O  O     . HOH D 4 .   ? -3.014  4.354   -16.446 1.00 28.52 ? 441 HOH A O     1 
HETATM 1463 O  O     . HOH D 4 .   ? -4.515  -8.301  -9.727  1.00 22.85 ? 442 HOH A O     1 
HETATM 1464 O  O     . HOH D 4 .   ? -11.980 -14.724 2.600   1.00 25.26 ? 443 HOH A O     1 
HETATM 1465 O  O     . HOH D 4 .   ? -11.687 -16.404 9.345   1.00 37.78 ? 444 HOH A O     1 
HETATM 1466 O  O     . HOH D 4 .   ? -7.747  -5.542  13.628  1.00 44.55 ? 445 HOH A O     1 
HETATM 1467 O  O     . HOH D 4 .   ? -12.683 4.449   -0.715  1.00 36.30 ? 446 HOH A O     1 
HETATM 1468 O  O     . HOH D 4 .   ? -8.183  11.163  12.506  1.00 62.68 ? 447 HOH A O     1 
HETATM 1469 O  O     . HOH D 4 .   ? -16.193 9.978   7.055   1.00 41.61 ? 448 HOH A O     1 
HETATM 1470 O  O     . HOH D 4 .   ? -17.650 8.439   -3.551  1.00 46.98 ? 449 HOH A O     1 
HETATM 1471 O  O     . HOH D 4 .   ? -8.532  19.551  -2.639  1.00 42.83 ? 450 HOH A O     1 
HETATM 1472 O  O     . HOH D 4 .   ? -2.315  14.337  2.729   1.00 22.24 ? 451 HOH A O     1 
HETATM 1473 O  O     . HOH D 4 .   ? -12.978 0.246   14.224  1.00 44.55 ? 452 HOH A O     1 
HETATM 1474 O  O     . HOH D 4 .   ? -15.850 2.386   10.936  1.00 25.73 ? 453 HOH A O     1 
HETATM 1475 O  O     . HOH D 4 .   ? -17.339 -1.586  3.865   1.00 29.11 ? 454 HOH A O     1 
HETATM 1476 O  O     . HOH D 4 .   ? -14.595 -15.255 9.453   1.00 30.94 ? 455 HOH A O     1 
HETATM 1477 O  O     . HOH D 4 .   ? 12.297  8.927   -8.599  1.00 42.83 ? 456 HOH A O     1 
HETATM 1478 O  O     . HOH D 4 .   ? 12.517  -12.912 0.755   1.00 20.71 ? 457 HOH A O     1 
HETATM 1479 O  O     . HOH D 4 .   ? -4.543  -6.424  -12.153 1.00 22.29 ? 458 HOH A O     1 
HETATM 1480 O  O     . HOH D 4 .   ? 7.948   -6.965  -14.428 1.00 29.15 ? 459 HOH A O     1 
HETATM 1481 O  O     . HOH D 4 .   ? 3.590   -16.865 -7.375  1.00 31.67 ? 460 HOH A O     1 
HETATM 1482 O  O     . HOH D 4 .   ? -2.658  -10.623 -10.318 1.00 30.98 ? 461 HOH A O     1 
HETATM 1483 O  O     . HOH D 4 .   ? 6.672   12.139  -7.368  1.00 33.77 ? 462 HOH A O     1 
HETATM 1484 O  O     . HOH D 4 .   ? -8.576  14.143  1.715   1.00 36.58 ? 463 HOH A O     1 
HETATM 1485 O  O     . HOH D 4 .   ? -16.369 11.132  -2.427  1.00 42.75 ? 464 HOH A O     1 
HETATM 1486 O  O     . HOH D 4 .   ? -17.056 12.088  0.701   1.00 50.54 ? 465 HOH A O     1 
HETATM 1487 O  O     . HOH D 4 .   ? -2.708  15.244  -10.165 1.00 33.24 ? 466 HOH A O     1 
HETATM 1488 O  O     . HOH D 4 .   ? -9.462  -21.287 2.830   1.00 36.64 ? 467 HOH A O     1 
HETATM 1489 O  O     . HOH D 4 .   ? -5.145  -16.635 1.723   1.00 40.40 ? 468 HOH A O     1 
HETATM 1490 O  O     . HOH D 4 .   ? 16.818  12.513  0.482   1.00 38.95 ? 469 HOH A O     1 
HETATM 1491 O  O     . HOH D 4 .   ? 0.961   -9.381  14.181  1.00 52.79 ? 470 HOH A O     1 
HETATM 1492 O  O     . HOH D 4 .   ? 6.855   10.466  -11.126 1.00 25.28 ? 471 HOH A O     1 
HETATM 1493 O  O     . HOH D 4 .   ? 10.724  10.283  -17.975 1.00 40.18 ? 472 HOH A O     1 
HETATM 1494 O  O     . HOH D 4 .   ? 14.662  -2.136  -4.192  1.00 32.31 ? 473 HOH A O     1 
HETATM 1495 O  O     . HOH D 4 .   ? 11.515  -11.578 -1.720  1.00 40.36 ? 474 HOH A O     1 
HETATM 1496 O  O     . HOH D 4 .   ? 7.229   -18.487 2.379   1.00 42.99 ? 475 HOH A O     1 
HETATM 1497 O  O     . HOH D 4 .   ? -0.789  -12.097 8.167   1.00 32.98 ? 476 HOH A O     1 
HETATM 1498 O  O     . HOH D 4 .   ? 7.124   -4.375  -20.427 1.00 55.34 ? 477 HOH A O     1 
HETATM 1499 O  O     . HOH D 4 .   ? 12.725  -3.287  -10.917 1.00 39.09 ? 478 HOH A O     1 
HETATM 1500 O  O     . HOH D 4 .   ? 0.023   -17.230 -11.624 1.00 57.85 ? 479 HOH A O     1 
HETATM 1501 O  O     . HOH D 4 .   ? -4.873  12.805  2.624   1.00 37.33 ? 480 HOH A O     1 
HETATM 1502 O  O     . HOH D 4 .   ? -10.064 16.786  1.523   1.00 43.19 ? 481 HOH A O     1 
HETATM 1503 O  O     . HOH D 4 .   ? 15.534  7.407   9.945   1.00 38.41 ? 482 HOH A O     1 
HETATM 1504 O  O     . HOH D 4 .   ? 4.131   -13.206 0.662   1.00 42.57 ? 483 HOH A O     1 
HETATM 1505 O  O     . HOH D 4 .   ? 6.668   -13.003 11.864  1.00 41.50 ? 484 HOH A O     1 
HETATM 1506 O  O     . HOH D 4 .   ? -2.975  0.305   -18.386 1.00 37.23 ? 485 HOH A O     1 
HETATM 1507 O  O     . HOH D 4 .   ? 8.106   -0.300  -18.745 1.00 39.23 ? 486 HOH A O     1 
HETATM 1508 O  O     . HOH D 4 .   ? -1.064  7.556   -23.883 1.00 36.72 ? 487 HOH A O     1 
HETATM 1509 O  O     . HOH D 4 .   ? -6.047  9.472   -19.654 1.00 39.68 ? 488 HOH A O     1 
# 
